data_4NYR
# 
_entry.id   4NYR 
# 
_audit_conform.dict_name       mmcif_pdbx.dic 
_audit_conform.dict_version    5.398 
_audit_conform.dict_location   http://mmcif.pdb.org/dictionaries/ascii/mmcif_pdbx.dic 
# 
loop_
_database_2.database_id 
_database_2.database_code 
_database_2.pdbx_database_accession 
_database_2.pdbx_DOI 
PDB   4NYR         pdb_00004nyr 10.2210/pdb4nyr/pdb 
RCSB  RCSB083824   ?            ?                   
WWPDB D_1000083824 ?            ?                   
# 
loop_
_pdbx_audit_revision_history.ordinal 
_pdbx_audit_revision_history.data_content_type 
_pdbx_audit_revision_history.major_revision 
_pdbx_audit_revision_history.minor_revision 
_pdbx_audit_revision_history.revision_date 
1 'Structure model' 1 0 2014-01-01 
2 'Structure model' 1 1 2016-07-20 
3 'Structure model' 1 2 2017-11-22 
4 'Structure model' 1 3 2020-01-01 
5 'Structure model' 2 0 2020-07-29 
6 'Structure model' 2 1 2024-10-30 
# 
loop_
_pdbx_audit_revision_details.ordinal 
_pdbx_audit_revision_details.revision_ordinal 
_pdbx_audit_revision_details.data_content_type 
_pdbx_audit_revision_details.provider 
_pdbx_audit_revision_details.type 
_pdbx_audit_revision_details.description 
_pdbx_audit_revision_details.details 
1 1 'Structure model' repository 'Initial release' ?                          ? 
2 5 'Structure model' repository Remediation       'Carbohydrate remediation' ? 
# 
loop_
_pdbx_audit_revision_group.ordinal 
_pdbx_audit_revision_group.revision_ordinal 
_pdbx_audit_revision_group.data_content_type 
_pdbx_audit_revision_group.group 
1  2 'Structure model' 'Database references'    
2  3 'Structure model' 'Refinement description' 
3  4 'Structure model' 'Database references'    
4  4 'Structure model' 'Derived calculations'   
5  5 'Structure model' 'Atomic model'           
6  5 'Structure model' 'Data collection'        
7  5 'Structure model' 'Derived calculations'   
8  5 'Structure model' 'Structure summary'      
9  6 'Structure model' 'Data collection'        
10 6 'Structure model' 'Database references'    
11 6 'Structure model' 'Structure summary'      
# 
loop_
_pdbx_audit_revision_category.ordinal 
_pdbx_audit_revision_category.revision_ordinal 
_pdbx_audit_revision_category.data_content_type 
_pdbx_audit_revision_category.category 
1  3 'Structure model' software                      
2  4 'Structure model' citation                      
3  4 'Structure model' citation_author               
4  4 'Structure model' struct_conn                   
5  5 'Structure model' atom_site                     
6  5 'Structure model' chem_comp                     
7  5 'Structure model' entity                        
8  5 'Structure model' pdbx_branch_scheme            
9  5 'Structure model' pdbx_chem_comp_identifier     
10 5 'Structure model' pdbx_entity_branch            
11 5 'Structure model' pdbx_entity_branch_descriptor 
12 5 'Structure model' pdbx_entity_branch_link       
13 5 'Structure model' pdbx_entity_branch_list       
14 5 'Structure model' pdbx_entity_nonpoly           
15 5 'Structure model' pdbx_nonpoly_scheme           
16 5 'Structure model' pdbx_struct_assembly_gen      
17 5 'Structure model' struct_asym                   
18 5 'Structure model' struct_conn                   
19 5 'Structure model' struct_site                   
20 5 'Structure model' struct_site_gen               
21 6 'Structure model' chem_comp                     
22 6 'Structure model' chem_comp_atom                
23 6 'Structure model' chem_comp_bond                
24 6 'Structure model' database_2                    
25 6 'Structure model' pdbx_entry_details            
26 6 'Structure model' pdbx_modification_feature     
# 
loop_
_pdbx_audit_revision_item.ordinal 
_pdbx_audit_revision_item.revision_ordinal 
_pdbx_audit_revision_item.data_content_type 
_pdbx_audit_revision_item.item 
1  4 'Structure model' '_citation.journal_abbrev'               
2  4 'Structure model' '_citation.pdbx_database_id_PubMed'      
3  4 'Structure model' '_citation.title'                        
4  4 'Structure model' '_citation_author.name'                  
5  4 'Structure model' '_struct_conn.pdbx_leaving_atom_flag'    
6  5 'Structure model' '_atom_site.auth_asym_id'                
7  5 'Structure model' '_atom_site.auth_seq_id'                 
8  5 'Structure model' '_atom_site.label_asym_id'               
9  5 'Structure model' '_atom_site.label_entity_id'             
10 5 'Structure model' '_chem_comp.name'                        
11 5 'Structure model' '_chem_comp.type'                        
12 5 'Structure model' '_pdbx_entity_nonpoly.entity_id'         
13 5 'Structure model' '_pdbx_entity_nonpoly.name'              
14 5 'Structure model' '_pdbx_struct_assembly_gen.asym_id_list' 
15 5 'Structure model' '_struct_conn.pdbx_dist_value'           
16 5 'Structure model' '_struct_conn.pdbx_leaving_atom_flag'    
17 5 'Structure model' '_struct_conn.pdbx_role'                 
18 5 'Structure model' '_struct_conn.ptnr1_auth_asym_id'        
19 5 'Structure model' '_struct_conn.ptnr1_auth_comp_id'        
20 5 'Structure model' '_struct_conn.ptnr1_auth_seq_id'         
21 5 'Structure model' '_struct_conn.ptnr1_label_asym_id'       
22 5 'Structure model' '_struct_conn.ptnr1_label_atom_id'       
23 5 'Structure model' '_struct_conn.ptnr1_label_comp_id'       
24 5 'Structure model' '_struct_conn.ptnr1_label_seq_id'        
25 5 'Structure model' '_struct_conn.ptnr2_auth_asym_id'        
26 5 'Structure model' '_struct_conn.ptnr2_auth_seq_id'         
27 5 'Structure model' '_struct_conn.ptnr2_label_asym_id'       
28 6 'Structure model' '_chem_comp.pdbx_synonyms'               
29 6 'Structure model' '_database_2.pdbx_DOI'                   
30 6 'Structure model' '_database_2.pdbx_database_accession'    
# 
_pdbx_database_status.status_code                     REL 
_pdbx_database_status.entry_id                        4NYR 
_pdbx_database_status.recvd_initial_deposition_date   2013-12-11 
_pdbx_database_status.deposit_site                    RCSB 
_pdbx_database_status.process_site                    PDBJ 
_pdbx_database_status.methods_development_category    ? 
_pdbx_database_status.status_code_sf                  REL 
_pdbx_database_status.status_code_mr                  ? 
_pdbx_database_status.SG_entry                        ? 
_pdbx_database_status.status_code_cs                  ? 
_pdbx_database_status.pdb_format_compatible           Y 
_pdbx_database_status.status_code_nmr_data            ? 
# 
loop_
_pdbx_database_related.db_name 
_pdbx_database_related.db_id 
_pdbx_database_related.details 
_pdbx_database_related.content_type 
PDB 4NYQ . unspecified 
PDB 4NYS . unspecified 
# 
loop_
_audit_author.name 
_audit_author.pdbx_ordinal 
'Coussens, N.P.' 1 
'Gallat, F.-X.'  2 
'Ramaswamy, S.'  3 
'Yagi, K.'       4 
'Tobe, S.S.'     5 
'Stay, B.'       6 
'Chavas, L.M.G.' 7 
# 
_citation.id                        primary 
_citation.title                     
;Structure of a heterogeneous, glycosylated, lipid-bound, in vivo-grown protein crystal at atomic resolution from the viviparous cockroach Diploptera punctata.
;
_citation.journal_abbrev            Iucrj 
_citation.journal_volume            3 
_citation.page_first                282 
_citation.page_last                 293 
_citation.year                      2016 
_citation.journal_id_ASTM           ? 
_citation.country                   UK 
_citation.journal_id_ISSN           2052-2525 
_citation.journal_id_CSD            ? 
_citation.book_publisher            ? 
_citation.pdbx_database_id_PubMed   27437115 
_citation.pdbx_database_id_DOI      10.1107/S2052252516008903 
# 
loop_
_citation_author.citation_id 
_citation_author.name 
_citation_author.ordinal 
_citation_author.identifier_ORCID 
primary 'Banerjee, S.'        1  ? 
primary 'Coussens, N.P.'      2  ? 
primary 'Gallat, F.X.'        3  ? 
primary 'Sathyanarayanan, N.' 4  ? 
primary 'Srikanth, J.'        5  ? 
primary 'Yagi, K.J.'          6  ? 
primary 'Gray, J.S.'          7  ? 
primary 'Tobe, S.S.'          8  ? 
primary 'Stay, B.'            9  ? 
primary 'Chavas, L.M.'        10 ? 
primary 'Ramaswamy, S.'       11 ? 
# 
loop_
_entity.id 
_entity.type 
_entity.src_method 
_entity.pdbx_description 
_entity.formula_weight 
_entity.pdbx_number_of_molecules 
_entity.pdbx_ec 
_entity.pdbx_mutation 
_entity.pdbx_fragment 
_entity.details 
1 polymer     nat 'Milk protein'                                                                            18749.201 1  ? ? ? ? 
2 branched    man '2-acetamido-2-deoxy-beta-D-glucopyranose-(1-4)-2-acetamido-2-deoxy-beta-D-glucopyranose' 424.401   2  ? ? ? ? 
3 non-polymer man 2-acetamido-2-deoxy-beta-D-glucopyranose                                                  221.208   1  ? ? ? ? 
4 non-polymer syn GLYCEROL                                                                                  92.094    1  ? ? ? ? 
5 water       nat water                                                                                     18.015    88 ? ? ? ? 
# 
_entity_name_com.entity_id   1 
_entity_name_com.name        Lili-Mip 
# 
_entity_poly.entity_id                      1 
_entity_poly.type                           'polypeptide(L)' 
_entity_poly.nstd_linkage                   no 
_entity_poly.nstd_monomer                   no 
_entity_poly.pdbx_seq_one_letter_code       
;IAAILVANAKEPCPPENLQLTPRALVGKWYLRTTSPDIFKQVSNITEFYSAHGNDYYGTVTDYSPEYGLEAHRVNLTVSG
RTLKFYMNDTHEYDSKYEILAVDKDYFIFYGHPPAAPSGLALIHYRQSCPKEDVIKRVKKALKNVCLDYKYFGNDTSVPC
HYVE
;
_entity_poly.pdbx_seq_one_letter_code_can   
;IAAILVANAKEPCPPENLQLTPRALVGKWYLRTTSPDIFKQVSNITEFYSAHGNDYYGTVTDYSPEYGLEAHRVNLTVSG
RTLKFYMNDTHEYDSKYEILAVDKDYFIFYGHPPAAPSGLALIHYRQSCPKEDVIKRVKKALKNVCLDYKYFGNDTSVPC
HYVE
;
_entity_poly.pdbx_strand_id                 A 
_entity_poly.pdbx_target_identifier         ? 
# 
loop_
_pdbx_entity_nonpoly.entity_id 
_pdbx_entity_nonpoly.name 
_pdbx_entity_nonpoly.comp_id 
3 2-acetamido-2-deoxy-beta-D-glucopyranose NAG 
4 GLYCEROL                                 GOL 
5 water                                    HOH 
# 
loop_
_entity_poly_seq.entity_id 
_entity_poly_seq.num 
_entity_poly_seq.mon_id 
_entity_poly_seq.hetero 
1 1   ILE n 
1 2   ALA n 
1 3   ALA n 
1 4   ILE n 
1 5   LEU n 
1 6   VAL n 
1 7   ALA n 
1 8   ASN n 
1 9   ALA n 
1 10  LYS n 
1 11  GLU n 
1 12  PRO n 
1 13  CYS n 
1 14  PRO n 
1 15  PRO n 
1 16  GLU n 
1 17  ASN n 
1 18  LEU n 
1 19  GLN n 
1 20  LEU n 
1 21  THR n 
1 22  PRO n 
1 23  ARG n 
1 24  ALA n 
1 25  LEU n 
1 26  VAL n 
1 27  GLY n 
1 28  LYS n 
1 29  TRP n 
1 30  TYR n 
1 31  LEU n 
1 32  ARG n 
1 33  THR n 
1 34  THR n 
1 35  SER n 
1 36  PRO n 
1 37  ASP n 
1 38  ILE n 
1 39  PHE n 
1 40  LYS n 
1 41  GLN n 
1 42  VAL n 
1 43  SER n 
1 44  ASN n 
1 45  ILE n 
1 46  THR n 
1 47  GLU n 
1 48  PHE n 
1 49  TYR n 
1 50  SER n 
1 51  ALA n 
1 52  HIS n 
1 53  GLY n 
1 54  ASN n 
1 55  ASP n 
1 56  TYR n 
1 57  TYR n 
1 58  GLY n 
1 59  THR n 
1 60  VAL n 
1 61  THR n 
1 62  ASP n 
1 63  TYR n 
1 64  SER n 
1 65  PRO n 
1 66  GLU n 
1 67  TYR n 
1 68  GLY n 
1 69  LEU n 
1 70  GLU n 
1 71  ALA n 
1 72  HIS n 
1 73  ARG n 
1 74  VAL n 
1 75  ASN n 
1 76  LEU n 
1 77  THR n 
1 78  VAL n 
1 79  SER n 
1 80  GLY n 
1 81  ARG n 
1 82  THR n 
1 83  LEU n 
1 84  LYS n 
1 85  PHE n 
1 86  TYR n 
1 87  MET n 
1 88  ASN n 
1 89  ASP n 
1 90  THR n 
1 91  HIS n 
1 92  GLU n 
1 93  TYR n 
1 94  ASP n 
1 95  SER n 
1 96  LYS n 
1 97  TYR n 
1 98  GLU n 
1 99  ILE n 
1 100 LEU n 
1 101 ALA n 
1 102 VAL n 
1 103 ASP n 
1 104 LYS n 
1 105 ASP n 
1 106 TYR n 
1 107 PHE n 
1 108 ILE n 
1 109 PHE n 
1 110 TYR n 
1 111 GLY n 
1 112 HIS n 
1 113 PRO n 
1 114 PRO n 
1 115 ALA n 
1 116 ALA n 
1 117 PRO n 
1 118 SER n 
1 119 GLY n 
1 120 LEU n 
1 121 ALA n 
1 122 LEU n 
1 123 ILE n 
1 124 HIS n 
1 125 TYR n 
1 126 ARG n 
1 127 GLN n 
1 128 SER n 
1 129 CYS n 
1 130 PRO n 
1 131 LYS n 
1 132 GLU n 
1 133 ASP n 
1 134 VAL n 
1 135 ILE n 
1 136 LYS n 
1 137 ARG n 
1 138 VAL n 
1 139 LYS n 
1 140 LYS n 
1 141 ALA n 
1 142 LEU n 
1 143 LYS n 
1 144 ASN n 
1 145 VAL n 
1 146 CYS n 
1 147 LEU n 
1 148 ASP n 
1 149 TYR n 
1 150 LYS n 
1 151 TYR n 
1 152 PHE n 
1 153 GLY n 
1 154 ASN n 
1 155 ASP n 
1 156 THR n 
1 157 SER n 
1 158 VAL n 
1 159 PRO n 
1 160 CYS n 
1 161 HIS n 
1 162 TYR n 
1 163 VAL n 
1 164 GLU n 
# 
_entity_src_nat.entity_id                  1 
_entity_src_nat.pdbx_src_id                1 
_entity_src_nat.pdbx_alt_source_flag       sample 
_entity_src_nat.pdbx_beg_seq_num           ? 
_entity_src_nat.pdbx_end_seq_num           ? 
_entity_src_nat.common_name                'Pacific beetle cockroach' 
_entity_src_nat.pdbx_organism_scientific   'Diploptera punctata' 
_entity_src_nat.pdbx_ncbi_taxonomy_id      6984 
_entity_src_nat.genus                      ? 
_entity_src_nat.species                    ? 
_entity_src_nat.strain                     ? 
_entity_src_nat.tissue                     ? 
_entity_src_nat.tissue_fraction            ? 
_entity_src_nat.pdbx_secretion             ? 
_entity_src_nat.pdbx_fragment              ? 
_entity_src_nat.pdbx_variant               ? 
_entity_src_nat.pdbx_cell_line             ? 
_entity_src_nat.pdbx_atcc                  ? 
_entity_src_nat.pdbx_cellular_location     ? 
_entity_src_nat.pdbx_organ                 ? 
_entity_src_nat.pdbx_organelle             ? 
_entity_src_nat.pdbx_cell                  ? 
_entity_src_nat.pdbx_plasmid_name          ? 
_entity_src_nat.pdbx_plasmid_details       ? 
_entity_src_nat.details                    ? 
# 
_pdbx_entity_branch.entity_id   2 
_pdbx_entity_branch.type        oligosaccharide 
# 
loop_
_pdbx_entity_branch_descriptor.ordinal 
_pdbx_entity_branch_descriptor.entity_id 
_pdbx_entity_branch_descriptor.descriptor 
_pdbx_entity_branch_descriptor.type 
_pdbx_entity_branch_descriptor.program 
_pdbx_entity_branch_descriptor.program_version 
1 2 DGlcpNAcb1-4DGlcpNAcb1-                               'Glycam Condensed Sequence' GMML       1.0   
2 2 'WURCS=2.0/1,2,1/[a2122h-1b_1-5_2*NCC/3=O]/1-1/a4-b1' WURCS                       PDB2Glycan 1.1.0 
3 2 '[]{[(4+1)][b-D-GlcpNAc]{[(4+1)][b-D-GlcpNAc]{}}}'    LINUCS                      PDB-CARE   ?     
# 
_pdbx_entity_branch_link.link_id                    1 
_pdbx_entity_branch_link.entity_id                  2 
_pdbx_entity_branch_link.entity_branch_list_num_1   2 
_pdbx_entity_branch_link.comp_id_1                  NAG 
_pdbx_entity_branch_link.atom_id_1                  C1 
_pdbx_entity_branch_link.leaving_atom_id_1          O1 
_pdbx_entity_branch_link.entity_branch_list_num_2   1 
_pdbx_entity_branch_link.comp_id_2                  NAG 
_pdbx_entity_branch_link.atom_id_2                  O4 
_pdbx_entity_branch_link.leaving_atom_id_2          HO4 
_pdbx_entity_branch_link.value_order                sing 
_pdbx_entity_branch_link.details                    ? 
# 
loop_
_chem_comp.id 
_chem_comp.type 
_chem_comp.mon_nstd_flag 
_chem_comp.name 
_chem_comp.pdbx_synonyms 
_chem_comp.formula 
_chem_comp.formula_weight 
ALA 'L-peptide linking'          y ALANINE                                  ? 'C3 H7 N O2'     89.093  
ARG 'L-peptide linking'          y ARGININE                                 ? 'C6 H15 N4 O2 1' 175.209 
ASN 'L-peptide linking'          y ASPARAGINE                               ? 'C4 H8 N2 O3'    132.118 
ASP 'L-peptide linking'          y 'ASPARTIC ACID'                          ? 'C4 H7 N O4'     133.103 
CYS 'L-peptide linking'          y CYSTEINE                                 ? 'C3 H7 N O2 S'   121.158 
GLN 'L-peptide linking'          y GLUTAMINE                                ? 'C5 H10 N2 O3'   146.144 
GLU 'L-peptide linking'          y 'GLUTAMIC ACID'                          ? 'C5 H9 N O4'     147.129 
GLY 'peptide linking'            y GLYCINE                                  ? 'C2 H5 N O2'     75.067  
GOL non-polymer                  . GLYCEROL                                 'GLYCERIN; PROPANE-1,2,3-TRIOL' 'C3 H8 O3'       
92.094  
HIS 'L-peptide linking'          y HISTIDINE                                ? 'C6 H10 N3 O2 1' 156.162 
HOH non-polymer                  . WATER                                    ? 'H2 O'           18.015  
ILE 'L-peptide linking'          y ISOLEUCINE                               ? 'C6 H13 N O2'    131.173 
LEU 'L-peptide linking'          y LEUCINE                                  ? 'C6 H13 N O2'    131.173 
LYS 'L-peptide linking'          y LYSINE                                   ? 'C6 H15 N2 O2 1' 147.195 
MET 'L-peptide linking'          y METHIONINE                               ? 'C5 H11 N O2 S'  149.211 
NAG 'D-saccharide, beta linking' . 2-acetamido-2-deoxy-beta-D-glucopyranose 
;N-acetyl-beta-D-glucosamine; 2-acetamido-2-deoxy-beta-D-glucose; 2-acetamido-2-deoxy-D-glucose; 2-acetamido-2-deoxy-glucose; N-ACETYL-D-GLUCOSAMINE
;
'C8 H15 N O6'    221.208 
PHE 'L-peptide linking'          y PHENYLALANINE                            ? 'C9 H11 N O2'    165.189 
PRO 'L-peptide linking'          y PROLINE                                  ? 'C5 H9 N O2'     115.130 
SER 'L-peptide linking'          y SERINE                                   ? 'C3 H7 N O3'     105.093 
THR 'L-peptide linking'          y THREONINE                                ? 'C4 H9 N O3'     119.119 
TRP 'L-peptide linking'          y TRYPTOPHAN                               ? 'C11 H12 N2 O2'  204.225 
TYR 'L-peptide linking'          y TYROSINE                                 ? 'C9 H11 N O3'    181.189 
VAL 'L-peptide linking'          y VALINE                                   ? 'C5 H11 N O2'    117.146 
# 
loop_
_pdbx_chem_comp_identifier.comp_id 
_pdbx_chem_comp_identifier.type 
_pdbx_chem_comp_identifier.program 
_pdbx_chem_comp_identifier.program_version 
_pdbx_chem_comp_identifier.identifier 
NAG 'CONDENSED IUPAC CARBOHYDRATE SYMBOL' GMML     1.0 DGlcpNAcb                      
NAG 'COMMON NAME'                         GMML     1.0 N-acetyl-b-D-glucopyranosamine 
NAG 'IUPAC CARBOHYDRATE SYMBOL'           PDB-CARE 1.0 b-D-GlcpNAc                    
NAG 'SNFG CARBOHYDRATE SYMBOL'            GMML     1.0 GlcNAc                         
# 
loop_
_pdbx_poly_seq_scheme.asym_id 
_pdbx_poly_seq_scheme.entity_id 
_pdbx_poly_seq_scheme.seq_id 
_pdbx_poly_seq_scheme.mon_id 
_pdbx_poly_seq_scheme.ndb_seq_num 
_pdbx_poly_seq_scheme.pdb_seq_num 
_pdbx_poly_seq_scheme.auth_seq_num 
_pdbx_poly_seq_scheme.pdb_mon_id 
_pdbx_poly_seq_scheme.auth_mon_id 
_pdbx_poly_seq_scheme.pdb_strand_id 
_pdbx_poly_seq_scheme.pdb_ins_code 
_pdbx_poly_seq_scheme.hetero 
A 1 1   ILE 1   -8  ?   ?   ?   A . n 
A 1 2   ALA 2   -7  ?   ?   ?   A . n 
A 1 3   ALA 3   -6  ?   ?   ?   A . n 
A 1 4   ILE 4   -5  ?   ?   ?   A . n 
A 1 5   LEU 5   -4  ?   ?   ?   A . n 
A 1 6   VAL 6   -3  ?   ?   ?   A . n 
A 1 7   ALA 7   -2  ?   ?   ?   A . n 
A 1 8   ASN 8   -1  ?   ?   ?   A . n 
A 1 9   ALA 9   0   ?   ?   ?   A . n 
A 1 10  LYS 10  1   1   LYS LYS A . n 
A 1 11  GLU 11  2   2   GLU GLU A . n 
A 1 12  PRO 12  3   3   PRO PRO A . n 
A 1 13  CYS 13  4   4   CYS CYS A . n 
A 1 14  PRO 14  5   5   PRO PRO A . n 
A 1 15  PRO 15  6   6   PRO PRO A . n 
A 1 16  GLU 16  7   7   GLU GLU A . n 
A 1 17  ASN 17  8   8   ASN ASN A . n 
A 1 18  LEU 18  9   9   LEU LEU A . n 
A 1 19  GLN 19  10  10  GLN GLN A . n 
A 1 20  LEU 20  11  11  LEU LEU A . n 
A 1 21  THR 21  12  12  THR THR A . n 
A 1 22  PRO 22  13  13  PRO PRO A . n 
A 1 23  ARG 23  14  14  ARG ARG A . n 
A 1 24  ALA 24  15  15  ALA ALA A . n 
A 1 25  LEU 25  16  16  LEU LEU A . n 
A 1 26  VAL 26  17  17  VAL VAL A . n 
A 1 27  GLY 27  18  18  GLY GLY A . n 
A 1 28  LYS 28  19  19  LYS LYS A . n 
A 1 29  TRP 29  20  20  TRP TRP A . n 
A 1 30  TYR 30  21  21  TYR TYR A . n 
A 1 31  LEU 31  22  22  LEU LEU A . n 
A 1 32  ARG 32  23  23  ARG ARG A . n 
A 1 33  THR 33  24  24  THR THR A . n 
A 1 34  THR 34  25  25  THR THR A . n 
A 1 35  SER 35  26  26  SER SER A . n 
A 1 36  PRO 36  27  27  PRO PRO A . n 
A 1 37  ASP 37  28  28  ASP ASP A . n 
A 1 38  ILE 38  29  29  ILE ILE A . n 
A 1 39  PHE 39  30  30  PHE PHE A . n 
A 1 40  LYS 40  31  31  LYS LYS A . n 
A 1 41  GLN 41  32  32  GLN GLN A . n 
A 1 42  VAL 42  33  33  VAL VAL A . n 
A 1 43  SER 43  34  34  SER SER A . n 
A 1 44  ASN 44  35  35  ASN ASN A . n 
A 1 45  ILE 45  36  36  ILE ILE A . n 
A 1 46  THR 46  37  37  THR THR A . n 
A 1 47  GLU 47  38  38  GLU GLU A . n 
A 1 48  PHE 48  39  39  PHE PHE A . n 
A 1 49  TYR 49  40  40  TYR TYR A . n 
A 1 50  SER 50  41  41  SER SER A . n 
A 1 51  ALA 51  42  42  ALA ALA A . n 
A 1 52  HIS 52  43  43  HIS HIS A . n 
A 1 53  GLY 53  44  44  GLY GLY A . n 
A 1 54  ASN 54  45  45  ASN ASN A . n 
A 1 55  ASP 55  46  46  ASP ASP A . n 
A 1 56  TYR 56  47  47  TYR TYR A . n 
A 1 57  TYR 57  48  48  TYR TYR A . n 
A 1 58  GLY 58  49  49  GLY GLY A . n 
A 1 59  THR 59  50  50  THR THR A . n 
A 1 60  VAL 60  51  51  VAL VAL A . n 
A 1 61  THR 61  52  52  THR THR A . n 
A 1 62  ASP 62  53  53  ASP ASP A . n 
A 1 63  TYR 63  54  54  TYR TYR A . n 
A 1 64  SER 64  55  55  SER SER A . n 
A 1 65  PRO 65  56  56  PRO PRO A . n 
A 1 66  GLU 66  57  57  GLU GLU A . n 
A 1 67  TYR 67  58  58  TYR TYR A . n 
A 1 68  GLY 68  59  59  GLY GLY A . n 
A 1 69  LEU 69  60  60  LEU LEU A . n 
A 1 70  GLU 70  61  61  GLU GLU A . n 
A 1 71  ALA 71  62  62  ALA ALA A . n 
A 1 72  HIS 72  63  63  HIS HIS A . n 
A 1 73  ARG 73  64  64  ARG ARG A . n 
A 1 74  VAL 74  65  65  VAL VAL A . n 
A 1 75  ASN 75  66  66  ASN ASN A . n 
A 1 76  LEU 76  67  67  LEU LEU A . n 
A 1 77  THR 77  68  68  THR THR A . n 
A 1 78  VAL 78  69  69  VAL VAL A . n 
A 1 79  SER 79  70  70  SER SER A . n 
A 1 80  GLY 80  71  71  GLY GLY A . n 
A 1 81  ARG 81  72  72  ARG ARG A . n 
A 1 82  THR 82  73  73  THR THR A . n 
A 1 83  LEU 83  74  74  LEU LEU A . n 
A 1 84  LYS 84  75  75  LYS LYS A . n 
A 1 85  PHE 85  76  76  PHE PHE A . n 
A 1 86  TYR 86  77  77  TYR TYR A . n 
A 1 87  MET 87  78  78  MET MET A . n 
A 1 88  ASN 88  79  79  ASN ASN A . n 
A 1 89  ASP 89  80  80  ASP ASP A . n 
A 1 90  THR 90  81  81  THR THR A . n 
A 1 91  HIS 91  82  82  HIS HIS A . n 
A 1 92  GLU 92  83  83  GLU GLU A . n 
A 1 93  TYR 93  84  84  TYR TYR A . n 
A 1 94  ASP 94  85  85  ASP ASP A . n 
A 1 95  SER 95  86  86  SER SER A . n 
A 1 96  LYS 96  87  87  LYS LYS A . n 
A 1 97  TYR 97  88  88  TYR TYR A . n 
A 1 98  GLU 98  89  89  GLU GLU A . n 
A 1 99  ILE 99  90  90  ILE ILE A . n 
A 1 100 LEU 100 91  91  LEU LEU A . n 
A 1 101 ALA 101 92  92  ALA ALA A . n 
A 1 102 VAL 102 93  93  VAL VAL A . n 
A 1 103 ASP 103 94  94  ASP ASP A . n 
A 1 104 LYS 104 95  95  LYS LYS A . n 
A 1 105 ASP 105 96  96  ASP ASP A . n 
A 1 106 TYR 106 97  97  TYR TYR A . n 
A 1 107 PHE 107 98  98  PHE PHE A . n 
A 1 108 ILE 108 99  99  ILE ILE A . n 
A 1 109 PHE 109 100 100 PHE PHE A . n 
A 1 110 TYR 110 101 101 TYR TYR A . n 
A 1 111 GLY 111 102 102 GLY GLY A . n 
A 1 112 HIS 112 103 103 HIS HIS A . n 
A 1 113 PRO 113 104 104 PRO PRO A . n 
A 1 114 PRO 114 105 105 PRO PRO A . n 
A 1 115 ALA 115 106 106 ALA ALA A . n 
A 1 116 ALA 116 107 107 ALA ALA A . n 
A 1 117 PRO 117 108 108 PRO PRO A . n 
A 1 118 SER 118 109 109 SER SER A . n 
A 1 119 GLY 119 110 110 GLY GLY A . n 
A 1 120 LEU 120 111 111 LEU LEU A . n 
A 1 121 ALA 121 112 112 ALA ALA A . n 
A 1 122 LEU 122 113 113 LEU LEU A . n 
A 1 123 ILE 123 114 114 ILE ILE A . n 
A 1 124 HIS 124 115 115 HIS HIS A . n 
A 1 125 TYR 125 116 116 TYR TYR A . n 
A 1 126 ARG 126 117 117 ARG ARG A . n 
A 1 127 GLN 127 118 118 GLN GLN A . n 
A 1 128 SER 128 119 119 SER SER A . n 
A 1 129 CYS 129 120 120 CYS CYS A . n 
A 1 130 PRO 130 121 121 PRO PRO A . n 
A 1 131 LYS 131 122 122 LYS LYS A . n 
A 1 132 GLU 132 123 123 GLU GLU A . n 
A 1 133 ASP 133 124 124 ASP ASP A . n 
A 1 134 VAL 134 125 125 VAL VAL A . n 
A 1 135 ILE 135 126 126 ILE ILE A . n 
A 1 136 LYS 136 127 127 LYS LYS A . n 
A 1 137 ARG 137 128 128 ARG ARG A . n 
A 1 138 VAL 138 129 129 VAL VAL A . n 
A 1 139 LYS 139 130 130 LYS LYS A . n 
A 1 140 LYS 140 131 131 LYS LYS A . n 
A 1 141 ALA 141 132 132 ALA ALA A . n 
A 1 142 LEU 142 133 133 LEU LEU A . n 
A 1 143 LYS 143 134 134 LYS LYS A . n 
A 1 144 ASN 144 135 135 ASN ASN A . n 
A 1 145 VAL 145 136 136 VAL VAL A . n 
A 1 146 CYS 146 137 137 CYS CYS A . n 
A 1 147 LEU 147 138 138 LEU LEU A . n 
A 1 148 ASP 148 139 139 ASP ASP A . n 
A 1 149 TYR 149 140 140 TYR TYR A . n 
A 1 150 LYS 150 141 141 LYS LYS A . n 
A 1 151 TYR 151 142 142 TYR TYR A . n 
A 1 152 PHE 152 143 143 PHE PHE A . n 
A 1 153 GLY 153 144 144 GLY GLY A . n 
A 1 154 ASN 154 145 145 ASN ASN A . n 
A 1 155 ASP 155 146 146 ASP ASP A . n 
A 1 156 THR 156 147 147 THR THR A . n 
A 1 157 SER 157 148 148 SER SER A . n 
A 1 158 VAL 158 149 149 VAL VAL A . n 
A 1 159 PRO 159 150 150 PRO PRO A . n 
A 1 160 CYS 160 151 151 CYS CYS A . n 
A 1 161 HIS 161 152 152 HIS HIS A . n 
A 1 162 TYR 162 153 153 TYR TYR A . n 
A 1 163 VAL 163 154 ?   ?   ?   A . n 
A 1 164 GLU 164 155 ?   ?   ?   A . n 
# 
loop_
_pdbx_branch_scheme.asym_id 
_pdbx_branch_scheme.entity_id 
_pdbx_branch_scheme.mon_id 
_pdbx_branch_scheme.num 
_pdbx_branch_scheme.pdb_asym_id 
_pdbx_branch_scheme.pdb_mon_id 
_pdbx_branch_scheme.pdb_seq_num 
_pdbx_branch_scheme.auth_asym_id 
_pdbx_branch_scheme.auth_mon_id 
_pdbx_branch_scheme.auth_seq_num 
_pdbx_branch_scheme.hetero 
B 2 NAG 1 B NAG 1 A NAG 154 n 
B 2 NAG 2 B NAG 2 A NAG 155 n 
C 2 NAG 1 C NAG 1 A NAG 157 n 
C 2 NAG 2 C NAG 2 A NAG 158 n 
# 
loop_
_pdbx_nonpoly_scheme.asym_id 
_pdbx_nonpoly_scheme.entity_id 
_pdbx_nonpoly_scheme.mon_id 
_pdbx_nonpoly_scheme.ndb_seq_num 
_pdbx_nonpoly_scheme.pdb_seq_num 
_pdbx_nonpoly_scheme.auth_seq_num 
_pdbx_nonpoly_scheme.pdb_mon_id 
_pdbx_nonpoly_scheme.auth_mon_id 
_pdbx_nonpoly_scheme.pdb_strand_id 
_pdbx_nonpoly_scheme.pdb_ins_code 
D 3 NAG 1  205 159 NAG NAG A . 
E 4 GOL 1  206 1   GOL GOL A . 
F 5 HOH 1  301 1   HOH HOH A . 
F 5 HOH 2  302 2   HOH HOH A . 
F 5 HOH 3  303 3   HOH HOH A . 
F 5 HOH 4  304 4   HOH HOH A . 
F 5 HOH 5  305 5   HOH HOH A . 
F 5 HOH 6  306 6   HOH HOH A . 
F 5 HOH 7  307 7   HOH HOH A . 
F 5 HOH 8  308 8   HOH HOH A . 
F 5 HOH 9  309 9   HOH HOH A . 
F 5 HOH 10 310 10  HOH HOH A . 
F 5 HOH 11 311 11  HOH HOH A . 
F 5 HOH 12 312 12  HOH HOH A . 
F 5 HOH 13 313 13  HOH HOH A . 
F 5 HOH 14 314 14  HOH HOH A . 
F 5 HOH 15 315 15  HOH HOH A . 
F 5 HOH 16 316 16  HOH HOH A . 
F 5 HOH 17 317 17  HOH HOH A . 
F 5 HOH 18 318 18  HOH HOH A . 
F 5 HOH 19 319 19  HOH HOH A . 
F 5 HOH 20 320 20  HOH HOH A . 
F 5 HOH 21 321 21  HOH HOH A . 
F 5 HOH 22 322 22  HOH HOH A . 
F 5 HOH 23 323 23  HOH HOH A . 
F 5 HOH 24 324 24  HOH HOH A . 
F 5 HOH 25 325 25  HOH HOH A . 
F 5 HOH 26 326 26  HOH HOH A . 
F 5 HOH 27 327 27  HOH HOH A . 
F 5 HOH 28 328 28  HOH HOH A . 
F 5 HOH 29 329 29  HOH HOH A . 
F 5 HOH 30 330 30  HOH HOH A . 
F 5 HOH 31 331 31  HOH HOH A . 
F 5 HOH 32 332 32  HOH HOH A . 
F 5 HOH 33 333 33  HOH HOH A . 
F 5 HOH 34 334 34  HOH HOH A . 
F 5 HOH 35 335 35  HOH HOH A . 
F 5 HOH 36 336 36  HOH HOH A . 
F 5 HOH 37 337 37  HOH HOH A . 
F 5 HOH 38 338 38  HOH HOH A . 
F 5 HOH 39 339 39  HOH HOH A . 
F 5 HOH 40 340 40  HOH HOH A . 
F 5 HOH 41 341 41  HOH HOH A . 
F 5 HOH 42 342 42  HOH HOH A . 
F 5 HOH 43 343 43  HOH HOH A . 
F 5 HOH 44 344 44  HOH HOH A . 
F 5 HOH 45 345 45  HOH HOH A . 
F 5 HOH 46 346 46  HOH HOH A . 
F 5 HOH 47 347 47  HOH HOH A . 
F 5 HOH 48 348 48  HOH HOH A . 
F 5 HOH 49 349 49  HOH HOH A . 
F 5 HOH 50 350 50  HOH HOH A . 
F 5 HOH 51 351 51  HOH HOH A . 
F 5 HOH 52 352 53  HOH HOH A . 
F 5 HOH 53 353 54  HOH HOH A . 
F 5 HOH 54 354 55  HOH HOH A . 
F 5 HOH 55 355 56  HOH HOH A . 
F 5 HOH 56 356 57  HOH HOH A . 
F 5 HOH 57 357 58  HOH HOH A . 
F 5 HOH 58 358 59  HOH HOH A . 
F 5 HOH 59 359 60  HOH HOH A . 
F 5 HOH 60 360 61  HOH HOH A . 
F 5 HOH 61 361 62  HOH HOH A . 
F 5 HOH 62 362 63  HOH HOH A . 
F 5 HOH 63 363 64  HOH HOH A . 
F 5 HOH 64 364 65  HOH HOH A . 
F 5 HOH 65 365 66  HOH HOH A . 
F 5 HOH 66 366 67  HOH HOH A . 
F 5 HOH 67 367 68  HOH HOH A . 
F 5 HOH 68 368 69  HOH HOH A . 
F 5 HOH 69 369 70  HOH HOH A . 
F 5 HOH 70 370 71  HOH HOH A . 
F 5 HOH 71 371 72  HOH HOH A . 
F 5 HOH 72 372 73  HOH HOH A . 
F 5 HOH 73 373 74  HOH HOH A . 
F 5 HOH 74 374 75  HOH HOH A . 
F 5 HOH 75 375 76  HOH HOH A . 
F 5 HOH 76 376 77  HOH HOH A . 
F 5 HOH 77 377 78  HOH HOH A . 
F 5 HOH 78 378 79  HOH HOH A . 
F 5 HOH 79 379 81  HOH HOH A . 
F 5 HOH 80 380 83  HOH HOH A . 
F 5 HOH 81 381 85  HOH HOH A . 
F 5 HOH 82 382 87  HOH HOH A . 
F 5 HOH 83 383 88  HOH HOH A . 
F 5 HOH 84 384 89  HOH HOH A . 
F 5 HOH 85 385 90  HOH HOH A . 
F 5 HOH 86 386 91  HOH HOH A . 
F 5 HOH 87 387 92  HOH HOH A . 
F 5 HOH 88 388 93  HOH HOH A . 
# 
loop_
_software.name 
_software.classification 
_software.version 
_software.citation_id 
_software.pdbx_ordinal 
SOLVE  phasing          .        ? 1 
REFMAC refinement       5.7.0032 ? 2 
XDS    'data reduction' .        ? 3 
XSCALE 'data scaling'   .        ? 4 
# 
_cell.entry_id           4NYR 
_cell.length_a           32.280 
_cell.length_b           33.220 
_cell.length_c           40.180 
_cell.angle_alpha        99.50 
_cell.angle_beta         100.28 
_cell.angle_gamma        104.11 
_cell.Z_PDB              1 
_cell.pdbx_unique_axis   ? 
_cell.length_a_esd       ? 
_cell.length_b_esd       ? 
_cell.length_c_esd       ? 
_cell.angle_alpha_esd    ? 
_cell.angle_beta_esd     ? 
_cell.angle_gamma_esd    ? 
# 
_symmetry.entry_id                         4NYR 
_symmetry.space_group_name_H-M             'P 1' 
_symmetry.pdbx_full_space_group_name_H-M   ? 
_symmetry.cell_setting                     ? 
_symmetry.Int_Tables_number                1 
_symmetry.space_group_name_Hall            ? 
# 
_exptl.entry_id          4NYR 
_exptl.method            'X-RAY DIFFRACTION' 
_exptl.crystals_number   1 
# 
_exptl_crystal.id                    1 
_exptl_crystal.density_meas          ? 
_exptl_crystal.density_Matthews      2.14 
_exptl_crystal.density_percent_sol   42.52 
_exptl_crystal.description           ? 
_exptl_crystal.F_000                 ? 
_exptl_crystal.preparation           ? 
# 
_exptl_crystal_grow.crystal_id      1 
_exptl_crystal_grow.method          'In-vivo crystallization' 
_exptl_crystal_grow.temp            300 
_exptl_crystal_grow.temp_details    ? 
_exptl_crystal_grow.pH              6.0 
_exptl_crystal_grow.pdbx_details    
'Spontaneous crystallization inside the midguts of a living viviparous cockroach, pH 6.0, In-vivo crystallization, temperature 300K' 
_exptl_crystal_grow.pdbx_pH_range   . 
# 
_diffrn.id                     1 
_diffrn.ambient_temp           70 
_diffrn.ambient_temp_details   ? 
_diffrn.crystal_id             1 
# 
_diffrn_detector.diffrn_id              1 
_diffrn_detector.detector               PIXEL 
_diffrn_detector.type                   'DECTRIS PILATUS 2M-F' 
_diffrn_detector.pdbx_collection_date   2013-05-13 
_diffrn_detector.details                ? 
# 
_diffrn_radiation.diffrn_id                        1 
_diffrn_radiation.wavelength_id                    1 
_diffrn_radiation.pdbx_monochromatic_or_laue_m_l   M 
_diffrn_radiation.monochromator                    'Si(111)' 
_diffrn_radiation.pdbx_diffrn_protocol             'SINGLE WAVELENGTH' 
_diffrn_radiation.pdbx_scattering_type             x-ray 
# 
_diffrn_radiation_wavelength.id           1 
_diffrn_radiation_wavelength.wavelength   2.7 
_diffrn_radiation_wavelength.wt           1.0 
# 
_diffrn_source.diffrn_id                   1 
_diffrn_source.source                      SYNCHROTRON 
_diffrn_source.type                        'PHOTON FACTORY BEAMLINE BL-1A' 
_diffrn_source.pdbx_synchrotron_site       'Photon Factory' 
_diffrn_source.pdbx_synchrotron_beamline   BL-1A 
_diffrn_source.pdbx_wavelength             ? 
_diffrn_source.pdbx_wavelength_list        2.7 
# 
_reflns.entry_id                     4NYR 
_reflns.observed_criterion_sigma_I   0 
_reflns.observed_criterion_sigma_F   0 
_reflns.d_resolution_low             50 
_reflns.d_resolution_high            2.49 
_reflns.number_obs                   5421 
_reflns.number_all                   5421 
_reflns.percent_possible_obs         99.6 
_reflns.pdbx_Rmerge_I_obs            ? 
_reflns.pdbx_Rsym_value              ? 
_reflns.pdbx_netI_over_sigmaI        38.07 
_reflns.B_iso_Wilson_estimate        ? 
_reflns.pdbx_redundancy              20 
_reflns.R_free_details               ? 
_reflns.limit_h_max                  ? 
_reflns.limit_h_min                  ? 
_reflns.limit_k_max                  ? 
_reflns.limit_k_min                  ? 
_reflns.limit_l_max                  ? 
_reflns.limit_l_min                  ? 
_reflns.observed_criterion_F_max     ? 
_reflns.observed_criterion_F_min     ? 
_reflns.pdbx_chi_squared             ? 
_reflns.pdbx_scaling_rejects         ? 
_reflns.pdbx_ordinal                 1 
_reflns.pdbx_diffrn_id               1 
# 
_reflns_shell.d_res_high                  2.49 
_reflns_shell.d_res_low                   2.56 
_reflns_shell.percent_possible_all        96.7 
_reflns_shell.Rmerge_I_obs                ? 
_reflns_shell.pdbx_Rsym_value             ? 
_reflns_shell.meanI_over_sigI_obs         22.43 
_reflns_shell.pdbx_redundancy             ? 
_reflns_shell.percent_possible_obs        ? 
_reflns_shell.number_unique_all           820 
_reflns_shell.number_measured_all         ? 
_reflns_shell.number_measured_obs         ? 
_reflns_shell.number_unique_obs           ? 
_reflns_shell.pdbx_chi_squared            ? 
_reflns_shell.pdbx_rejects                ? 
_reflns_shell.pdbx_netI_over_sigmaI_obs   ? 
_reflns_shell.number_possible             ? 
_reflns_shell.Rmerge_F_all                ? 
_reflns_shell.Rmerge_F_obs                ? 
_reflns_shell.Rmerge_I_all                ? 
_reflns_shell.meanI_over_sigI_all         ? 
_reflns_shell.pdbx_Rrim_I_all             ? 
_reflns_shell.pdbx_Rpim_I_all             ? 
_reflns_shell.pdbx_ordinal                1 
_reflns_shell.pdbx_diffrn_id              1 
# 
_refine.entry_id                                 4NYR 
_refine.ls_number_reflns_obs                     4876 
_refine.ls_number_reflns_all                     ? 
_refine.pdbx_ls_sigma_I                          ? 
_refine.pdbx_ls_sigma_F                          ? 
_refine.pdbx_data_cutoff_high_absF               ? 
_refine.pdbx_data_cutoff_low_absF                ? 
_refine.pdbx_data_cutoff_high_rms_absF           ? 
_refine.ls_d_res_low                             38.58 
_refine.ls_d_res_high                            2.49 
_refine.ls_percent_reflns_obs                    99.83 
_refine.ls_R_factor_obs                          0.16159 
_refine.ls_R_factor_all                          0.16159 
_refine.ls_R_factor_R_work                       0.15368 
_refine.ls_R_factor_R_free                       0.23262 
_refine.ls_R_factor_R_free_error                 ? 
_refine.ls_R_factor_R_free_error_details         ? 
_refine.ls_percent_reflns_R_free                 10.1 
_refine.ls_number_reflns_R_free                  546 
_refine.ls_number_parameters                     ? 
_refine.ls_number_restraints                     ? 
_refine.occupancy_min                            ? 
_refine.occupancy_max                            ? 
_refine.correlation_coeff_Fo_to_Fc               0.952 
_refine.correlation_coeff_Fo_to_Fc_free          0.886 
_refine.B_iso_mean                               17.473 
_refine.aniso_B[1][1]                            -0.25 
_refine.aniso_B[2][2]                            -0.22 
_refine.aniso_B[3][3]                            0.29 
_refine.aniso_B[1][2]                            0.17 
_refine.aniso_B[1][3]                            -0.05 
_refine.aniso_B[2][3]                            0.38 
_refine.solvent_model_details                    MASK 
_refine.solvent_model_param_ksol                 ? 
_refine.solvent_model_param_bsol                 ? 
_refine.pdbx_solvent_vdw_probe_radii             1.20 
_refine.pdbx_solvent_ion_probe_radii             0.80 
_refine.pdbx_solvent_shrinkage_radii             0.80 
_refine.pdbx_ls_cross_valid_method               THROUGHOUT 
_refine.details                                  ? 
_refine.pdbx_starting_model                      ? 
_refine.pdbx_method_to_determine_struct          SAD 
_refine.pdbx_isotropic_thermal_model             ? 
_refine.pdbx_stereochemistry_target_values       'MAXIMUM LIKELIHOOD' 
_refine.pdbx_stereochem_target_val_spec_case     ? 
_refine.pdbx_R_Free_selection_details            RANDOM 
_refine.pdbx_overall_ESU_R                       ? 
_refine.pdbx_overall_ESU_R_Free                  0.323 
_refine.overall_SU_ML                            0.204 
_refine.pdbx_overall_phase_error                 ? 
_refine.overall_SU_B                             9.127 
_refine.overall_SU_R_Cruickshank_DPI             ? 
_refine.ls_redundancy_reflns_obs                 ? 
_refine.B_iso_min                                ? 
_refine.B_iso_max                                ? 
_refine.overall_SU_R_free                        ? 
_refine.ls_wR_factor_R_free                      ? 
_refine.ls_wR_factor_R_work                      ? 
_refine.overall_FOM_free_R_set                   ? 
_refine.overall_FOM_work_R_set                   ? 
_refine.pdbx_diffrn_id                           1 
_refine.pdbx_refine_id                           'X-RAY DIFFRACTION' 
_refine.pdbx_TLS_residual_ADP_flag               ? 
_refine.pdbx_overall_SU_R_free_Cruickshank_DPI   ? 
_refine.pdbx_overall_SU_R_Blow_DPI               ? 
_refine.pdbx_overall_SU_R_free_Blow_DPI          ? 
# 
_refine_hist.pdbx_refine_id                   'X-RAY DIFFRACTION' 
_refine_hist.cycle_id                         LAST 
_refine_hist.pdbx_number_atoms_protein        1248 
_refine_hist.pdbx_number_atoms_nucleic_acid   0 
_refine_hist.pdbx_number_atoms_ligand         76 
_refine_hist.number_atoms_solvent             88 
_refine_hist.number_atoms_total               1412 
_refine_hist.d_res_high                       2.49 
_refine_hist.d_res_low                        38.58 
# 
loop_
_refine_ls_restr.type 
_refine_ls_restr.dev_ideal 
_refine_ls_restr.dev_ideal_target 
_refine_ls_restr.weight 
_refine_ls_restr.number 
_refine_ls_restr.pdbx_restraint_function 
_refine_ls_restr.pdbx_refine_id 
r_bond_refined_d       0.013  0.019  ? 1369 ? 'X-RAY DIFFRACTION' 
r_angle_refined_deg    1.906  2.021  ? 1867 ? 'X-RAY DIFFRACTION' 
r_dihedral_angle_1_deg 7.515  5.000  ? 152  ? 'X-RAY DIFFRACTION' 
r_dihedral_angle_2_deg 36.737 23.548 ? 62   ? 'X-RAY DIFFRACTION' 
r_dihedral_angle_3_deg 18.433 15.000 ? 205  ? 'X-RAY DIFFRACTION' 
r_dihedral_angle_4_deg 21.681 15.000 ? 6    ? 'X-RAY DIFFRACTION' 
r_chiral_restr         0.122  0.200  ? 206  ? 'X-RAY DIFFRACTION' 
r_gen_planes_refined   0.008  0.021  ? 1042 ? 'X-RAY DIFFRACTION' 
r_mcbond_it            1.181  1.532  ? 611  ? 'X-RAY DIFFRACTION' 
r_mcangle_it           2.031  2.290  ? 762  ? 'X-RAY DIFFRACTION' 
r_scbond_it            1.836  1.842  ? 758  ? 'X-RAY DIFFRACTION' 
r_long_range_B_refined 5.678  13.791 ? 2089 ? 'X-RAY DIFFRACTION' 
# 
_refine_ls_shell.pdbx_refine_id                   'X-RAY DIFFRACTION' 
_refine_ls_shell.pdbx_total_number_of_bins_used   20 
_refine_ls_shell.d_res_high                       2.491 
_refine_ls_shell.d_res_low                        2.556 
_refine_ls_shell.number_reflns_R_work             357 
_refine_ls_shell.R_factor_R_work                  0.184 
_refine_ls_shell.percent_reflns_obs               97.79 
_refine_ls_shell.R_factor_R_free                  0.345 
_refine_ls_shell.R_factor_R_free_error            ? 
_refine_ls_shell.percent_reflns_R_free            ? 
_refine_ls_shell.number_reflns_R_free             41 
_refine_ls_shell.number_reflns_all                ? 
_refine_ls_shell.R_factor_all                     ? 
_refine_ls_shell.number_reflns_obs                793 
_refine_ls_shell.redundancy_reflns_obs            ? 
# 
_struct.entry_id                  4NYR 
_struct.title                     
;In-vivo crystallisation (midguts of a viviparous cockroach) and structure at 2.5 A resolution of a glycosylated, lipid-binding, lipocalin-like protein
;
_struct.pdbx_model_details        ? 
_struct.pdbx_CASP_flag            ? 
_struct.pdbx_model_type_details   ? 
# 
_struct_keywords.entry_id        4NYR 
_struct_keywords.pdbx_keywords   'LIPID BINDING PROTEIN' 
_struct_keywords.text            
'In-vivo crystallization, cockroach, SAD phasing, lipocalin, Lipocalin fold, Fatty acid binding protein, LIPID BINDING PROTEIN' 
# 
loop_
_struct_asym.id 
_struct_asym.pdbx_blank_PDB_chainid_flag 
_struct_asym.pdbx_modified 
_struct_asym.entity_id 
_struct_asym.details 
A N N 1 ? 
B N N 2 ? 
C N N 2 ? 
D N N 3 ? 
E N N 4 ? 
F N N 5 ? 
# 
_struct_ref.id                         1 
_struct_ref.db_name                    UNP 
_struct_ref.db_code                    Q6SVB6_DIPPU 
_struct_ref.pdbx_db_accession          Q6SVB6 
_struct_ref.entity_id                  1 
_struct_ref.pdbx_seq_one_letter_code   
;IAAILVANAKEPCPPENLQLTPRALVGKWYLRTTSPDIFKQVSNITEFYSAHGNDYYGTVTDYSPEYGLEAHRVNLTVSG
RTLKFYMNDTHEYDSKYEILAVDKDYFIFYGHPPAAPSGLALIHYRQSCPKEDVIKRVKKALKNVCLDYKYFGNDTSVPC
HYVE
;
_struct_ref.pdbx_align_begin           1 
_struct_ref.pdbx_db_isoform            ? 
# 
_struct_ref_seq.align_id                      1 
_struct_ref_seq.ref_id                        1 
_struct_ref_seq.pdbx_PDB_id_code              4NYR 
_struct_ref_seq.pdbx_strand_id                A 
_struct_ref_seq.seq_align_beg                 1 
_struct_ref_seq.pdbx_seq_align_beg_ins_code   ? 
_struct_ref_seq.seq_align_end                 164 
_struct_ref_seq.pdbx_seq_align_end_ins_code   ? 
_struct_ref_seq.pdbx_db_accession             Q6SVB6 
_struct_ref_seq.db_align_beg                  1 
_struct_ref_seq.pdbx_db_align_beg_ins_code    ? 
_struct_ref_seq.db_align_end                  164 
_struct_ref_seq.pdbx_db_align_end_ins_code    ? 
_struct_ref_seq.pdbx_auth_seq_align_beg       -8 
_struct_ref_seq.pdbx_auth_seq_align_end       155 
# 
_pdbx_struct_assembly.id                   1 
_pdbx_struct_assembly.details              author_and_software_defined_assembly 
_pdbx_struct_assembly.method_details       PISA 
_pdbx_struct_assembly.oligomeric_details   monomeric 
_pdbx_struct_assembly.oligomeric_count     1 
# 
_pdbx_struct_assembly_gen.assembly_id       1 
_pdbx_struct_assembly_gen.oper_expression   1 
_pdbx_struct_assembly_gen.asym_id_list      A,B,C,D,E,F 
# 
_pdbx_struct_oper_list.id                   1 
_pdbx_struct_oper_list.type                 'identity operation' 
_pdbx_struct_oper_list.name                 1_555 
_pdbx_struct_oper_list.symmetry_operation   x,y,z 
_pdbx_struct_oper_list.matrix[1][1]         1.0000000000 
_pdbx_struct_oper_list.matrix[1][2]         0.0000000000 
_pdbx_struct_oper_list.matrix[1][3]         0.0000000000 
_pdbx_struct_oper_list.vector[1]            0.0000000000 
_pdbx_struct_oper_list.matrix[2][1]         0.0000000000 
_pdbx_struct_oper_list.matrix[2][2]         1.0000000000 
_pdbx_struct_oper_list.matrix[2][3]         0.0000000000 
_pdbx_struct_oper_list.vector[2]            0.0000000000 
_pdbx_struct_oper_list.matrix[3][1]         0.0000000000 
_pdbx_struct_oper_list.matrix[3][2]         0.0000000000 
_pdbx_struct_oper_list.matrix[3][3]         1.0000000000 
_pdbx_struct_oper_list.vector[3]            0.0000000000 
# 
_struct_biol.id        1 
_struct_biol.details   ? 
# 
loop_
_struct_conf.conf_type_id 
_struct_conf.id 
_struct_conf.pdbx_PDB_helix_id 
_struct_conf.beg_label_comp_id 
_struct_conf.beg_label_asym_id 
_struct_conf.beg_label_seq_id 
_struct_conf.pdbx_beg_PDB_ins_code 
_struct_conf.end_label_comp_id 
_struct_conf.end_label_asym_id 
_struct_conf.end_label_seq_id 
_struct_conf.pdbx_end_PDB_ins_code 
_struct_conf.beg_auth_comp_id 
_struct_conf.beg_auth_asym_id 
_struct_conf.beg_auth_seq_id 
_struct_conf.end_auth_comp_id 
_struct_conf.end_auth_asym_id 
_struct_conf.end_auth_seq_id 
_struct_conf.pdbx_PDB_helix_class 
_struct_conf.details 
_struct_conf.pdbx_PDB_helix_length 
HELX_P HELX_P1 1 LYS A 131 ? ASN A 144 ? LYS A 122 ASN A 135 1 ? 14 
HELX_P HELX_P2 2 ASP A 148 ? PHE A 152 ? ASP A 139 PHE A 143 5 ? 5  
# 
_struct_conf_type.id          HELX_P 
_struct_conf_type.criteria    ? 
_struct_conf_type.reference   ? 
# 
loop_
_struct_conn.id 
_struct_conn.conn_type_id 
_struct_conn.pdbx_leaving_atom_flag 
_struct_conn.pdbx_PDB_id 
_struct_conn.ptnr1_label_asym_id 
_struct_conn.ptnr1_label_comp_id 
_struct_conn.ptnr1_label_seq_id 
_struct_conn.ptnr1_label_atom_id 
_struct_conn.pdbx_ptnr1_label_alt_id 
_struct_conn.pdbx_ptnr1_PDB_ins_code 
_struct_conn.pdbx_ptnr1_standard_comp_id 
_struct_conn.ptnr1_symmetry 
_struct_conn.ptnr2_label_asym_id 
_struct_conn.ptnr2_label_comp_id 
_struct_conn.ptnr2_label_seq_id 
_struct_conn.ptnr2_label_atom_id 
_struct_conn.pdbx_ptnr2_label_alt_id 
_struct_conn.pdbx_ptnr2_PDB_ins_code 
_struct_conn.ptnr1_auth_asym_id 
_struct_conn.ptnr1_auth_comp_id 
_struct_conn.ptnr1_auth_seq_id 
_struct_conn.ptnr2_auth_asym_id 
_struct_conn.ptnr2_auth_comp_id 
_struct_conn.ptnr2_auth_seq_id 
_struct_conn.ptnr2_symmetry 
_struct_conn.pdbx_ptnr3_label_atom_id 
_struct_conn.pdbx_ptnr3_label_seq_id 
_struct_conn.pdbx_ptnr3_label_comp_id 
_struct_conn.pdbx_ptnr3_label_asym_id 
_struct_conn.pdbx_ptnr3_label_alt_id 
_struct_conn.pdbx_ptnr3_PDB_ins_code 
_struct_conn.details 
_struct_conn.pdbx_dist_value 
_struct_conn.pdbx_value_order 
_struct_conn.pdbx_role 
disulf1 disulf ?    ? A CYS 13  SG  ? ? ? 1_555 A CYS 146 SG ? ? A CYS 4   A CYS 137 1_555 ? ? ? ? ? ? ? 2.064 ? ?               
disulf2 disulf ?    ? A CYS 129 SG  ? ? ? 1_555 A CYS 160 SG ? ? A CYS 120 A CYS 151 1_555 ? ? ? ? ? ? ? 2.038 ? ?               
covale1 covale one  ? A ASN 44  ND2 ? ? ? 1_555 B NAG .   C1 ? ? A ASN 35  B NAG 1   1_555 ? ? ? ? ? ? ? 1.441 ? N-Glycosylation 
covale2 covale one  ? A ASN 88  ND2 ? ? ? 1_555 C NAG .   C1 ? ? A ASN 79  C NAG 1   1_555 ? ? ? ? ? ? ? 1.462 ? N-Glycosylation 
covale3 covale one  ? A ASN 154 ND2 ? ? ? 1_555 D NAG .   C1 ? ? A ASN 145 A NAG 205 1_555 ? ? ? ? ? ? ? 1.439 ? N-Glycosylation 
covale4 covale both ? B NAG .   O4  ? ? ? 1_555 B NAG .   C1 ? ? B NAG 1   B NAG 2   1_555 ? ? ? ? ? ? ? 1.417 ? ?               
covale5 covale both ? C NAG .   O4  ? ? ? 1_555 C NAG .   C1 ? ? C NAG 1   C NAG 2   1_555 ? ? ? ? ? ? ? 1.439 ? ?               
# 
loop_
_struct_conn_type.id 
_struct_conn_type.criteria 
_struct_conn_type.reference 
disulf ? ? 
covale ? ? 
# 
loop_
_pdbx_modification_feature.ordinal 
_pdbx_modification_feature.label_comp_id 
_pdbx_modification_feature.label_asym_id 
_pdbx_modification_feature.label_seq_id 
_pdbx_modification_feature.label_alt_id 
_pdbx_modification_feature.modified_residue_label_comp_id 
_pdbx_modification_feature.modified_residue_label_asym_id 
_pdbx_modification_feature.modified_residue_label_seq_id 
_pdbx_modification_feature.modified_residue_label_alt_id 
_pdbx_modification_feature.auth_comp_id 
_pdbx_modification_feature.auth_asym_id 
_pdbx_modification_feature.auth_seq_id 
_pdbx_modification_feature.PDB_ins_code 
_pdbx_modification_feature.symmetry 
_pdbx_modification_feature.modified_residue_auth_comp_id 
_pdbx_modification_feature.modified_residue_auth_asym_id 
_pdbx_modification_feature.modified_residue_auth_seq_id 
_pdbx_modification_feature.modified_residue_PDB_ins_code 
_pdbx_modification_feature.modified_residue_symmetry 
_pdbx_modification_feature.comp_id_linking_atom 
_pdbx_modification_feature.modified_residue_id_linking_atom 
_pdbx_modification_feature.modified_residue_id 
_pdbx_modification_feature.ref_pcm_id 
_pdbx_modification_feature.ref_comp_id 
_pdbx_modification_feature.type 
_pdbx_modification_feature.category 
1 NAG B .   ? ASN A 44  ? NAG B 1   ? 1_555 ASN A 35  ? 1_555 C1 ND2 ASN 1 NAG N-Glycosylation Carbohydrate       
2 NAG C .   ? ASN A 88  ? NAG C 1   ? 1_555 ASN A 79  ? 1_555 C1 ND2 ASN 1 NAG N-Glycosylation Carbohydrate       
3 NAG D .   ? ASN A 154 ? NAG A 205 ? 1_555 ASN A 145 ? 1_555 C1 ND2 ASN 1 NAG N-Glycosylation Carbohydrate       
4 CYS A 13  ? CYS A 146 ? CYS A 4   ? 1_555 CYS A 137 ? 1_555 SG SG  .   . .   None            'Disulfide bridge' 
5 CYS A 129 ? CYS A 160 ? CYS A 120 ? 1_555 CYS A 151 ? 1_555 SG SG  .   . .   None            'Disulfide bridge' 
# 
_struct_mon_prot_cis.pdbx_id                1 
_struct_mon_prot_cis.label_comp_id          SER 
_struct_mon_prot_cis.label_seq_id           35 
_struct_mon_prot_cis.label_asym_id          A 
_struct_mon_prot_cis.label_alt_id           . 
_struct_mon_prot_cis.pdbx_PDB_ins_code      ? 
_struct_mon_prot_cis.auth_comp_id           SER 
_struct_mon_prot_cis.auth_seq_id            26 
_struct_mon_prot_cis.auth_asym_id           A 
_struct_mon_prot_cis.pdbx_label_comp_id_2   PRO 
_struct_mon_prot_cis.pdbx_label_seq_id_2    36 
_struct_mon_prot_cis.pdbx_label_asym_id_2   A 
_struct_mon_prot_cis.pdbx_PDB_ins_code_2    ? 
_struct_mon_prot_cis.pdbx_auth_comp_id_2    PRO 
_struct_mon_prot_cis.pdbx_auth_seq_id_2     27 
_struct_mon_prot_cis.pdbx_auth_asym_id_2    A 
_struct_mon_prot_cis.pdbx_PDB_model_num     1 
_struct_mon_prot_cis.pdbx_omega_angle       -1.26 
# 
_struct_sheet.id               A 
_struct_sheet.type             ? 
_struct_sheet.number_strands   10 
_struct_sheet.details          ? 
# 
loop_
_struct_sheet_order.sheet_id 
_struct_sheet_order.range_id_1 
_struct_sheet_order.range_id_2 
_struct_sheet_order.offset 
_struct_sheet_order.sense 
A 1 2  ? anti-parallel 
A 2 3  ? anti-parallel 
A 3 4  ? anti-parallel 
A 4 5  ? anti-parallel 
A 5 6  ? anti-parallel 
A 6 7  ? anti-parallel 
A 7 8  ? anti-parallel 
A 8 9  ? anti-parallel 
A 9 10 ? anti-parallel 
# 
loop_
_struct_sheet_range.sheet_id 
_struct_sheet_range.id 
_struct_sheet_range.beg_label_comp_id 
_struct_sheet_range.beg_label_asym_id 
_struct_sheet_range.beg_label_seq_id 
_struct_sheet_range.pdbx_beg_PDB_ins_code 
_struct_sheet_range.end_label_comp_id 
_struct_sheet_range.end_label_asym_id 
_struct_sheet_range.end_label_seq_id 
_struct_sheet_range.pdbx_end_PDB_ins_code 
_struct_sheet_range.beg_auth_comp_id 
_struct_sheet_range.beg_auth_asym_id 
_struct_sheet_range.beg_auth_seq_id 
_struct_sheet_range.end_auth_comp_id 
_struct_sheet_range.end_auth_asym_id 
_struct_sheet_range.end_auth_seq_id 
A 1  GLY A 153 ? ASN A 154 ? GLY A 144 ASN A 145 
A 2  GLY A 27  ? SER A 35  ? GLY A 18  SER A 26  
A 3  LEU A 120 ? TYR A 125 ? LEU A 111 TYR A 116 
A 4  TYR A 106 ? GLY A 111 ? TYR A 97  GLY A 102 
A 5  SER A 95  ? VAL A 102 ? SER A 86  VAL A 93  
A 6  THR A 82  ? MET A 87  ? THR A 73  MET A 78  
A 7  GLY A 68  ? SER A 79  ? GLY A 59  SER A 70  
A 8  ASP A 55  ? SER A 64  ? ASP A 46  SER A 55  
A 9  SER A 43  ? HIS A 52  ? SER A 34  HIS A 43  
A 10 GLY A 27  ? SER A 35  ? GLY A 18  SER A 26  
# 
loop_
_pdbx_struct_sheet_hbond.sheet_id 
_pdbx_struct_sheet_hbond.range_id_1 
_pdbx_struct_sheet_hbond.range_id_2 
_pdbx_struct_sheet_hbond.range_1_label_atom_id 
_pdbx_struct_sheet_hbond.range_1_label_comp_id 
_pdbx_struct_sheet_hbond.range_1_label_asym_id 
_pdbx_struct_sheet_hbond.range_1_label_seq_id 
_pdbx_struct_sheet_hbond.range_1_PDB_ins_code 
_pdbx_struct_sheet_hbond.range_1_auth_atom_id 
_pdbx_struct_sheet_hbond.range_1_auth_comp_id 
_pdbx_struct_sheet_hbond.range_1_auth_asym_id 
_pdbx_struct_sheet_hbond.range_1_auth_seq_id 
_pdbx_struct_sheet_hbond.range_2_label_atom_id 
_pdbx_struct_sheet_hbond.range_2_label_comp_id 
_pdbx_struct_sheet_hbond.range_2_label_asym_id 
_pdbx_struct_sheet_hbond.range_2_label_seq_id 
_pdbx_struct_sheet_hbond.range_2_PDB_ins_code 
_pdbx_struct_sheet_hbond.range_2_auth_atom_id 
_pdbx_struct_sheet_hbond.range_2_auth_comp_id 
_pdbx_struct_sheet_hbond.range_2_auth_asym_id 
_pdbx_struct_sheet_hbond.range_2_auth_seq_id 
A 1 2  O GLY A 153 ? O GLY A 144 N THR A 34  ? N THR A 25  
A 2 3  N THR A 33  ? N THR A 24  O ILE A 123 ? O ILE A 114 
A 3 4  O HIS A 124 ? O HIS A 115 N PHE A 107 ? N PHE A 98  
A 4 5  O ILE A 108 ? O ILE A 99  N LEU A 100 ? N LEU A 91  
A 5 6  O SER A 95  ? O SER A 86  N PHE A 85  ? N PHE A 76  
A 6 7  O THR A 82  ? O THR A 73  N SER A 79  ? N SER A 70  
A 7 8  O LEU A 76  ? O LEU A 67  N TYR A 56  ? N TYR A 47  
A 8 9  O TYR A 57  ? O TYR A 48  N SER A 50  ? N SER A 41  
A 9 10 O GLU A 47  ? O GLU A 38  N TRP A 29  ? N TRP A 20  
# 
_pdbx_entry_details.entry_id                   4NYR 
_pdbx_entry_details.compound_details           ? 
_pdbx_entry_details.source_details             ? 
_pdbx_entry_details.nonpolymer_details         ? 
_pdbx_entry_details.sequence_details           ? 
_pdbx_entry_details.has_ligand_of_interest     ? 
_pdbx_entry_details.has_protein_modification   Y 
# 
_pdbx_validate_rmsd_angle.id                         1 
_pdbx_validate_rmsd_angle.PDB_model_num              1 
_pdbx_validate_rmsd_angle.auth_atom_id_1             CB 
_pdbx_validate_rmsd_angle.auth_asym_id_1             A 
_pdbx_validate_rmsd_angle.auth_comp_id_1             PHE 
_pdbx_validate_rmsd_angle.auth_seq_id_1              100 
_pdbx_validate_rmsd_angle.PDB_ins_code_1             ? 
_pdbx_validate_rmsd_angle.label_alt_id_1             ? 
_pdbx_validate_rmsd_angle.auth_atom_id_2             CA 
_pdbx_validate_rmsd_angle.auth_asym_id_2             A 
_pdbx_validate_rmsd_angle.auth_comp_id_2             PHE 
_pdbx_validate_rmsd_angle.auth_seq_id_2              100 
_pdbx_validate_rmsd_angle.PDB_ins_code_2             ? 
_pdbx_validate_rmsd_angle.label_alt_id_2             ? 
_pdbx_validate_rmsd_angle.auth_atom_id_3             C 
_pdbx_validate_rmsd_angle.auth_asym_id_3             A 
_pdbx_validate_rmsd_angle.auth_comp_id_3             PHE 
_pdbx_validate_rmsd_angle.auth_seq_id_3              100 
_pdbx_validate_rmsd_angle.PDB_ins_code_3             ? 
_pdbx_validate_rmsd_angle.label_alt_id_3             ? 
_pdbx_validate_rmsd_angle.angle_value                92.95 
_pdbx_validate_rmsd_angle.angle_target_value         110.40 
_pdbx_validate_rmsd_angle.angle_deviation            -17.45 
_pdbx_validate_rmsd_angle.angle_standard_deviation   2.00 
_pdbx_validate_rmsd_angle.linker_flag                N 
# 
loop_
_pdbx_validate_torsion.id 
_pdbx_validate_torsion.PDB_model_num 
_pdbx_validate_torsion.auth_comp_id 
_pdbx_validate_torsion.auth_asym_id 
_pdbx_validate_torsion.auth_seq_id 
_pdbx_validate_torsion.PDB_ins_code 
_pdbx_validate_torsion.label_alt_id 
_pdbx_validate_torsion.phi 
_pdbx_validate_torsion.psi 
1 1 ALA A 92  ? ? -174.13 139.29 
2 1 ALA A 107 ? ? -154.40 71.54  
# 
loop_
_pdbx_struct_mod_residue.id 
_pdbx_struct_mod_residue.label_asym_id 
_pdbx_struct_mod_residue.label_comp_id 
_pdbx_struct_mod_residue.label_seq_id 
_pdbx_struct_mod_residue.auth_asym_id 
_pdbx_struct_mod_residue.auth_comp_id 
_pdbx_struct_mod_residue.auth_seq_id 
_pdbx_struct_mod_residue.PDB_ins_code 
_pdbx_struct_mod_residue.parent_comp_id 
_pdbx_struct_mod_residue.details 
1 A ASN 154 A ASN 145 ? ASN 'GLYCOSYLATION SITE' 
2 A ASN 44  A ASN 35  ? ASN 'GLYCOSYLATION SITE' 
3 A ASN 88  A ASN 79  ? ASN 'GLYCOSYLATION SITE' 
# 
loop_
_pdbx_unobs_or_zero_occ_residues.id 
_pdbx_unobs_or_zero_occ_residues.PDB_model_num 
_pdbx_unobs_or_zero_occ_residues.polymer_flag 
_pdbx_unobs_or_zero_occ_residues.occupancy_flag 
_pdbx_unobs_or_zero_occ_residues.auth_asym_id 
_pdbx_unobs_or_zero_occ_residues.auth_comp_id 
_pdbx_unobs_or_zero_occ_residues.auth_seq_id 
_pdbx_unobs_or_zero_occ_residues.PDB_ins_code 
_pdbx_unobs_or_zero_occ_residues.label_asym_id 
_pdbx_unobs_or_zero_occ_residues.label_comp_id 
_pdbx_unobs_or_zero_occ_residues.label_seq_id 
1  1 Y 1 A ILE -8  ? A ILE 1   
2  1 Y 1 A ALA -7  ? A ALA 2   
3  1 Y 1 A ALA -6  ? A ALA 3   
4  1 Y 1 A ILE -5  ? A ILE 4   
5  1 Y 1 A LEU -4  ? A LEU 5   
6  1 Y 1 A VAL -3  ? A VAL 6   
7  1 Y 1 A ALA -2  ? A ALA 7   
8  1 Y 1 A ASN -1  ? A ASN 8   
9  1 Y 1 A ALA 0   ? A ALA 9   
10 1 Y 1 A VAL 154 ? A VAL 163 
11 1 Y 1 A GLU 155 ? A GLU 164 
# 
loop_
_chem_comp_atom.comp_id 
_chem_comp_atom.atom_id 
_chem_comp_atom.type_symbol 
_chem_comp_atom.pdbx_aromatic_flag 
_chem_comp_atom.pdbx_stereo_config 
_chem_comp_atom.pdbx_ordinal 
ALA N    N N N 1   
ALA CA   C N S 2   
ALA C    C N N 3   
ALA O    O N N 4   
ALA CB   C N N 5   
ALA OXT  O N N 6   
ALA H    H N N 7   
ALA H2   H N N 8   
ALA HA   H N N 9   
ALA HB1  H N N 10  
ALA HB2  H N N 11  
ALA HB3  H N N 12  
ALA HXT  H N N 13  
ARG N    N N N 14  
ARG CA   C N S 15  
ARG C    C N N 16  
ARG O    O N N 17  
ARG CB   C N N 18  
ARG CG   C N N 19  
ARG CD   C N N 20  
ARG NE   N N N 21  
ARG CZ   C N N 22  
ARG NH1  N N N 23  
ARG NH2  N N N 24  
ARG OXT  O N N 25  
ARG H    H N N 26  
ARG H2   H N N 27  
ARG HA   H N N 28  
ARG HB2  H N N 29  
ARG HB3  H N N 30  
ARG HG2  H N N 31  
ARG HG3  H N N 32  
ARG HD2  H N N 33  
ARG HD3  H N N 34  
ARG HE   H N N 35  
ARG HH11 H N N 36  
ARG HH12 H N N 37  
ARG HH21 H N N 38  
ARG HH22 H N N 39  
ARG HXT  H N N 40  
ASN N    N N N 41  
ASN CA   C N S 42  
ASN C    C N N 43  
ASN O    O N N 44  
ASN CB   C N N 45  
ASN CG   C N N 46  
ASN OD1  O N N 47  
ASN ND2  N N N 48  
ASN OXT  O N N 49  
ASN H    H N N 50  
ASN H2   H N N 51  
ASN HA   H N N 52  
ASN HB2  H N N 53  
ASN HB3  H N N 54  
ASN HD21 H N N 55  
ASN HD22 H N N 56  
ASN HXT  H N N 57  
ASP N    N N N 58  
ASP CA   C N S 59  
ASP C    C N N 60  
ASP O    O N N 61  
ASP CB   C N N 62  
ASP CG   C N N 63  
ASP OD1  O N N 64  
ASP OD2  O N N 65  
ASP OXT  O N N 66  
ASP H    H N N 67  
ASP H2   H N N 68  
ASP HA   H N N 69  
ASP HB2  H N N 70  
ASP HB3  H N N 71  
ASP HD2  H N N 72  
ASP HXT  H N N 73  
CYS N    N N N 74  
CYS CA   C N R 75  
CYS C    C N N 76  
CYS O    O N N 77  
CYS CB   C N N 78  
CYS SG   S N N 79  
CYS OXT  O N N 80  
CYS H    H N N 81  
CYS H2   H N N 82  
CYS HA   H N N 83  
CYS HB2  H N N 84  
CYS HB3  H N N 85  
CYS HG   H N N 86  
CYS HXT  H N N 87  
GLN N    N N N 88  
GLN CA   C N S 89  
GLN C    C N N 90  
GLN O    O N N 91  
GLN CB   C N N 92  
GLN CG   C N N 93  
GLN CD   C N N 94  
GLN OE1  O N N 95  
GLN NE2  N N N 96  
GLN OXT  O N N 97  
GLN H    H N N 98  
GLN H2   H N N 99  
GLN HA   H N N 100 
GLN HB2  H N N 101 
GLN HB3  H N N 102 
GLN HG2  H N N 103 
GLN HG3  H N N 104 
GLN HE21 H N N 105 
GLN HE22 H N N 106 
GLN HXT  H N N 107 
GLU N    N N N 108 
GLU CA   C N S 109 
GLU C    C N N 110 
GLU O    O N N 111 
GLU CB   C N N 112 
GLU CG   C N N 113 
GLU CD   C N N 114 
GLU OE1  O N N 115 
GLU OE2  O N N 116 
GLU OXT  O N N 117 
GLU H    H N N 118 
GLU H2   H N N 119 
GLU HA   H N N 120 
GLU HB2  H N N 121 
GLU HB3  H N N 122 
GLU HG2  H N N 123 
GLU HG3  H N N 124 
GLU HE2  H N N 125 
GLU HXT  H N N 126 
GLY N    N N N 127 
GLY CA   C N N 128 
GLY C    C N N 129 
GLY O    O N N 130 
GLY OXT  O N N 131 
GLY H    H N N 132 
GLY H2   H N N 133 
GLY HA2  H N N 134 
GLY HA3  H N N 135 
GLY HXT  H N N 136 
GOL C1   C N N 137 
GOL O1   O N N 138 
GOL C2   C N N 139 
GOL O2   O N N 140 
GOL C3   C N N 141 
GOL O3   O N N 142 
GOL H11  H N N 143 
GOL H12  H N N 144 
GOL HO1  H N N 145 
GOL H2   H N N 146 
GOL HO2  H N N 147 
GOL H31  H N N 148 
GOL H32  H N N 149 
GOL HO3  H N N 150 
HIS N    N N N 151 
HIS CA   C N S 152 
HIS C    C N N 153 
HIS O    O N N 154 
HIS CB   C N N 155 
HIS CG   C Y N 156 
HIS ND1  N Y N 157 
HIS CD2  C Y N 158 
HIS CE1  C Y N 159 
HIS NE2  N Y N 160 
HIS OXT  O N N 161 
HIS H    H N N 162 
HIS H2   H N N 163 
HIS HA   H N N 164 
HIS HB2  H N N 165 
HIS HB3  H N N 166 
HIS HD1  H N N 167 
HIS HD2  H N N 168 
HIS HE1  H N N 169 
HIS HE2  H N N 170 
HIS HXT  H N N 171 
HOH O    O N N 172 
HOH H1   H N N 173 
HOH H2   H N N 174 
ILE N    N N N 175 
ILE CA   C N S 176 
ILE C    C N N 177 
ILE O    O N N 178 
ILE CB   C N S 179 
ILE CG1  C N N 180 
ILE CG2  C N N 181 
ILE CD1  C N N 182 
ILE OXT  O N N 183 
ILE H    H N N 184 
ILE H2   H N N 185 
ILE HA   H N N 186 
ILE HB   H N N 187 
ILE HG12 H N N 188 
ILE HG13 H N N 189 
ILE HG21 H N N 190 
ILE HG22 H N N 191 
ILE HG23 H N N 192 
ILE HD11 H N N 193 
ILE HD12 H N N 194 
ILE HD13 H N N 195 
ILE HXT  H N N 196 
LEU N    N N N 197 
LEU CA   C N S 198 
LEU C    C N N 199 
LEU O    O N N 200 
LEU CB   C N N 201 
LEU CG   C N N 202 
LEU CD1  C N N 203 
LEU CD2  C N N 204 
LEU OXT  O N N 205 
LEU H    H N N 206 
LEU H2   H N N 207 
LEU HA   H N N 208 
LEU HB2  H N N 209 
LEU HB3  H N N 210 
LEU HG   H N N 211 
LEU HD11 H N N 212 
LEU HD12 H N N 213 
LEU HD13 H N N 214 
LEU HD21 H N N 215 
LEU HD22 H N N 216 
LEU HD23 H N N 217 
LEU HXT  H N N 218 
LYS N    N N N 219 
LYS CA   C N S 220 
LYS C    C N N 221 
LYS O    O N N 222 
LYS CB   C N N 223 
LYS CG   C N N 224 
LYS CD   C N N 225 
LYS CE   C N N 226 
LYS NZ   N N N 227 
LYS OXT  O N N 228 
LYS H    H N N 229 
LYS H2   H N N 230 
LYS HA   H N N 231 
LYS HB2  H N N 232 
LYS HB3  H N N 233 
LYS HG2  H N N 234 
LYS HG3  H N N 235 
LYS HD2  H N N 236 
LYS HD3  H N N 237 
LYS HE2  H N N 238 
LYS HE3  H N N 239 
LYS HZ1  H N N 240 
LYS HZ2  H N N 241 
LYS HZ3  H N N 242 
LYS HXT  H N N 243 
MET N    N N N 244 
MET CA   C N S 245 
MET C    C N N 246 
MET O    O N N 247 
MET CB   C N N 248 
MET CG   C N N 249 
MET SD   S N N 250 
MET CE   C N N 251 
MET OXT  O N N 252 
MET H    H N N 253 
MET H2   H N N 254 
MET HA   H N N 255 
MET HB2  H N N 256 
MET HB3  H N N 257 
MET HG2  H N N 258 
MET HG3  H N N 259 
MET HE1  H N N 260 
MET HE2  H N N 261 
MET HE3  H N N 262 
MET HXT  H N N 263 
NAG C1   C N R 264 
NAG C2   C N R 265 
NAG C3   C N R 266 
NAG C4   C N S 267 
NAG C5   C N R 268 
NAG C6   C N N 269 
NAG C7   C N N 270 
NAG C8   C N N 271 
NAG N2   N N N 272 
NAG O1   O N N 273 
NAG O3   O N N 274 
NAG O4   O N N 275 
NAG O5   O N N 276 
NAG O6   O N N 277 
NAG O7   O N N 278 
NAG H1   H N N 279 
NAG H2   H N N 280 
NAG H3   H N N 281 
NAG H4   H N N 282 
NAG H5   H N N 283 
NAG H61  H N N 284 
NAG H62  H N N 285 
NAG H81  H N N 286 
NAG H82  H N N 287 
NAG H83  H N N 288 
NAG HN2  H N N 289 
NAG HO1  H N N 290 
NAG HO3  H N N 291 
NAG HO4  H N N 292 
NAG HO6  H N N 293 
PHE N    N N N 294 
PHE CA   C N S 295 
PHE C    C N N 296 
PHE O    O N N 297 
PHE CB   C N N 298 
PHE CG   C Y N 299 
PHE CD1  C Y N 300 
PHE CD2  C Y N 301 
PHE CE1  C Y N 302 
PHE CE2  C Y N 303 
PHE CZ   C Y N 304 
PHE OXT  O N N 305 
PHE H    H N N 306 
PHE H2   H N N 307 
PHE HA   H N N 308 
PHE HB2  H N N 309 
PHE HB3  H N N 310 
PHE HD1  H N N 311 
PHE HD2  H N N 312 
PHE HE1  H N N 313 
PHE HE2  H N N 314 
PHE HZ   H N N 315 
PHE HXT  H N N 316 
PRO N    N N N 317 
PRO CA   C N S 318 
PRO C    C N N 319 
PRO O    O N N 320 
PRO CB   C N N 321 
PRO CG   C N N 322 
PRO CD   C N N 323 
PRO OXT  O N N 324 
PRO H    H N N 325 
PRO HA   H N N 326 
PRO HB2  H N N 327 
PRO HB3  H N N 328 
PRO HG2  H N N 329 
PRO HG3  H N N 330 
PRO HD2  H N N 331 
PRO HD3  H N N 332 
PRO HXT  H N N 333 
SER N    N N N 334 
SER CA   C N S 335 
SER C    C N N 336 
SER O    O N N 337 
SER CB   C N N 338 
SER OG   O N N 339 
SER OXT  O N N 340 
SER H    H N N 341 
SER H2   H N N 342 
SER HA   H N N 343 
SER HB2  H N N 344 
SER HB3  H N N 345 
SER HG   H N N 346 
SER HXT  H N N 347 
THR N    N N N 348 
THR CA   C N S 349 
THR C    C N N 350 
THR O    O N N 351 
THR CB   C N R 352 
THR OG1  O N N 353 
THR CG2  C N N 354 
THR OXT  O N N 355 
THR H    H N N 356 
THR H2   H N N 357 
THR HA   H N N 358 
THR HB   H N N 359 
THR HG1  H N N 360 
THR HG21 H N N 361 
THR HG22 H N N 362 
THR HG23 H N N 363 
THR HXT  H N N 364 
TRP N    N N N 365 
TRP CA   C N S 366 
TRP C    C N N 367 
TRP O    O N N 368 
TRP CB   C N N 369 
TRP CG   C Y N 370 
TRP CD1  C Y N 371 
TRP CD2  C Y N 372 
TRP NE1  N Y N 373 
TRP CE2  C Y N 374 
TRP CE3  C Y N 375 
TRP CZ2  C Y N 376 
TRP CZ3  C Y N 377 
TRP CH2  C Y N 378 
TRP OXT  O N N 379 
TRP H    H N N 380 
TRP H2   H N N 381 
TRP HA   H N N 382 
TRP HB2  H N N 383 
TRP HB3  H N N 384 
TRP HD1  H N N 385 
TRP HE1  H N N 386 
TRP HE3  H N N 387 
TRP HZ2  H N N 388 
TRP HZ3  H N N 389 
TRP HH2  H N N 390 
TRP HXT  H N N 391 
TYR N    N N N 392 
TYR CA   C N S 393 
TYR C    C N N 394 
TYR O    O N N 395 
TYR CB   C N N 396 
TYR CG   C Y N 397 
TYR CD1  C Y N 398 
TYR CD2  C Y N 399 
TYR CE1  C Y N 400 
TYR CE2  C Y N 401 
TYR CZ   C Y N 402 
TYR OH   O N N 403 
TYR OXT  O N N 404 
TYR H    H N N 405 
TYR H2   H N N 406 
TYR HA   H N N 407 
TYR HB2  H N N 408 
TYR HB3  H N N 409 
TYR HD1  H N N 410 
TYR HD2  H N N 411 
TYR HE1  H N N 412 
TYR HE2  H N N 413 
TYR HH   H N N 414 
TYR HXT  H N N 415 
VAL N    N N N 416 
VAL CA   C N S 417 
VAL C    C N N 418 
VAL O    O N N 419 
VAL CB   C N N 420 
VAL CG1  C N N 421 
VAL CG2  C N N 422 
VAL OXT  O N N 423 
VAL H    H N N 424 
VAL H2   H N N 425 
VAL HA   H N N 426 
VAL HB   H N N 427 
VAL HG11 H N N 428 
VAL HG12 H N N 429 
VAL HG13 H N N 430 
VAL HG21 H N N 431 
VAL HG22 H N N 432 
VAL HG23 H N N 433 
VAL HXT  H N N 434 
# 
loop_
_chem_comp_bond.comp_id 
_chem_comp_bond.atom_id_1 
_chem_comp_bond.atom_id_2 
_chem_comp_bond.value_order 
_chem_comp_bond.pdbx_aromatic_flag 
_chem_comp_bond.pdbx_stereo_config 
_chem_comp_bond.pdbx_ordinal 
ALA N   CA   sing N N 1   
ALA N   H    sing N N 2   
ALA N   H2   sing N N 3   
ALA CA  C    sing N N 4   
ALA CA  CB   sing N N 5   
ALA CA  HA   sing N N 6   
ALA C   O    doub N N 7   
ALA C   OXT  sing N N 8   
ALA CB  HB1  sing N N 9   
ALA CB  HB2  sing N N 10  
ALA CB  HB3  sing N N 11  
ALA OXT HXT  sing N N 12  
ARG N   CA   sing N N 13  
ARG N   H    sing N N 14  
ARG N   H2   sing N N 15  
ARG CA  C    sing N N 16  
ARG CA  CB   sing N N 17  
ARG CA  HA   sing N N 18  
ARG C   O    doub N N 19  
ARG C   OXT  sing N N 20  
ARG CB  CG   sing N N 21  
ARG CB  HB2  sing N N 22  
ARG CB  HB3  sing N N 23  
ARG CG  CD   sing N N 24  
ARG CG  HG2  sing N N 25  
ARG CG  HG3  sing N N 26  
ARG CD  NE   sing N N 27  
ARG CD  HD2  sing N N 28  
ARG CD  HD3  sing N N 29  
ARG NE  CZ   sing N N 30  
ARG NE  HE   sing N N 31  
ARG CZ  NH1  sing N N 32  
ARG CZ  NH2  doub N N 33  
ARG NH1 HH11 sing N N 34  
ARG NH1 HH12 sing N N 35  
ARG NH2 HH21 sing N N 36  
ARG NH2 HH22 sing N N 37  
ARG OXT HXT  sing N N 38  
ASN N   CA   sing N N 39  
ASN N   H    sing N N 40  
ASN N   H2   sing N N 41  
ASN CA  C    sing N N 42  
ASN CA  CB   sing N N 43  
ASN CA  HA   sing N N 44  
ASN C   O    doub N N 45  
ASN C   OXT  sing N N 46  
ASN CB  CG   sing N N 47  
ASN CB  HB2  sing N N 48  
ASN CB  HB3  sing N N 49  
ASN CG  OD1  doub N N 50  
ASN CG  ND2  sing N N 51  
ASN ND2 HD21 sing N N 52  
ASN ND2 HD22 sing N N 53  
ASN OXT HXT  sing N N 54  
ASP N   CA   sing N N 55  
ASP N   H    sing N N 56  
ASP N   H2   sing N N 57  
ASP CA  C    sing N N 58  
ASP CA  CB   sing N N 59  
ASP CA  HA   sing N N 60  
ASP C   O    doub N N 61  
ASP C   OXT  sing N N 62  
ASP CB  CG   sing N N 63  
ASP CB  HB2  sing N N 64  
ASP CB  HB3  sing N N 65  
ASP CG  OD1  doub N N 66  
ASP CG  OD2  sing N N 67  
ASP OD2 HD2  sing N N 68  
ASP OXT HXT  sing N N 69  
CYS N   CA   sing N N 70  
CYS N   H    sing N N 71  
CYS N   H2   sing N N 72  
CYS CA  C    sing N N 73  
CYS CA  CB   sing N N 74  
CYS CA  HA   sing N N 75  
CYS C   O    doub N N 76  
CYS C   OXT  sing N N 77  
CYS CB  SG   sing N N 78  
CYS CB  HB2  sing N N 79  
CYS CB  HB3  sing N N 80  
CYS SG  HG   sing N N 81  
CYS OXT HXT  sing N N 82  
GLN N   CA   sing N N 83  
GLN N   H    sing N N 84  
GLN N   H2   sing N N 85  
GLN CA  C    sing N N 86  
GLN CA  CB   sing N N 87  
GLN CA  HA   sing N N 88  
GLN C   O    doub N N 89  
GLN C   OXT  sing N N 90  
GLN CB  CG   sing N N 91  
GLN CB  HB2  sing N N 92  
GLN CB  HB3  sing N N 93  
GLN CG  CD   sing N N 94  
GLN CG  HG2  sing N N 95  
GLN CG  HG3  sing N N 96  
GLN CD  OE1  doub N N 97  
GLN CD  NE2  sing N N 98  
GLN NE2 HE21 sing N N 99  
GLN NE2 HE22 sing N N 100 
GLN OXT HXT  sing N N 101 
GLU N   CA   sing N N 102 
GLU N   H    sing N N 103 
GLU N   H2   sing N N 104 
GLU CA  C    sing N N 105 
GLU CA  CB   sing N N 106 
GLU CA  HA   sing N N 107 
GLU C   O    doub N N 108 
GLU C   OXT  sing N N 109 
GLU CB  CG   sing N N 110 
GLU CB  HB2  sing N N 111 
GLU CB  HB3  sing N N 112 
GLU CG  CD   sing N N 113 
GLU CG  HG2  sing N N 114 
GLU CG  HG3  sing N N 115 
GLU CD  OE1  doub N N 116 
GLU CD  OE2  sing N N 117 
GLU OE2 HE2  sing N N 118 
GLU OXT HXT  sing N N 119 
GLY N   CA   sing N N 120 
GLY N   H    sing N N 121 
GLY N   H2   sing N N 122 
GLY CA  C    sing N N 123 
GLY CA  HA2  sing N N 124 
GLY CA  HA3  sing N N 125 
GLY C   O    doub N N 126 
GLY C   OXT  sing N N 127 
GLY OXT HXT  sing N N 128 
GOL C1  O1   sing N N 129 
GOL C1  C2   sing N N 130 
GOL C1  H11  sing N N 131 
GOL C1  H12  sing N N 132 
GOL O1  HO1  sing N N 133 
GOL C2  O2   sing N N 134 
GOL C2  C3   sing N N 135 
GOL C2  H2   sing N N 136 
GOL O2  HO2  sing N N 137 
GOL C3  O3   sing N N 138 
GOL C3  H31  sing N N 139 
GOL C3  H32  sing N N 140 
GOL O3  HO3  sing N N 141 
HIS N   CA   sing N N 142 
HIS N   H    sing N N 143 
HIS N   H2   sing N N 144 
HIS CA  C    sing N N 145 
HIS CA  CB   sing N N 146 
HIS CA  HA   sing N N 147 
HIS C   O    doub N N 148 
HIS C   OXT  sing N N 149 
HIS CB  CG   sing N N 150 
HIS CB  HB2  sing N N 151 
HIS CB  HB3  sing N N 152 
HIS CG  ND1  sing Y N 153 
HIS CG  CD2  doub Y N 154 
HIS ND1 CE1  doub Y N 155 
HIS ND1 HD1  sing N N 156 
HIS CD2 NE2  sing Y N 157 
HIS CD2 HD2  sing N N 158 
HIS CE1 NE2  sing Y N 159 
HIS CE1 HE1  sing N N 160 
HIS NE2 HE2  sing N N 161 
HIS OXT HXT  sing N N 162 
HOH O   H1   sing N N 163 
HOH O   H2   sing N N 164 
ILE N   CA   sing N N 165 
ILE N   H    sing N N 166 
ILE N   H2   sing N N 167 
ILE CA  C    sing N N 168 
ILE CA  CB   sing N N 169 
ILE CA  HA   sing N N 170 
ILE C   O    doub N N 171 
ILE C   OXT  sing N N 172 
ILE CB  CG1  sing N N 173 
ILE CB  CG2  sing N N 174 
ILE CB  HB   sing N N 175 
ILE CG1 CD1  sing N N 176 
ILE CG1 HG12 sing N N 177 
ILE CG1 HG13 sing N N 178 
ILE CG2 HG21 sing N N 179 
ILE CG2 HG22 sing N N 180 
ILE CG2 HG23 sing N N 181 
ILE CD1 HD11 sing N N 182 
ILE CD1 HD12 sing N N 183 
ILE CD1 HD13 sing N N 184 
ILE OXT HXT  sing N N 185 
LEU N   CA   sing N N 186 
LEU N   H    sing N N 187 
LEU N   H2   sing N N 188 
LEU CA  C    sing N N 189 
LEU CA  CB   sing N N 190 
LEU CA  HA   sing N N 191 
LEU C   O    doub N N 192 
LEU C   OXT  sing N N 193 
LEU CB  CG   sing N N 194 
LEU CB  HB2  sing N N 195 
LEU CB  HB3  sing N N 196 
LEU CG  CD1  sing N N 197 
LEU CG  CD2  sing N N 198 
LEU CG  HG   sing N N 199 
LEU CD1 HD11 sing N N 200 
LEU CD1 HD12 sing N N 201 
LEU CD1 HD13 sing N N 202 
LEU CD2 HD21 sing N N 203 
LEU CD2 HD22 sing N N 204 
LEU CD2 HD23 sing N N 205 
LEU OXT HXT  sing N N 206 
LYS N   CA   sing N N 207 
LYS N   H    sing N N 208 
LYS N   H2   sing N N 209 
LYS CA  C    sing N N 210 
LYS CA  CB   sing N N 211 
LYS CA  HA   sing N N 212 
LYS C   O    doub N N 213 
LYS C   OXT  sing N N 214 
LYS CB  CG   sing N N 215 
LYS CB  HB2  sing N N 216 
LYS CB  HB3  sing N N 217 
LYS CG  CD   sing N N 218 
LYS CG  HG2  sing N N 219 
LYS CG  HG3  sing N N 220 
LYS CD  CE   sing N N 221 
LYS CD  HD2  sing N N 222 
LYS CD  HD3  sing N N 223 
LYS CE  NZ   sing N N 224 
LYS CE  HE2  sing N N 225 
LYS CE  HE3  sing N N 226 
LYS NZ  HZ1  sing N N 227 
LYS NZ  HZ2  sing N N 228 
LYS NZ  HZ3  sing N N 229 
LYS OXT HXT  sing N N 230 
MET N   CA   sing N N 231 
MET N   H    sing N N 232 
MET N   H2   sing N N 233 
MET CA  C    sing N N 234 
MET CA  CB   sing N N 235 
MET CA  HA   sing N N 236 
MET C   O    doub N N 237 
MET C   OXT  sing N N 238 
MET CB  CG   sing N N 239 
MET CB  HB2  sing N N 240 
MET CB  HB3  sing N N 241 
MET CG  SD   sing N N 242 
MET CG  HG2  sing N N 243 
MET CG  HG3  sing N N 244 
MET SD  CE   sing N N 245 
MET CE  HE1  sing N N 246 
MET CE  HE2  sing N N 247 
MET CE  HE3  sing N N 248 
MET OXT HXT  sing N N 249 
NAG C1  C2   sing N N 250 
NAG C1  O1   sing N N 251 
NAG C1  O5   sing N N 252 
NAG C1  H1   sing N N 253 
NAG C2  C3   sing N N 254 
NAG C2  N2   sing N N 255 
NAG C2  H2   sing N N 256 
NAG C3  C4   sing N N 257 
NAG C3  O3   sing N N 258 
NAG C3  H3   sing N N 259 
NAG C4  C5   sing N N 260 
NAG C4  O4   sing N N 261 
NAG C4  H4   sing N N 262 
NAG C5  C6   sing N N 263 
NAG C5  O5   sing N N 264 
NAG C5  H5   sing N N 265 
NAG C6  O6   sing N N 266 
NAG C6  H61  sing N N 267 
NAG C6  H62  sing N N 268 
NAG C7  C8   sing N N 269 
NAG C7  N2   sing N N 270 
NAG C7  O7   doub N N 271 
NAG C8  H81  sing N N 272 
NAG C8  H82  sing N N 273 
NAG C8  H83  sing N N 274 
NAG N2  HN2  sing N N 275 
NAG O1  HO1  sing N N 276 
NAG O3  HO3  sing N N 277 
NAG O4  HO4  sing N N 278 
NAG O6  HO6  sing N N 279 
PHE N   CA   sing N N 280 
PHE N   H    sing N N 281 
PHE N   H2   sing N N 282 
PHE CA  C    sing N N 283 
PHE CA  CB   sing N N 284 
PHE CA  HA   sing N N 285 
PHE C   O    doub N N 286 
PHE C   OXT  sing N N 287 
PHE CB  CG   sing N N 288 
PHE CB  HB2  sing N N 289 
PHE CB  HB3  sing N N 290 
PHE CG  CD1  doub Y N 291 
PHE CG  CD2  sing Y N 292 
PHE CD1 CE1  sing Y N 293 
PHE CD1 HD1  sing N N 294 
PHE CD2 CE2  doub Y N 295 
PHE CD2 HD2  sing N N 296 
PHE CE1 CZ   doub Y N 297 
PHE CE1 HE1  sing N N 298 
PHE CE2 CZ   sing Y N 299 
PHE CE2 HE2  sing N N 300 
PHE CZ  HZ   sing N N 301 
PHE OXT HXT  sing N N 302 
PRO N   CA   sing N N 303 
PRO N   CD   sing N N 304 
PRO N   H    sing N N 305 
PRO CA  C    sing N N 306 
PRO CA  CB   sing N N 307 
PRO CA  HA   sing N N 308 
PRO C   O    doub N N 309 
PRO C   OXT  sing N N 310 
PRO CB  CG   sing N N 311 
PRO CB  HB2  sing N N 312 
PRO CB  HB3  sing N N 313 
PRO CG  CD   sing N N 314 
PRO CG  HG2  sing N N 315 
PRO CG  HG3  sing N N 316 
PRO CD  HD2  sing N N 317 
PRO CD  HD3  sing N N 318 
PRO OXT HXT  sing N N 319 
SER N   CA   sing N N 320 
SER N   H    sing N N 321 
SER N   H2   sing N N 322 
SER CA  C    sing N N 323 
SER CA  CB   sing N N 324 
SER CA  HA   sing N N 325 
SER C   O    doub N N 326 
SER C   OXT  sing N N 327 
SER CB  OG   sing N N 328 
SER CB  HB2  sing N N 329 
SER CB  HB3  sing N N 330 
SER OG  HG   sing N N 331 
SER OXT HXT  sing N N 332 
THR N   CA   sing N N 333 
THR N   H    sing N N 334 
THR N   H2   sing N N 335 
THR CA  C    sing N N 336 
THR CA  CB   sing N N 337 
THR CA  HA   sing N N 338 
THR C   O    doub N N 339 
THR C   OXT  sing N N 340 
THR CB  OG1  sing N N 341 
THR CB  CG2  sing N N 342 
THR CB  HB   sing N N 343 
THR OG1 HG1  sing N N 344 
THR CG2 HG21 sing N N 345 
THR CG2 HG22 sing N N 346 
THR CG2 HG23 sing N N 347 
THR OXT HXT  sing N N 348 
TRP N   CA   sing N N 349 
TRP N   H    sing N N 350 
TRP N   H2   sing N N 351 
TRP CA  C    sing N N 352 
TRP CA  CB   sing N N 353 
TRP CA  HA   sing N N 354 
TRP C   O    doub N N 355 
TRP C   OXT  sing N N 356 
TRP CB  CG   sing N N 357 
TRP CB  HB2  sing N N 358 
TRP CB  HB3  sing N N 359 
TRP CG  CD1  doub Y N 360 
TRP CG  CD2  sing Y N 361 
TRP CD1 NE1  sing Y N 362 
TRP CD1 HD1  sing N N 363 
TRP CD2 CE2  doub Y N 364 
TRP CD2 CE3  sing Y N 365 
TRP NE1 CE2  sing Y N 366 
TRP NE1 HE1  sing N N 367 
TRP CE2 CZ2  sing Y N 368 
TRP CE3 CZ3  doub Y N 369 
TRP CE3 HE3  sing N N 370 
TRP CZ2 CH2  doub Y N 371 
TRP CZ2 HZ2  sing N N 372 
TRP CZ3 CH2  sing Y N 373 
TRP CZ3 HZ3  sing N N 374 
TRP CH2 HH2  sing N N 375 
TRP OXT HXT  sing N N 376 
TYR N   CA   sing N N 377 
TYR N   H    sing N N 378 
TYR N   H2   sing N N 379 
TYR CA  C    sing N N 380 
TYR CA  CB   sing N N 381 
TYR CA  HA   sing N N 382 
TYR C   O    doub N N 383 
TYR C   OXT  sing N N 384 
TYR CB  CG   sing N N 385 
TYR CB  HB2  sing N N 386 
TYR CB  HB3  sing N N 387 
TYR CG  CD1  doub Y N 388 
TYR CG  CD2  sing Y N 389 
TYR CD1 CE1  sing Y N 390 
TYR CD1 HD1  sing N N 391 
TYR CD2 CE2  doub Y N 392 
TYR CD2 HD2  sing N N 393 
TYR CE1 CZ   doub Y N 394 
TYR CE1 HE1  sing N N 395 
TYR CE2 CZ   sing Y N 396 
TYR CE2 HE2  sing N N 397 
TYR CZ  OH   sing N N 398 
TYR OH  HH   sing N N 399 
TYR OXT HXT  sing N N 400 
VAL N   CA   sing N N 401 
VAL N   H    sing N N 402 
VAL N   H2   sing N N 403 
VAL CA  C    sing N N 404 
VAL CA  CB   sing N N 405 
VAL CA  HA   sing N N 406 
VAL C   O    doub N N 407 
VAL C   OXT  sing N N 408 
VAL CB  CG1  sing N N 409 
VAL CB  CG2  sing N N 410 
VAL CB  HB   sing N N 411 
VAL CG1 HG11 sing N N 412 
VAL CG1 HG12 sing N N 413 
VAL CG1 HG13 sing N N 414 
VAL CG2 HG21 sing N N 415 
VAL CG2 HG22 sing N N 416 
VAL CG2 HG23 sing N N 417 
VAL OXT HXT  sing N N 418 
# 
loop_
_pdbx_entity_branch_list.entity_id 
_pdbx_entity_branch_list.comp_id 
_pdbx_entity_branch_list.num 
_pdbx_entity_branch_list.hetero 
2 NAG 1 n 
2 NAG 2 n 
# 
_atom_sites.entry_id                    4NYR 
_atom_sites.fract_transf_matrix[1][1]   -0.00135269 
_atom_sites.fract_transf_matrix[1][2]   -0.03267353 
_atom_sites.fract_transf_matrix[1][3]   -0.00268809 
_atom_sites.fract_transf_matrix[2][1]   -0.00403621 
_atom_sites.fract_transf_matrix[2][2]   -0.00628142 
_atom_sites.fract_transf_matrix[2][3]   -0.03091862 
_atom_sites.fract_transf_matrix[3][1]   0.02394146 
_atom_sites.fract_transf_matrix[3][2]   -0.00631243 
_atom_sites.fract_transf_matrix[3][3]   -0.00766851 
_atom_sites.fract_transf_vector[1]      0.117034 
_atom_sites.fract_transf_vector[2]      0.890133 
_atom_sites.fract_transf_vector[3]      0.843064 
# 
loop_
_atom_type.symbol 
C 
N 
O 
S 
# 
loop_
_atom_site.group_PDB 
_atom_site.id 
_atom_site.type_symbol 
_atom_site.label_atom_id 
_atom_site.label_alt_id 
_atom_site.label_comp_id 
_atom_site.label_asym_id 
_atom_site.label_entity_id 
_atom_site.label_seq_id 
_atom_site.pdbx_PDB_ins_code 
_atom_site.Cartn_x 
_atom_site.Cartn_y 
_atom_site.Cartn_z 
_atom_site.occupancy 
_atom_site.B_iso_or_equiv 
_atom_site.pdbx_formal_charge 
_atom_site.auth_seq_id 
_atom_site.auth_comp_id 
_atom_site.auth_asym_id 
_atom_site.auth_atom_id 
_atom_site.pdbx_PDB_model_num 
ATOM   1    N N   . LYS A 1 10  ? -4.073  -8.533  12.089  1.00 19.59 ? 1   LYS A N   1 
ATOM   2    C CA  . LYS A 1 10  ? -5.231  -9.442  11.846  1.00 19.27 ? 1   LYS A CA  1 
ATOM   3    C C   . LYS A 1 10  ? -5.185  -9.925  10.414  1.00 18.46 ? 1   LYS A C   1 
ATOM   4    O O   . LYS A 1 10  ? -4.910  -9.142  9.497   1.00 18.73 ? 1   LYS A O   1 
ATOM   5    C CB  . LYS A 1 10  ? -6.571  -8.745  12.125  1.00 19.36 ? 1   LYS A CB  1 
ATOM   6    C CG  . LYS A 1 10  ? -7.748  -9.715  12.135  1.00 21.09 ? 1   LYS A CG  1 
ATOM   7    C CD  . LYS A 1 10  ? -9.042  -9.064  12.609  1.00 21.46 ? 1   LYS A CD  1 
ATOM   8    C CE  . LYS A 1 10  ? -10.218 -10.016 12.539  1.00 20.62 ? 1   LYS A CE  1 
ATOM   9    N NZ  . LYS A 1 10  ? -11.501 -9.277  12.726  1.00 22.09 ? 1   LYS A NZ  1 
ATOM   10   N N   . GLU A 1 11  ? -5.424  -11.219 10.226  1.00 17.66 ? 2   GLU A N   1 
ATOM   11   C CA  . GLU A 1 11  ? -5.689  -11.745 8.896   1.00 16.44 ? 2   GLU A CA  1 
ATOM   12   C C   . GLU A 1 11  ? -7.081  -11.228 8.511   1.00 16.01 ? 2   GLU A C   1 
ATOM   13   O O   . GLU A 1 11  ? -7.985  -11.201 9.355   1.00 15.24 ? 2   GLU A O   1 
ATOM   14   C CB  . GLU A 1 11  ? -5.664  -13.254 8.925   1.00 16.14 ? 2   GLU A CB  1 
ATOM   15   C CG  . GLU A 1 11  ? -4.316  -13.822 9.344   1.00 17.19 ? 2   GLU A CG  1 
ATOM   16   C CD  . GLU A 1 11  ? -3.330  -13.916 8.183   1.00 16.89 ? 2   GLU A CD  1 
ATOM   17   O OE1 . GLU A 1 11  ? -3.628  -14.682 7.232   1.00 16.17 ? 2   GLU A OE1 1 
ATOM   18   O OE2 . GLU A 1 11  ? -2.274  -13.221 8.223   1.00 16.67 ? 2   GLU A OE2 1 
ATOM   19   N N   . PRO A 1 12  ? -7.221  -10.743 7.270   1.00 15.60 ? 3   PRO A N   1 
ATOM   20   C CA  . PRO A 1 12  ? -8.477  -10.226 6.734   1.00 16.45 ? 3   PRO A CA  1 
ATOM   21   C C   . PRO A 1 12  ? -9.371  -11.372 6.218   1.00 18.28 ? 3   PRO A C   1 
ATOM   22   O O   . PRO A 1 12  ? -8.889  -12.486 6.061   1.00 19.55 ? 3   PRO A O   1 
ATOM   23   C CB  . PRO A 1 12  ? -8.019  -9.375  5.537   1.00 16.03 ? 3   PRO A CB  1 
ATOM   24   C CG  . PRO A 1 12  ? -6.711  -9.989  5.096   1.00 15.55 ? 3   PRO A CG  1 
ATOM   25   C CD  . PRO A 1 12  ? -6.095  -10.624 6.314   1.00 15.11 ? 3   PRO A CD  1 
ATOM   26   N N   . CYS A 1 13  ? -10.646 -11.106 5.958   1.00 19.30 ? 4   CYS A N   1 
ATOM   27   C CA  . CYS A 1 13  ? -11.489 -12.028 5.225   1.00 20.45 ? 4   CYS A CA  1 
ATOM   28   C C   . CYS A 1 13  ? -11.642 -11.438 3.828   1.00 21.88 ? 4   CYS A C   1 
ATOM   29   O O   . CYS A 1 13  ? -12.508 -10.604 3.616   1.00 22.54 ? 4   CYS A O   1 
ATOM   30   C CB  . CYS A 1 13  ? -12.850 -12.181 5.939   1.00 21.10 ? 4   CYS A CB  1 
ATOM   31   S SG  . CYS A 1 13  ? -13.741 -10.617 6.198   1.00 24.68 ? 4   CYS A SG  1 
ATOM   32   N N   . PRO A 1 14  ? -10.783 -11.824 2.863   1.00 23.44 ? 5   PRO A N   1 
ATOM   33   C CA  . PRO A 1 14  ? -10.872 -11.076 1.590   1.00 25.68 ? 5   PRO A CA  1 
ATOM   34   C C   . PRO A 1 14  ? -12.215 -11.318 0.926   1.00 29.17 ? 5   PRO A C   1 
ATOM   35   O O   . PRO A 1 14  ? -12.826 -12.345 1.184   1.00 30.31 ? 5   PRO A O   1 
ATOM   36   C CB  . PRO A 1 14  ? -9.725  -11.647 0.738   1.00 25.74 ? 5   PRO A CB  1 
ATOM   37   C CG  . PRO A 1 14  ? -8.839  -12.399 1.694   1.00 25.74 ? 5   PRO A CG  1 
ATOM   38   C CD  . PRO A 1 14  ? -9.736  -12.860 2.830   1.00 24.60 ? 5   PRO A CD  1 
ATOM   39   N N   . PRO A 1 15  ? -12.697 -10.372 0.094   1.00 33.30 ? 6   PRO A N   1 
ATOM   40   C CA  . PRO A 1 15  ? -14.018 -10.581 -0.519  1.00 34.62 ? 6   PRO A CA  1 
ATOM   41   C C   . PRO A 1 15  ? -13.885 -11.609 -1.632  1.00 40.23 ? 6   PRO A C   1 
ATOM   42   O O   . PRO A 1 15  ? -12.773 -11.824 -2.139  1.00 42.58 ? 6   PRO A O   1 
ATOM   43   C CB  . PRO A 1 15  ? -14.343 -9.212  -1.099  1.00 31.83 ? 6   PRO A CB  1 
ATOM   44   C CG  . PRO A 1 15  ? -13.018 -8.669  -1.481  1.00 30.99 ? 6   PRO A CG  1 
ATOM   45   C CD  . PRO A 1 15  ? -11.997 -9.223  -0.516  1.00 31.68 ? 6   PRO A CD  1 
ATOM   46   N N   . GLU A 1 16  ? -14.990 -12.226 -2.031  1.00 44.90 ? 7   GLU A N   1 
ATOM   47   C CA  . GLU A 1 16  ? -14.910 -13.478 -2.790  1.00 48.58 ? 7   GLU A CA  1 
ATOM   48   C C   . GLU A 1 16  ? -14.431 -13.379 -4.264  1.00 49.76 ? 7   GLU A C   1 
ATOM   49   O O   . GLU A 1 16  ? -13.460 -14.037 -4.660  1.00 50.56 ? 7   GLU A O   1 
ATOM   50   C CB  . GLU A 1 16  ? -16.223 -14.243 -2.655  1.00 47.57 ? 7   GLU A CB  1 
ATOM   51   C CG  . GLU A 1 16  ? -15.998 -15.623 -2.097  1.00 48.40 ? 7   GLU A CG  1 
ATOM   52   C CD  . GLU A 1 16  ? -16.812 -16.649 -2.827  1.00 51.97 ? 7   GLU A CD  1 
ATOM   53   O OE1 . GLU A 1 16  ? -18.054 -16.485 -2.828  1.00 50.41 ? 7   GLU A OE1 1 
ATOM   54   O OE2 . GLU A 1 16  ? -16.206 -17.599 -3.398  1.00 50.36 ? 7   GLU A OE2 1 
ATOM   55   N N   . ASN A 1 17  ? -15.105 -12.569 -5.071  1.00 51.47 ? 8   ASN A N   1 
ATOM   56   C CA  . ASN A 1 17  ? -14.682 -12.353 -6.458  1.00 53.76 ? 8   ASN A CA  1 
ATOM   57   C C   . ASN A 1 17  ? -14.424 -10.880 -6.734  1.00 49.38 ? 8   ASN A C   1 
ATOM   58   O O   . ASN A 1 17  ? -15.106 -10.251 -7.543  1.00 50.30 ? 8   ASN A O   1 
ATOM   59   C CB  . ASN A 1 17  ? -15.667 -12.970 -7.476  1.00 58.40 ? 8   ASN A CB  1 
ATOM   60   C CG  . ASN A 1 17  ? -17.013 -13.341 -6.859  1.00 61.17 ? 8   ASN A CG  1 
ATOM   61   O OD1 . ASN A 1 17  ? -17.496 -12.684 -5.929  1.00 61.46 ? 8   ASN A OD1 1 
ATOM   62   N ND2 . ASN A 1 17  ? -17.625 -14.404 -7.375  1.00 58.89 ? 8   ASN A ND2 1 
ATOM   63   N N   . LEU A 1 18  ? -13.438 -10.339 -6.024  1.00 43.95 ? 9   LEU A N   1 
ATOM   64   C CA  . LEU A 1 18  ? -12.912 -9.022  -6.301  1.00 40.85 ? 9   LEU A CA  1 
ATOM   65   C C   . LEU A 1 18  ? -12.155 -9.006  -7.634  1.00 43.24 ? 9   LEU A C   1 
ATOM   66   O O   . LEU A 1 18  ? -11.160 -9.733  -7.809  1.00 41.17 ? 9   LEU A O   1 
ATOM   67   C CB  . LEU A 1 18  ? -11.963 -8.598  -5.193  1.00 35.81 ? 9   LEU A CB  1 
ATOM   68   C CG  . LEU A 1 18  ? -11.890 -7.151  -4.737  1.00 32.09 ? 9   LEU A CG  1 
ATOM   69   C CD1 . LEU A 1 18  ? -10.656 -7.051  -3.879  1.00 32.46 ? 9   LEU A CD1 1 
ATOM   70   C CD2 . LEU A 1 18  ? -11.850 -6.114  -5.844  1.00 31.43 ? 9   LEU A CD2 1 
ATOM   71   N N   . GLN A 1 19  ? -12.645 -8.182  -8.566  1.00 44.66 ? 10  GLN A N   1 
ATOM   72   C CA  . GLN A 1 19  ? -11.919 -7.882  -9.790  1.00 47.14 ? 10  GLN A CA  1 
ATOM   73   C C   . GLN A 1 19  ? -10.765 -6.927  -9.459  1.00 43.22 ? 10  GLN A C   1 
ATOM   74   O O   . GLN A 1 19  ? -10.993 -5.883  -8.845  1.00 44.35 ? 10  GLN A O   1 
ATOM   75   C CB  . GLN A 1 19  ? -12.838 -7.228  -10.837 1.00 52.11 ? 10  GLN A CB  1 
ATOM   76   C CG  . GLN A 1 19  ? -13.984 -8.079  -11.400 1.00 57.71 ? 10  GLN A CG  1 
ATOM   77   C CD  . GLN A 1 19  ? -13.570 -9.474  -11.866 1.00 59.94 ? 10  GLN A CD  1 
ATOM   78   O OE1 . GLN A 1 19  ? -13.561 -10.423 -11.074 1.00 61.38 ? 10  GLN A OE1 1 
ATOM   79   N NE2 . GLN A 1 19  ? -13.259 -9.612  -13.160 1.00 56.70 ? 10  GLN A NE2 1 
ATOM   80   N N   . LEU A 1 20  ? -9.536  -7.296  -9.836  1.00 35.89 ? 11  LEU A N   1 
ATOM   81   C CA  . LEU A 1 20  ? -8.445  -6.327  -9.917  1.00 30.63 ? 11  LEU A CA  1 
ATOM   82   C C   . LEU A 1 20  ? -8.257  -5.903  -11.352 1.00 30.16 ? 11  LEU A C   1 
ATOM   83   O O   . LEU A 1 20  ? -7.480  -6.528  -12.079 1.00 30.61 ? 11  LEU A O   1 
ATOM   84   C CB  . LEU A 1 20  ? -7.136  -6.921  -9.466  1.00 27.50 ? 11  LEU A CB  1 
ATOM   85   C CG  . LEU A 1 20  ? -6.028  -5.923  -9.092  1.00 26.75 ? 11  LEU A CG  1 
ATOM   86   C CD1 . LEU A 1 20  ? -4.713  -6.487  -9.569  1.00 26.79 ? 11  LEU A CD1 1 
ATOM   87   C CD2 . LEU A 1 20  ? -6.192  -4.493  -9.590  1.00 24.97 ? 11  LEU A CD2 1 
ATOM   88   N N   . THR A 1 21  ? -8.922  -4.832  -11.764 1.00 27.83 ? 12  THR A N   1 
ATOM   89   C CA  . THR A 1 21  ? -8.787  -4.382  -13.157 1.00 27.16 ? 12  THR A CA  1 
ATOM   90   C C   . THR A 1 21  ? -7.348  -4.068  -13.569 1.00 24.26 ? 12  THR A C   1 
ATOM   91   O O   . THR A 1 21  ? -6.621  -3.460  -12.780 1.00 23.77 ? 12  THR A O   1 
ATOM   92   C CB  . THR A 1 21  ? -9.542  -3.083  -13.364 1.00 28.14 ? 12  THR A CB  1 
ATOM   93   O OG1 . THR A 1 21  ? -10.547 -2.957  -12.348 1.00 30.05 ? 12  THR A OG1 1 
ATOM   94   C CG2 . THR A 1 21  ? -10.125 -3.047  -14.764 1.00 27.84 ? 12  THR A CG2 1 
ATOM   95   N N   . PRO A 1 22  ? -6.937  -4.445  -14.807 1.00 22.95 ? 13  PRO A N   1 
ATOM   96   C CA  . PRO A 1 22  ? -5.621  -3.977  -15.288 1.00 21.87 ? 13  PRO A CA  1 
ATOM   97   C C   . PRO A 1 22  ? -5.548  -2.443  -15.401 1.00 20.28 ? 13  PRO A C   1 
ATOM   98   O O   . PRO A 1 22  ? -6.545  -1.776  -15.747 1.00 18.79 ? 13  PRO A O   1 
ATOM   99   C CB  . PRO A 1 22  ? -5.485  -4.660  -16.649 1.00 23.35 ? 13  PRO A CB  1 
ATOM   100  C CG  . PRO A 1 22  ? -6.338  -5.912  -16.515 1.00 22.61 ? 13  PRO A CG  1 
ATOM   101  C CD  . PRO A 1 22  ? -7.533  -5.407  -15.757 1.00 23.22 ? 13  PRO A CD  1 
ATOM   102  N N   . ARG A 1 23  ? -4.371  -1.915  -15.046 1.00 17.48 ? 14  ARG A N   1 
ATOM   103  C CA  . ARG A 1 23  ? -4.117  -0.480  -14.934 1.00 15.86 ? 14  ARG A CA  1 
ATOM   104  C C   . ARG A 1 23  ? -4.806  0.228   -13.784 1.00 14.75 ? 14  ARG A C   1 
ATOM   105  O O   . ARG A 1 23  ? -4.629  1.414   -13.615 1.00 14.45 ? 14  ARG A O   1 
ATOM   106  C CB  . ARG A 1 23  ? -4.368  0.239   -16.254 1.00 15.84 ? 14  ARG A CB  1 
ATOM   107  C CG  . ARG A 1 23  ? -3.611  -0.461  -17.344 1.00 15.41 ? 14  ARG A CG  1 
ATOM   108  C CD  . ARG A 1 23  ? -3.299  0.462   -18.446 1.00 15.38 ? 14  ARG A CD  1 
ATOM   109  N NE  . ARG A 1 23  ? -2.604  -0.330  -19.413 1.00 16.46 ? 14  ARG A NE  1 
ATOM   110  C CZ  . ARG A 1 23  ? -1.739  0.170   -20.275 1.00 17.37 ? 14  ARG A CZ  1 
ATOM   111  N NH1 . ARG A 1 23  ? -1.471  1.468   -20.272 1.00 17.77 ? 14  ARG A NH1 1 
ATOM   112  N NH2 . ARG A 1 23  ? -1.131  -0.634  -21.123 1.00 17.72 ? 14  ARG A NH2 1 
ATOM   113  N N   . ALA A 1 24  ? -5.532  -0.483  -12.951 1.00 13.92 ? 15  ALA A N   1 
ATOM   114  C CA  . ALA A 1 24  ? -6.156  0.177   -11.834 1.00 14.03 ? 15  ALA A CA  1 
ATOM   115  C C   . ALA A 1 24  ? -5.127  0.800   -10.877 1.00 14.89 ? 15  ALA A C   1 
ATOM   116  O O   . ALA A 1 24  ? -5.510  1.569   -9.994  1.00 15.49 ? 15  ALA A O   1 
ATOM   117  C CB  . ALA A 1 24  ? -7.072  -0.786  -11.095 1.00 14.08 ? 15  ALA A CB  1 
ATOM   118  N N   . LEU A 1 25  ? -3.842  0.464   -11.037 1.00 14.48 ? 16  LEU A N   1 
ATOM   119  C CA  . LEU A 1 25  ? -2.784  0.929   -10.135 1.00 14.31 ? 16  LEU A CA  1 
ATOM   120  C C   . LEU A 1 25  ? -1.790  1.859   -10.813 1.00 13.97 ? 16  LEU A C   1 
ATOM   121  O O   . LEU A 1 25  ? -0.833  2.305   -10.194 1.00 13.98 ? 16  LEU A O   1 
ATOM   122  C CB  . LEU A 1 25  ? -2.013  -0.258  -9.538  1.00 14.46 ? 16  LEU A CB  1 
ATOM   123  C CG  . LEU A 1 25  ? -2.850  -1.378  -8.906  1.00 15.11 ? 16  LEU A CG  1 
ATOM   124  C CD1 . LEU A 1 25  ? -1.962  -2.449  -8.274  1.00 14.38 ? 16  LEU A CD1 1 
ATOM   125  C CD2 . LEU A 1 25  ? -3.849  -0.824  -7.883  1.00 15.36 ? 16  LEU A CD2 1 
ATOM   126  N N   . VAL A 1 26  ? -2.000  2.127   -12.093 1.00 13.26 ? 17  VAL A N   1 
ATOM   127  C CA  . VAL A 1 26  ? -1.188  3.093   -12.808 1.00 12.99 ? 17  VAL A CA  1 
ATOM   128  C C   . VAL A 1 26  ? -1.097  4.416   -12.016 1.00 12.34 ? 17  VAL A C   1 
ATOM   129  O O   . VAL A 1 26  ? -2.092  4.849   -11.459 1.00 11.70 ? 17  VAL A O   1 
ATOM   130  C CB  . VAL A 1 26  ? -1.760  3.329   -14.240 1.00 13.04 ? 17  VAL A CB  1 
ATOM   131  C CG1 . VAL A 1 26  ? -1.509  4.744   -14.744 1.00 13.11 ? 17  VAL A CG1 1 
ATOM   132  C CG2 . VAL A 1 26  ? -1.134  2.338   -15.215 1.00 13.61 ? 17  VAL A CG2 1 
ATOM   133  N N   . GLY A 1 27  ? 0.105   5.014   -11.967 1.00 11.43 ? 18  GLY A N   1 
ATOM   134  C CA  . GLY A 1 27  ? 0.294   6.396   -11.559 1.00 10.50 ? 18  GLY A CA  1 
ATOM   135  C C   . GLY A 1 27  ? 0.855   6.529   -10.163 1.00 10.59 ? 18  GLY A C   1 
ATOM   136  O O   . GLY A 1 27  ? 1.384   5.564   -9.595  1.00 10.33 ? 18  GLY A O   1 
ATOM   137  N N   . LYS A 1 28  ? 0.699   7.740   -9.618  1.00 10.36 ? 19  LYS A N   1 
ATOM   138  C CA  . LYS A 1 28  ? 1.163   8.129   -8.300  1.00 10.36 ? 19  LYS A CA  1 
ATOM   139  C C   . LYS A 1 28  ? 0.244   7.733   -7.118  1.00 10.29 ? 19  LYS A C   1 
ATOM   140  O O   . LYS A 1 28  ? -0.981  7.934   -7.136  1.00 9.88  ? 19  LYS A O   1 
ATOM   141  C CB  . LYS A 1 28  ? 1.441   9.621   -8.279  1.00 10.73 ? 19  LYS A CB  1 
ATOM   142  C CG  . LYS A 1 28  ? 2.222   10.085  -7.068  1.00 11.72 ? 19  LYS A CG  1 
ATOM   143  C CD  . LYS A 1 28  ? 3.082   11.311  -7.347  1.00 12.73 ? 19  LYS A CD  1 
ATOM   144  C CE  . LYS A 1 28  ? 2.285   12.447  -8.014  1.00 14.14 ? 19  LYS A CE  1 
ATOM   145  N NZ  . LYS A 1 28  ? 1.100   12.976  -7.252  1.00 14.28 ? 19  LYS A NZ  1 
ATOM   146  N N   . TRP A 1 29  ? 0.868   7.155   -6.093  1.00 9.82  ? 20  TRP A N   1 
ATOM   147  C CA  . TRP A 1 29  ? 0.191   6.835   -4.863  1.00 9.32  ? 20  TRP A CA  1 
ATOM   148  C C   . TRP A 1 29  ? 1.102   7.218   -3.710  1.00 9.13  ? 20  TRP A C   1 
ATOM   149  O O   . TRP A 1 29  ? 2.354   7.262   -3.854  1.00 8.55  ? 20  TRP A O   1 
ATOM   150  C CB  . TRP A 1 29  ? -0.132  5.344   -4.753  1.00 9.50  ? 20  TRP A CB  1 
ATOM   151  C CG  . TRP A 1 29  ? -0.880  4.785   -5.910  1.00 9.79  ? 20  TRP A CG  1 
ATOM   152  C CD1 . TRP A 1 29  ? -0.341  4.282   -7.067  1.00 9.65  ? 20  TRP A CD1 1 
ATOM   153  C CD2 . TRP A 1 29  ? -2.321  4.647   -6.039  1.00 10.03 ? 20  TRP A CD2 1 
ATOM   154  N NE1 . TRP A 1 29  ? -1.353  3.827   -7.896  1.00 10.00 ? 20  TRP A NE1 1 
ATOM   155  C CE2 . TRP A 1 29  ? -2.571  4.055   -7.307  1.00 9.81  ? 20  TRP A CE2 1 
ATOM   156  C CE3 . TRP A 1 29  ? -3.415  4.949   -5.199  1.00 10.18 ? 20  TRP A CE3 1 
ATOM   157  C CZ2 . TRP A 1 29  ? -3.857  3.769   -7.763  1.00 9.78  ? 20  TRP A CZ2 1 
ATOM   158  C CZ3 . TRP A 1 29  ? -4.719  4.664   -5.665  1.00 10.13 ? 20  TRP A CZ3 1 
ATOM   159  C CH2 . TRP A 1 29  ? -4.913  4.068   -6.949  1.00 10.08 ? 20  TRP A CH2 1 
ATOM   160  N N   . TYR A 1 30  ? 0.446   7.496   -2.576  1.00 8.61  ? 21  TYR A N   1 
ATOM   161  C CA  . TYR A 1 30  ? 1.105   7.790   -1.325  1.00 8.44  ? 21  TYR A CA  1 
ATOM   162  C C   . TYR A 1 30  ? 0.677   6.737   -0.340  1.00 8.50  ? 21  TYR A C   1 
ATOM   163  O O   . TYR A 1 30  ? -0.524  6.572   -0.085  1.00 8.63  ? 21  TYR A O   1 
ATOM   164  C CB  . TYR A 1 30  ? 0.652   9.153   -0.814  1.00 8.35  ? 21  TYR A CB  1 
ATOM   165  C CG  . TYR A 1 30  ? 0.877   10.228  -1.807  1.00 8.02  ? 21  TYR A CG  1 
ATOM   166  C CD1 . TYR A 1 30  ? 2.108   10.836  -1.908  1.00 8.22  ? 21  TYR A CD1 1 
ATOM   167  C CD2 . TYR A 1 30  ? -0.117  10.616  -2.660  1.00 7.93  ? 21  TYR A CD2 1 
ATOM   168  C CE1 . TYR A 1 30  ? 2.349   11.828  -2.836  1.00 8.01  ? 21  TYR A CE1 1 
ATOM   169  C CE2 . TYR A 1 30  ? 0.099   11.597  -3.577  1.00 8.01  ? 21  TYR A CE2 1 
ATOM   170  C CZ  . TYR A 1 30  ? 1.342   12.203  -3.649  1.00 8.17  ? 21  TYR A CZ  1 
ATOM   171  O OH  . TYR A 1 30  ? 1.581   13.180  -4.565  1.00 8.38  ? 21  TYR A OH  1 
ATOM   172  N N   . LEU A 1 31  ? 1.643   6.020   0.218   1.00 8.36  ? 22  LEU A N   1 
ATOM   173  C CA  . LEU A 1 31  ? 1.325   4.957   1.152   1.00 8.40  ? 22  LEU A CA  1 
ATOM   174  C C   . LEU A 1 31  ? 1.341   5.589   2.521   1.00 8.27  ? 22  LEU A C   1 
ATOM   175  O O   . LEU A 1 31  ? 2.384   5.715   3.130   1.00 8.35  ? 22  LEU A O   1 
ATOM   176  C CB  . LEU A 1 31  ? 2.396   3.870   1.090   1.00 8.65  ? 22  LEU A CB  1 
ATOM   177  C CG  . LEU A 1 31  ? 1.939   2.446   1.391   1.00 9.01  ? 22  LEU A CG  1 
ATOM   178  C CD1 . LEU A 1 31  ? 3.089   1.503   1.043   1.00 9.15  ? 22  LEU A CD1 1 
ATOM   179  C CD2 . LEU A 1 31  ? 1.466   2.229   2.835   1.00 9.02  ? 22  LEU A CD2 1 
ATOM   180  N N   . ARG A 1 32  ? 0.174   5.985   2.998   1.00 8.20  ? 23  ARG A N   1 
ATOM   181  C CA  . ARG A 1 32  ? 0.049   6.814   4.189   1.00 7.96  ? 23  ARG A CA  1 
ATOM   182  C C   . ARG A 1 32  ? -0.441  6.091   5.444   1.00 7.88  ? 23  ARG A C   1 
ATOM   183  O O   . ARG A 1 32  ? -0.386  6.677   6.509   1.00 7.95  ? 23  ARG A O   1 
ATOM   184  C CB  . ARG A 1 32  ? -0.882  7.982   3.903   1.00 7.96  ? 23  ARG A CB  1 
ATOM   185  C CG  . ARG A 1 32  ? -0.327  9.019   2.928   1.00 7.99  ? 23  ARG A CG  1 
ATOM   186  C CD  . ARG A 1 32  ? 0.886   9.739   3.513   1.00 7.96  ? 23  ARG A CD  1 
ATOM   187  N NE  . ARG A 1 32  ? 1.254   10.852  2.676   1.00 7.80  ? 23  ARG A NE  1 
ATOM   188  C CZ  . ARG A 1 32  ? 2.323   10.895  1.903   1.00 7.79  ? 23  ARG A CZ  1 
ATOM   189  N NH1 . ARG A 1 32  ? 3.182   9.875   1.895   1.00 7.68  ? 23  ARG A NH1 1 
ATOM   190  N NH2 . ARG A 1 32  ? 2.537   11.982  1.149   1.00 7.67  ? 23  ARG A NH2 1 
ATOM   191  N N   . THR A 1 33  ? -0.888  4.830   5.327   1.00 7.59  ? 24  THR A N   1 
ATOM   192  C CA  . THR A 1 33  ? -1.593  4.154   6.430   1.00 7.54  ? 24  THR A CA  1 
ATOM   193  C C   . THR A 1 33  ? -1.431  2.611   6.420   1.00 7.53  ? 24  THR A C   1 
ATOM   194  O O   . THR A 1 33  ? -1.575  1.925   5.399   1.00 7.40  ? 24  THR A O   1 
ATOM   195  C CB  . THR A 1 33  ? -3.097  4.521   6.416   1.00 7.51  ? 24  THR A CB  1 
ATOM   196  O OG1 . THR A 1 33  ? -3.217  5.950   6.478   1.00 7.90  ? 24  THR A OG1 1 
ATOM   197  C CG2 . THR A 1 33  ? -3.802  3.946   7.583   1.00 7.40  ? 24  THR A CG2 1 
ATOM   198  N N   . THR A 1 34  ? -1.214  2.060   7.591   1.00 7.30  ? 25  THR A N   1 
ATOM   199  C CA  . THR A 1 34  ? -0.607  0.787   7.655   1.00 7.14  ? 25  THR A CA  1 
ATOM   200  C C   . THR A 1 34  ? -0.999  0.124   8.943   1.00 6.98  ? 25  THR A C   1 
ATOM   201  O O   . THR A 1 34  ? -1.308  0.796   9.926   1.00 6.84  ? 25  THR A O   1 
ATOM   202  C CB  . THR A 1 34  ? 0.909   1.039   7.470   1.00 7.33  ? 25  THR A CB  1 
ATOM   203  O OG1 . THR A 1 34  ? 1.304   0.498   6.212   1.00 7.98  ? 25  THR A OG1 1 
ATOM   204  C CG2 . THR A 1 34  ? 1.765   0.485   8.560   1.00 7.03  ? 25  THR A CG2 1 
ATOM   205  N N   . SER A 1 35  ? -1.044  -1.199  8.904   1.00 7.06  ? 26  SER A N   1 
ATOM   206  C CA  . SER A 1 35  ? -1.272  -2.010  10.090  1.00 7.07  ? 26  SER A CA  1 
ATOM   207  C C   . SER A 1 35  ? -0.460  -3.303  9.982   1.00 7.38  ? 26  SER A C   1 
ATOM   208  O O   . SER A 1 35  ? -0.688  -4.082  9.057   1.00 7.14  ? 26  SER A O   1 
ATOM   209  C CB  . SER A 1 35  ? -2.752  -2.330  10.222  1.00 6.74  ? 26  SER A CB  1 
ATOM   210  O OG  . SER A 1 35  ? -2.998  -3.147  11.336  1.00 6.45  ? 26  SER A OG  1 
ATOM   211  N N   . PRO A 1 36  ? 0.511   -3.513  10.905  1.00 7.76  ? 27  PRO A N   1 
ATOM   212  C CA  . PRO A 1 36  ? 0.837   -2.566  11.969  1.00 8.36  ? 27  PRO A CA  1 
ATOM   213  C C   . PRO A 1 36  ? 1.577   -1.337  11.399  1.00 9.00  ? 27  PRO A C   1 
ATOM   214  O O   . PRO A 1 36  ? 1.938   -1.350  10.220  1.00 8.68  ? 27  PRO A O   1 
ATOM   215  C CB  . PRO A 1 36  ? 1.791   -3.377  12.862  1.00 8.30  ? 27  PRO A CB  1 
ATOM   216  C CG  . PRO A 1 36  ? 2.525   -4.244  11.894  1.00 7.79  ? 27  PRO A CG  1 
ATOM   217  C CD  . PRO A 1 36  ? 1.463   -4.643  10.893  1.00 7.84  ? 27  PRO A CD  1 
ATOM   218  N N   . ASP A 1 37  ? 1.808   -0.330  12.262  1.00 9.84  ? 28  ASP A N   1 
ATOM   219  C CA  . ASP A 1 37  ? 2.434   0.958   11.934  1.00 10.58 ? 28  ASP A CA  1 
ATOM   220  C C   . ASP A 1 37  ? 3.906   0.795   11.623  1.00 10.81 ? 28  ASP A C   1 
ATOM   221  O O   . ASP A 1 37  ? 4.662   0.342   12.485  1.00 11.60 ? 28  ASP A O   1 
ATOM   222  C CB  . ASP A 1 37  ? 2.337   1.874   13.138  1.00 11.38 ? 28  ASP A CB  1 
ATOM   223  C CG  . ASP A 1 37  ? 2.644   3.337   12.798  1.00 12.92 ? 28  ASP A CG  1 
ATOM   224  O OD1 . ASP A 1 37  ? 3.248   3.644   11.730  1.00 13.18 ? 28  ASP A OD1 1 
ATOM   225  O OD2 . ASP A 1 37  ? 2.248   4.207   13.615  1.00 13.49 ? 28  ASP A OD2 1 
ATOM   226  N N   . ILE A 1 38  ? 4.323   1.190   10.424  1.00 10.46 ? 29  ILE A N   1 
ATOM   227  C CA  . ILE A 1 38  ? 5.699   0.990   9.969   1.00 10.22 ? 29  ILE A CA  1 
ATOM   228  C C   . ILE A 1 38  ? 6.435   2.294   9.888   1.00 11.00 ? 29  ILE A C   1 
ATOM   229  O O   . ILE A 1 38  ? 7.609   2.317   9.497   1.00 11.21 ? 29  ILE A O   1 
ATOM   230  C CB  . ILE A 1 38  ? 5.749   0.364   8.572   1.00 9.81  ? 29  ILE A CB  1 
ATOM   231  C CG1 . ILE A 1 38  ? 5.195   1.374   7.531   1.00 9.71  ? 29  ILE A CG1 1 
ATOM   232  C CG2 . ILE A 1 38  ? 5.075   -1.008  8.609   1.00 9.43  ? 29  ILE A CG2 1 
ATOM   233  C CD1 . ILE A 1 38  ? 5.269   0.945   6.079   1.00 9.85  ? 29  ILE A CD1 1 
ATOM   234  N N   . PHE A 1 39  ? 5.775   3.382   10.273  1.00 11.30 ? 30  PHE A N   1 
ATOM   235  C CA  . PHE A 1 39  ? 6.320   4.705   9.980   1.00 12.75 ? 30  PHE A CA  1 
ATOM   236  C C   . PHE A 1 39  ? 7.489   5.214   10.828  1.00 14.41 ? 30  PHE A C   1 
ATOM   237  O O   . PHE A 1 39  ? 8.118   6.225   10.488  1.00 14.96 ? 30  PHE A O   1 
ATOM   238  C CB  . PHE A 1 39  ? 5.200   5.750   9.793   1.00 11.88 ? 30  PHE A CB  1 
ATOM   239  C CG  . PHE A 1 39  ? 4.322   5.420   8.634   1.00 10.96 ? 30  PHE A CG  1 
ATOM   240  C CD1 . PHE A 1 39  ? 4.835   5.486   7.334   1.00 10.62 ? 30  PHE A CD1 1 
ATOM   241  C CD2 . PHE A 1 39  ? 3.043   4.927   8.835   1.00 10.23 ? 30  PHE A CD2 1 
ATOM   242  C CE1 . PHE A 1 39  ? 4.075   5.094   6.258   1.00 9.88  ? 30  PHE A CE1 1 
ATOM   243  C CE2 . PHE A 1 39  ? 2.275   4.573   7.753   1.00 9.97  ? 30  PHE A CE2 1 
ATOM   244  C CZ  . PHE A 1 39  ? 2.789   4.666   6.469   1.00 9.78  ? 30  PHE A CZ  1 
ATOM   245  N N   . LYS A 1 40  ? 7.800   4.516   11.904  1.00 16.25 ? 31  LYS A N   1 
ATOM   246  C CA  . LYS A 1 40  ? 9.032   4.827   12.629  1.00 18.87 ? 31  LYS A CA  1 
ATOM   247  C C   . LYS A 1 40  ? 10.280  4.222   11.958  1.00 19.03 ? 31  LYS A C   1 
ATOM   248  O O   . LYS A 1 40  ? 11.394  4.577   12.304  1.00 20.35 ? 31  LYS A O   1 
ATOM   249  C CB  . LYS A 1 40  ? 8.925   4.408   14.091  1.00 20.07 ? 31  LYS A CB  1 
ATOM   250  C CG  . LYS A 1 40  ? 7.775   5.053   14.863  1.00 21.57 ? 31  LYS A CG  1 
ATOM   251  C CD  . LYS A 1 40  ? 7.669   6.584   14.763  1.00 22.46 ? 31  LYS A CD  1 
ATOM   252  C CE  . LYS A 1 40  ? 6.327   7.038   15.395  1.00 23.88 ? 31  LYS A CE  1 
ATOM   253  N NZ  . LYS A 1 40  ? 5.929   8.471   15.217  1.00 22.56 ? 31  LYS A NZ  1 
ATOM   254  N N   . GLN A 1 41  ? 10.089  3.339   10.977  1.00 19.44 ? 32  GLN A N   1 
ATOM   255  C CA  . GLN A 1 41  ? 11.221  2.775   10.252  1.00 19.17 ? 32  GLN A CA  1 
ATOM   256  C C   . GLN A 1 41  ? 11.429  3.308   8.841   1.00 17.14 ? 32  GLN A C   1 
ATOM   257  O O   . GLN A 1 41  ? 12.573  3.320   8.342   1.00 17.66 ? 32  GLN A O   1 
ATOM   258  C CB  . GLN A 1 41  ? 11.210  1.245   10.301  1.00 21.32 ? 32  GLN A CB  1 
ATOM   259  C CG  . GLN A 1 41  ? 10.361  0.514   9.297   1.00 24.43 ? 32  GLN A CG  1 
ATOM   260  C CD  . GLN A 1 41  ? 10.684  -0.982  9.252   1.00 29.13 ? 32  GLN A CD  1 
ATOM   261  O OE1 . GLN A 1 41  ? 11.109  -1.583  10.255  1.00 30.78 ? 32  GLN A OE1 1 
ATOM   262  N NE2 . GLN A 1 41  ? 10.488  -1.592  8.088   1.00 29.38 ? 32  GLN A NE2 1 
ATOM   263  N N   . VAL A 1 42  ? 10.329  3.736   8.222   1.00 14.50 ? 33  VAL A N   1 
ATOM   264  C CA  . VAL A 1 42  ? 10.288  4.295   6.875   1.00 13.44 ? 33  VAL A CA  1 
ATOM   265  C C   . VAL A 1 42  ? 9.179   5.392   6.825   1.00 13.19 ? 33  VAL A C   1 
ATOM   266  O O   . VAL A 1 42  ? 8.162   5.308   7.544   1.00 13.88 ? 33  VAL A O   1 
ATOM   267  C CB  . VAL A 1 42  ? 10.020  3.180   5.839   1.00 13.81 ? 33  VAL A CB  1 
ATOM   268  C CG1 . VAL A 1 42  ? 8.565   2.697   5.935   1.00 13.36 ? 33  VAL A CG1 1 
ATOM   269  C CG2 . VAL A 1 42  ? 10.360  3.630   4.421   1.00 13.02 ? 33  VAL A CG2 1 
ATOM   270  N N   . SER A 1 43  ? 9.371   6.442   6.036   1.00 11.66 ? 34  SER A N   1 
ATOM   271  C CA  . SER A 1 43  ? 8.318   7.435   5.921   1.00 10.89 ? 34  SER A CA  1 
ATOM   272  C C   . SER A 1 43  ? 8.247   8.153   4.564   1.00 10.74 ? 34  SER A C   1 
ATOM   273  O O   . SER A 1 43  ? 9.040   7.862   3.661   1.00 10.35 ? 34  SER A O   1 
ATOM   274  C CB  . SER A 1 43  ? 8.340   8.396   7.097   1.00 10.68 ? 34  SER A CB  1 
ATOM   275  O OG  . SER A 1 43  ? 9.450   9.236   7.036   1.00 10.68 ? 34  SER A OG  1 
ATOM   276  N N   . ASN A 1 44  ? 7.269   9.065   4.419   1.00 10.53 ? 35  ASN A N   1 
ATOM   277  C CA  . ASN A 1 44  ? 7.089   9.865   3.191   1.00 9.86  ? 35  ASN A CA  1 
ATOM   278  C C   . ASN A 1 44  ? 7.197   8.975   1.974   1.00 9.43  ? 35  ASN A C   1 
ATOM   279  O O   . ASN A 1 44  ? 8.134   9.107   1.206   1.00 9.43  ? 35  ASN A O   1 
ATOM   280  C CB  . ASN A 1 44  ? 8.131   10.985  3.104   1.00 9.95  ? 35  ASN A CB  1 
ATOM   281  C CG  . ASN A 1 44  ? 7.887   11.943  1.934   1.00 10.30 ? 35  ASN A CG  1 
ATOM   282  O OD1 . ASN A 1 44  ? 6.760   12.111  1.461   1.00 10.28 ? 35  ASN A OD1 1 
ATOM   283  N ND2 . ASN A 1 44  ? 8.945   12.572  1.474   1.00 10.57 ? 35  ASN A ND2 1 
ATOM   284  N N   . ILE A 1 45  ? 6.251   8.051   1.819   1.00 9.07  ? 36  ILE A N   1 
ATOM   285  C CA  . ILE A 1 45  ? 6.358   7.003   0.809   1.00 8.82  ? 36  ILE A CA  1 
ATOM   286  C C   . ILE A 1 45  ? 5.517   7.385   -0.392  1.00 9.00  ? 36  ILE A C   1 
ATOM   287  O O   . ILE A 1 45  ? 4.297   7.527   -0.293  1.00 9.02  ? 36  ILE A O   1 
ATOM   288  C CB  . ILE A 1 45  ? 5.916   5.612   1.334   1.00 8.57  ? 36  ILE A CB  1 
ATOM   289  C CG1 . ILE A 1 45  ? 6.782   5.129   2.502   1.00 8.38  ? 36  ILE A CG1 1 
ATOM   290  C CG2 . ILE A 1 45  ? 6.044   4.575   0.246   1.00 8.38  ? 36  ILE A CG2 1 
ATOM   291  C CD1 . ILE A 1 45  ? 6.228   3.907   3.217   1.00 7.99  ? 36  ILE A CD1 1 
ATOM   292  N N   . THR A 1 46  ? 6.178   7.547   -1.527  1.00 9.25  ? 37  THR A N   1 
ATOM   293  C CA  . THR A 1 46  ? 5.501   7.851   -2.776  1.00 9.76  ? 37  THR A CA  1 
ATOM   294  C C   . THR A 1 46  ? 5.804   6.680   -3.649  1.00 10.35 ? 37  THR A C   1 
ATOM   295  O O   . THR A 1 46  ? 6.923   6.202   -3.640  1.00 10.86 ? 37  THR A O   1 
ATOM   296  C CB  . THR A 1 46  ? 6.095   9.093   -3.498  1.00 9.67  ? 37  THR A CB  1 
ATOM   297  O OG1 . THR A 1 46  ? 6.261   10.176  -2.587  1.00 9.19  ? 37  THR A OG1 1 
ATOM   298  C CG2 . THR A 1 46  ? 5.201   9.542   -4.702  1.00 9.71  ? 37  THR A CG2 1 
ATOM   299  N N   . GLU A 1 47  ? 4.826   6.245   -4.424  1.00 11.08 ? 38  GLU A N   1 
ATOM   300  C CA  . GLU A 1 47  ? 4.998   5.211   -5.419  1.00 11.61 ? 38  GLU A CA  1 
ATOM   301  C C   . GLU A 1 47  ? 4.547   5.715   -6.805  1.00 12.49 ? 38  GLU A C   1 
ATOM   302  O O   . GLU A 1 47  ? 3.515   6.401   -6.946  1.00 12.07 ? 38  GLU A O   1 
ATOM   303  C CB  . GLU A 1 47  ? 4.096   4.032   -5.051  1.00 12.45 ? 38  GLU A CB  1 
ATOM   304  C CG  . GLU A 1 47  ? 4.364   3.327   -3.736  1.00 13.09 ? 38  GLU A CG  1 
ATOM   305  C CD  . GLU A 1 47  ? 3.183   2.442   -3.346  1.00 14.63 ? 38  GLU A CD  1 
ATOM   306  O OE1 . GLU A 1 47  ? 2.210   2.979   -2.773  1.00 15.24 ? 38  GLU A OE1 1 
ATOM   307  O OE2 . GLU A 1 47  ? 3.182   1.211   -3.635  1.00 15.08 ? 38  GLU A OE2 1 
ATOM   308  N N   . PHE A 1 48  ? 5.272   5.349   -7.851  1.00 13.76 ? 39  PHE A N   1 
ATOM   309  C CA  . PHE A 1 48  ? 4.772   5.633   -9.188  1.00 15.69 ? 39  PHE A CA  1 
ATOM   310  C C   . PHE A 1 48  ? 4.818   4.357   -10.061 1.00 15.07 ? 39  PHE A C   1 
ATOM   311  O O   . PHE A 1 48  ? 5.886   3.774   -10.279 1.00 15.09 ? 39  PHE A O   1 
ATOM   312  C CB  . PHE A 1 48  ? 5.518   6.837   -9.793  1.00 18.54 ? 39  PHE A CB  1 
ATOM   313  C CG  . PHE A 1 48  ? 5.075   7.203   -11.203 1.00 23.08 ? 39  PHE A CG  1 
ATOM   314  C CD1 . PHE A 1 48  ? 3.791   7.711   -11.450 1.00 23.69 ? 39  PHE A CD1 1 
ATOM   315  C CD2 . PHE A 1 48  ? 5.966   7.081   -12.297 1.00 25.92 ? 39  PHE A CD2 1 
ATOM   316  C CE1 . PHE A 1 48  ? 3.393   8.049   -12.756 1.00 26.13 ? 39  PHE A CE1 1 
ATOM   317  C CE2 . PHE A 1 48  ? 5.574   7.437   -13.601 1.00 27.42 ? 39  PHE A CE2 1 
ATOM   318  C CZ  . PHE A 1 48  ? 4.282   7.909   -13.829 1.00 27.31 ? 39  PHE A CZ  1 
ATOM   319  N N   . TYR A 1 49  ? 3.660   3.898   -10.527 1.00 13.53 ? 40  TYR A N   1 
ATOM   320  C CA  . TYR A 1 49  ? 3.619   2.684   -11.342 1.00 12.87 ? 40  TYR A CA  1 
ATOM   321  C C   . TYR A 1 49  ? 3.284   2.919   -12.795 1.00 12.39 ? 40  TYR A C   1 
ATOM   322  O O   . TYR A 1 49  ? 2.454   3.780   -13.120 1.00 11.71 ? 40  TYR A O   1 
ATOM   323  C CB  . TYR A 1 49  ? 2.632   1.663   -10.777 1.00 13.01 ? 40  TYR A CB  1 
ATOM   324  C CG  . TYR A 1 49  ? 3.007   1.254   -9.394  1.00 13.28 ? 40  TYR A CG  1 
ATOM   325  C CD1 . TYR A 1 49  ? 4.218   0.594   -9.167  1.00 13.24 ? 40  TYR A CD1 1 
ATOM   326  C CD2 . TYR A 1 49  ? 2.190   1.572   -8.299  1.00 13.08 ? 40  TYR A CD2 1 
ATOM   327  C CE1 . TYR A 1 49  ? 4.600   0.231   -7.885  1.00 13.48 ? 40  TYR A CE1 1 
ATOM   328  C CE2 . TYR A 1 49  ? 2.553   1.198   -7.016  1.00 13.50 ? 40  TYR A CE2 1 
ATOM   329  C CZ  . TYR A 1 49  ? 3.760   0.523   -6.820  1.00 13.93 ? 40  TYR A CZ  1 
ATOM   330  O OH  . TYR A 1 49  ? 4.175   0.156   -5.553  1.00 14.78 ? 40  TYR A OH  1 
ATOM   331  N N   . SER A 1 50  ? 3.926   2.121   -13.651 1.00 11.94 ? 41  SER A N   1 
ATOM   332  C CA  . SER A 1 50  ? 3.597   2.086   -15.042 1.00 12.00 ? 41  SER A CA  1 
ATOM   333  C C   . SER A 1 50  ? 3.160   0.715   -15.427 1.00 11.87 ? 41  SER A C   1 
ATOM   334  O O   . SER A 1 50  ? 3.600   -0.277  -14.889 1.00 11.46 ? 41  SER A O   1 
ATOM   335  C CB  . SER A 1 50  ? 4.773   2.520   -15.856 1.00 13.02 ? 41  SER A CB  1 
ATOM   336  O OG  . SER A 1 50  ? 5.117   3.821   -15.415 1.00 15.23 ? 41  SER A OG  1 
ATOM   337  N N   . ALA A 1 51  ? 2.227   0.680   -16.343 1.00 12.50 ? 42  ALA A N   1 
ATOM   338  C CA  . ALA A 1 51  ? 1.686   -0.547  -16.794 1.00 13.17 ? 42  ALA A CA  1 
ATOM   339  C C   . ALA A 1 51  ? 2.699   -1.162  -17.728 1.00 14.44 ? 42  ALA A C   1 
ATOM   340  O O   . ALA A 1 51  ? 3.412   -0.481  -18.466 1.00 13.46 ? 42  ALA A O   1 
ATOM   341  C CB  . ALA A 1 51  ? 0.374   -0.323  -17.489 1.00 13.03 ? 42  ALA A CB  1 
ATOM   342  N N   . HIS A 1 52  ? 2.770   -2.479  -17.606 1.00 16.68 ? 43  HIS A N   1 
ATOM   343  C CA  . HIS A 1 52  ? 3.523   -3.321  -18.456 1.00 19.17 ? 43  HIS A CA  1 
ATOM   344  C C   . HIS A 1 52  ? 2.646   -4.558  -18.659 1.00 18.02 ? 43  HIS A C   1 
ATOM   345  O O   . HIS A 1 52  ? 2.817   -5.593  -17.988 1.00 17.35 ? 43  HIS A O   1 
ATOM   346  C CB  . HIS A 1 52  ? 4.869   -3.648  -17.826 1.00 24.14 ? 43  HIS A CB  1 
ATOM   347  C CG  . HIS A 1 52  ? 5.815   -4.253  -18.801 1.00 32.77 ? 43  HIS A CG  1 
ATOM   348  N ND1 . HIS A 1 52  ? 6.502   -5.424  -18.549 1.00 37.30 ? 43  HIS A ND1 1 
ATOM   349  C CD2 . HIS A 1 52  ? 6.129   -3.895  -20.071 1.00 35.56 ? 43  HIS A CD2 1 
ATOM   350  C CE1 . HIS A 1 52  ? 7.224   -5.746  -19.610 1.00 39.28 ? 43  HIS A CE1 1 
ATOM   351  N NE2 . HIS A 1 52  ? 7.013   -4.836  -20.549 1.00 40.65 ? 43  HIS A NE2 1 
ATOM   352  N N   . GLY A 1 53  ? 1.674   -4.417  -19.562 1.00 15.82 ? 44  GLY A N   1 
ATOM   353  C CA  . GLY A 1 53  ? 0.649   -5.412  -19.744 1.00 14.47 ? 44  GLY A CA  1 
ATOM   354  C C   . GLY A 1 53  ? -0.190  -5.462  -18.485 1.00 14.37 ? 44  GLY A C   1 
ATOM   355  O O   . GLY A 1 53  ? -0.596  -4.432  -17.964 1.00 14.43 ? 44  GLY A O   1 
ATOM   356  N N   . ASN A 1 54  ? -0.442  -6.669  -17.986 1.00 14.04 ? 45  ASN A N   1 
ATOM   357  C CA  . ASN A 1 54  ? -1.149  -6.847  -16.729 1.00 13.11 ? 45  ASN A CA  1 
ATOM   358  C C   . ASN A 1 54  ? -0.274  -6.580  -15.454 1.00 12.93 ? 45  ASN A C   1 
ATOM   359  O O   . ASN A 1 54  ? -0.795  -6.524  -14.338 1.00 12.57 ? 45  ASN A O   1 
ATOM   360  C CB  . ASN A 1 54  ? -1.860  -8.221  -16.721 1.00 12.73 ? 45  ASN A CB  1 
ATOM   361  C CG  . ASN A 1 54  ? -3.060  -8.299  -17.703 1.00 12.41 ? 45  ASN A CG  1 
ATOM   362  O OD1 . ASN A 1 54  ? -3.716  -7.302  -17.990 1.00 12.28 ? 45  ASN A OD1 1 
ATOM   363  N ND2 . ASN A 1 54  ? -3.351  -9.494  -18.196 1.00 11.72 ? 45  ASN A ND2 1 
ATOM   364  N N   . ASP A 1 55  ? 1.031   -6.364  -15.634 1.00 12.59 ? 46  ASP A N   1 
ATOM   365  C CA  . ASP A 1 55  ? 1.941   -6.081  -14.530 1.00 12.82 ? 46  ASP A CA  1 
ATOM   366  C C   . ASP A 1 55  ? 2.281   -4.599  -14.399 1.00 13.20 ? 46  ASP A C   1 
ATOM   367  O O   . ASP A 1 55  ? 1.801   -3.763  -15.161 1.00 12.90 ? 46  ASP A O   1 
ATOM   368  C CB  . ASP A 1 55  ? 3.209   -6.908  -14.710 1.00 13.27 ? 46  ASP A CB  1 
ATOM   369  C CG  . ASP A 1 55  ? 2.911   -8.398  -14.819 1.00 14.20 ? 46  ASP A CG  1 
ATOM   370  O OD1 . ASP A 1 55  ? 1.909   -8.872  -14.205 1.00 15.27 ? 46  ASP A OD1 1 
ATOM   371  O OD2 . ASP A 1 55  ? 3.651   -9.105  -15.531 1.00 14.20 ? 46  ASP A OD2 1 
ATOM   372  N N   . TYR A 1 56  ? 3.110   -4.256  -13.426 1.00 13.61 ? 47  TYR A N   1 
ATOM   373  C CA  . TYR A 1 56  ? 3.582   -2.891  -13.341 1.00 14.13 ? 47  TYR A CA  1 
ATOM   374  C C   . TYR A 1 56  ? 5.055   -2.877  -13.036 1.00 15.06 ? 47  TYR A C   1 
ATOM   375  O O   . TYR A 1 56  ? 5.602   -3.866  -12.564 1.00 15.19 ? 47  TYR A O   1 
ATOM   376  C CB  . TYR A 1 56  ? 2.862   -2.129  -12.244 1.00 13.95 ? 47  TYR A CB  1 
ATOM   377  C CG  . TYR A 1 56  ? 1.362   -2.156  -12.332 1.00 13.95 ? 47  TYR A CG  1 
ATOM   378  C CD1 . TYR A 1 56  ? 0.628   -3.245  -11.802 1.00 13.57 ? 47  TYR A CD1 1 
ATOM   379  C CD2 . TYR A 1 56  ? 0.664   -1.091  -12.928 1.00 13.37 ? 47  TYR A CD2 1 
ATOM   380  C CE1 . TYR A 1 56  ? -0.759  -3.265  -11.861 1.00 13.80 ? 47  TYR A CE1 1 
ATOM   381  C CE2 . TYR A 1 56  ? -0.724  -1.107  -13.004 1.00 13.70 ? 47  TYR A CE2 1 
ATOM   382  C CZ  . TYR A 1 56  ? -1.434  -2.189  -12.462 1.00 14.23 ? 47  TYR A CZ  1 
ATOM   383  O OH  . TYR A 1 56  ? -2.819  -2.191  -12.505 1.00 14.44 ? 47  TYR A OH  1 
ATOM   384  N N   . TYR A 1 57  ? 5.682   -1.750  -13.322 1.00 15.92 ? 48  TYR A N   1 
ATOM   385  C CA  . TYR A 1 57  ? 7.025   -1.494  -12.900 1.00 18.53 ? 48  TYR A CA  1 
ATOM   386  C C   . TYR A 1 57  ? 7.039   -0.027  -12.528 1.00 17.54 ? 48  TYR A C   1 
ATOM   387  O O   . TYR A 1 57  ? 6.210   0.728   -13.029 1.00 18.54 ? 48  TYR A O   1 
ATOM   388  C CB  . TYR A 1 57  ? 8.022   -1.778  -14.027 1.00 21.51 ? 48  TYR A CB  1 
ATOM   389  C CG  . TYR A 1 57  ? 7.868   -0.883  -15.256 1.00 26.46 ? 48  TYR A CG  1 
ATOM   390  C CD1 . TYR A 1 57  ? 6.998   -1.244  -16.324 1.00 29.45 ? 48  TYR A CD1 1 
ATOM   391  C CD2 . TYR A 1 57  ? 8.577   0.321   -15.369 1.00 27.65 ? 48  TYR A CD2 1 
ATOM   392  C CE1 . TYR A 1 57  ? 6.861   -0.442  -17.454 1.00 30.88 ? 48  TYR A CE1 1 
ATOM   393  C CE2 . TYR A 1 57  ? 8.439   1.140   -16.500 1.00 30.54 ? 48  TYR A CE2 1 
ATOM   394  C CZ  . TYR A 1 57  ? 7.591   0.749   -17.538 1.00 32.40 ? 48  TYR A CZ  1 
ATOM   395  O OH  . TYR A 1 57  ? 7.463   1.552   -18.649 1.00 34.59 ? 48  TYR A OH  1 
ATOM   396  N N   . GLY A 1 58  ? 7.962   0.385   -11.669 1.00 15.72 ? 49  GLY A N   1 
ATOM   397  C CA  . GLY A 1 58  ? 8.073   1.787   -11.345 1.00 14.57 ? 49  GLY A CA  1 
ATOM   398  C C   . GLY A 1 58  ? 9.047   2.066   -10.218 1.00 14.41 ? 49  GLY A C   1 
ATOM   399  O O   . GLY A 1 58  ? 10.103  1.419   -10.102 1.00 14.49 ? 49  GLY A O   1 
ATOM   400  N N   . THR A 1 59  ? 8.688   3.044   -9.394  1.00 14.16 ? 50  THR A N   1 
ATOM   401  C CA  . THR A 1 59  ? 9.620   3.677   -8.434  1.00 13.40 ? 50  THR A CA  1 
ATOM   402  C C   . THR A 1 59  ? 8.917   3.906   -7.078  1.00 12.58 ? 50  THR A C   1 
ATOM   403  O O   . THR A 1 59  ? 7.731   4.212   -7.017  1.00 12.58 ? 50  THR A O   1 
ATOM   404  C CB  . THR A 1 59  ? 10.271  4.969   -9.044  1.00 13.86 ? 50  THR A CB  1 
ATOM   405  O OG1 . THR A 1 59  ? 11.002  4.636   -10.258 1.00 13.61 ? 50  THR A OG1 1 
ATOM   406  C CG2 . THR A 1 59  ? 11.238  5.632   -8.056  1.00 13.73 ? 50  THR A CG2 1 
ATOM   407  N N   . VAL A 1 60  ? 9.633   3.641   -5.997  1.00 11.97 ? 51  VAL A N   1 
ATOM   408  C CA  . VAL A 1 60  ? 9.186   3.984   -4.645  1.00 11.29 ? 51  VAL A CA  1 
ATOM   409  C C   . VAL A 1 60  ? 10.261  4.897   -4.094  1.00 11.17 ? 51  VAL A C   1 
ATOM   410  O O   . VAL A 1 60  ? 11.430  4.520   -4.118  1.00 10.75 ? 51  VAL A O   1 
ATOM   411  C CB  . VAL A 1 60  ? 9.052   2.746   -3.712  1.00 10.66 ? 51  VAL A CB  1 
ATOM   412  C CG1 . VAL A 1 60  ? 8.576   3.149   -2.317  1.00 10.11 ? 51  VAL A CG1 1 
ATOM   413  C CG2 . VAL A 1 60  ? 8.094   1.762   -4.309  1.00 10.07 ? 51  VAL A CG2 1 
ATOM   414  N N   . THR A 1 61  ? 9.869   6.098   -3.660  1.00 11.21 ? 52  THR A N   1 
ATOM   415  C CA  . THR A 1 61  ? 10.773  6.967   -2.944  1.00 11.62 ? 52  THR A CA  1 
ATOM   416  C C   . THR A 1 61  ? 10.241  7.059   -1.543  1.00 11.77 ? 52  THR A C   1 
ATOM   417  O O   . THR A 1 61  ? 9.030   7.014   -1.341  1.00 12.10 ? 52  THR A O   1 
ATOM   418  C CB  . THR A 1 61  ? 10.913  8.388   -3.560  1.00 11.71 ? 52  THR A CB  1 
ATOM   419  O OG1 . THR A 1 61  ? 9.649   9.043   -3.496  1.00 12.44 ? 52  THR A OG1 1 
ATOM   420  C CG2 . THR A 1 61  ? 11.366  8.341   -5.025  1.00 11.32 ? 52  THR A CG2 1 
ATOM   421  N N   . ASP A 1 62  ? 11.146  7.199   -0.577  1.00 12.19 ? 53  ASP A N   1 
ATOM   422  C CA  . ASP A 1 62  ? 10.819  7.132   0.840   1.00 12.52 ? 53  ASP A CA  1 
ATOM   423  C C   . ASP A 1 62  ? 11.956  7.746   1.643   1.00 13.26 ? 53  ASP A C   1 
ATOM   424  O O   . ASP A 1 62  ? 13.093  7.756   1.214   1.00 14.89 ? 53  ASP A O   1 
ATOM   425  C CB  . ASP A 1 62  ? 10.635  5.682   1.260   1.00 11.83 ? 53  ASP A CB  1 
ATOM   426  C CG  . ASP A 1 62  ? 11.910  4.896   1.202   1.00 11.77 ? 53  ASP A CG  1 
ATOM   427  O OD1 . ASP A 1 62  ? 12.722  4.965   2.132   1.00 11.76 ? 53  ASP A OD1 1 
ATOM   428  O OD2 . ASP A 1 62  ? 12.110  4.165   0.239   1.00 12.14 ? 53  ASP A OD2 1 
ATOM   429  N N   . TYR A 1 63  ? 11.663  8.241   2.814   1.00 13.14 ? 54  TYR A N   1 
ATOM   430  C CA  . TYR A 1 63  ? 12.697  8.785   3.623   1.00 14.01 ? 54  TYR A CA  1 
ATOM   431  C C   . TYR A 1 63  ? 13.124  7.737   4.663   1.00 13.89 ? 54  TYR A C   1 
ATOM   432  O O   . TYR A 1 63  ? 12.309  7.268   5.440   1.00 13.27 ? 54  TYR A O   1 
ATOM   433  C CB  . TYR A 1 63  ? 12.197  10.076  4.277   1.00 14.81 ? 54  TYR A CB  1 
ATOM   434  C CG  . TYR A 1 63  ? 13.206  10.711  5.144   1.00 15.37 ? 54  TYR A CG  1 
ATOM   435  C CD1 . TYR A 1 63  ? 13.362  10.285  6.467   1.00 16.03 ? 54  TYR A CD1 1 
ATOM   436  C CD2 . TYR A 1 63  ? 14.013  11.766  4.656   1.00 16.23 ? 54  TYR A CD2 1 
ATOM   437  C CE1 . TYR A 1 63  ? 14.313  10.864  7.298   1.00 17.00 ? 54  TYR A CE1 1 
ATOM   438  C CE2 . TYR A 1 63  ? 14.966  12.365  5.479   1.00 16.92 ? 54  TYR A CE2 1 
ATOM   439  C CZ  . TYR A 1 63  ? 15.113  11.892  6.788   1.00 18.01 ? 54  TYR A CZ  1 
ATOM   440  O OH  . TYR A 1 63  ? 16.047  12.448  7.616   1.00 20.95 ? 54  TYR A OH  1 
ATOM   441  N N   . SER A 1 64  ? 14.406  7.383   4.642   1.00 14.31 ? 55  SER A N   1 
ATOM   442  C CA  . SER A 1 64  ? 14.986  6.363   5.500   1.00 14.76 ? 55  SER A CA  1 
ATOM   443  C C   . SER A 1 64  ? 15.672  7.085   6.660   1.00 15.12 ? 55  SER A C   1 
ATOM   444  O O   . SER A 1 64  ? 16.497  7.990   6.427   1.00 15.64 ? 55  SER A O   1 
ATOM   445  C CB  . SER A 1 64  ? 16.027  5.521   4.710   1.00 14.19 ? 55  SER A CB  1 
ATOM   446  O OG  . SER A 1 64  ? 16.772  4.672   5.585   1.00 13.77 ? 55  SER A OG  1 
ATOM   447  N N   . PRO A 1 65  ? 15.358  6.690   7.899   1.00 15.02 ? 56  PRO A N   1 
ATOM   448  C CA  . PRO A 1 65  ? 16.028  7.323   9.038   1.00 15.85 ? 56  PRO A CA  1 
ATOM   449  C C   . PRO A 1 65  ? 17.534  7.219   8.886   1.00 17.33 ? 56  PRO A C   1 
ATOM   450  O O   . PRO A 1 65  ? 18.262  8.068   9.369   1.00 17.92 ? 56  PRO A O   1 
ATOM   451  C CB  . PRO A 1 65  ? 15.571  6.486   10.223  1.00 15.05 ? 56  PRO A CB  1 
ATOM   452  C CG  . PRO A 1 65  ? 14.222  5.994   9.807   1.00 15.49 ? 56  PRO A CG  1 
ATOM   453  C CD  . PRO A 1 65  ? 14.334  5.721   8.327   1.00 15.02 ? 56  PRO A CD  1 
ATOM   454  N N   . GLU A 1 66  ? 18.005  6.191   8.203   1.00 18.47 ? 57  GLU A N   1 
ATOM   455  C CA  . GLU A 1 66  ? 19.429  6.071   8.001   1.00 19.43 ? 57  GLU A CA  1 
ATOM   456  C C   . GLU A 1 66  ? 19.947  6.727   6.725   1.00 18.70 ? 57  GLU A C   1 
ATOM   457  O O   . GLU A 1 66  ? 21.087  7.178   6.720   1.00 18.20 ? 57  GLU A O   1 
ATOM   458  C CB  . GLU A 1 66  ? 19.851  4.609   7.977   1.00 22.26 ? 57  GLU A CB  1 
ATOM   459  C CG  . GLU A 1 66  ? 21.322  4.426   7.613   1.00 25.14 ? 57  GLU A CG  1 
ATOM   460  C CD  . GLU A 1 66  ? 21.771  2.983   7.667   1.00 27.78 ? 57  GLU A CD  1 
ATOM   461  O OE1 . GLU A 1 66  ? 22.982  2.770   7.475   1.00 28.71 ? 57  GLU A OE1 1 
ATOM   462  O OE2 . GLU A 1 66  ? 20.924  2.069   7.895   1.00 28.40 ? 57  GLU A OE2 1 
ATOM   463  N N   . TYR A 1 67  ? 19.156  6.723   5.642   1.00 17.31 ? 58  TYR A N   1 
ATOM   464  C CA  . TYR A 1 67  ? 19.682  7.078   4.332   1.00 16.67 ? 58  TYR A CA  1 
ATOM   465  C C   . TYR A 1 67  ? 19.145  8.375   3.797   1.00 16.98 ? 58  TYR A C   1 
ATOM   466  O O   . TYR A 1 67  ? 19.635  8.881   2.761   1.00 17.26 ? 58  TYR A O   1 
ATOM   467  C CB  . TYR A 1 67  ? 19.391  6.012   3.299   1.00 16.11 ? 58  TYR A CB  1 
ATOM   468  C CG  . TYR A 1 67  ? 20.145  4.740   3.496   1.00 16.57 ? 58  TYR A CG  1 
ATOM   469  C CD1 . TYR A 1 67  ? 21.534  4.717   3.402   1.00 16.38 ? 58  TYR A CD1 1 
ATOM   470  C CD2 . TYR A 1 67  ? 19.464  3.524   3.746   1.00 16.66 ? 58  TYR A CD2 1 
ATOM   471  C CE1 . TYR A 1 67  ? 22.241  3.545   3.591   1.00 16.71 ? 58  TYR A CE1 1 
ATOM   472  C CE2 . TYR A 1 67  ? 20.160  2.344   3.919   1.00 16.95 ? 58  TYR A CE2 1 
ATOM   473  C CZ  . TYR A 1 67  ? 21.554  2.373   3.833   1.00 17.63 ? 58  TYR A CZ  1 
ATOM   474  O OH  . TYR A 1 67  ? 22.281  1.229   3.970   1.00 18.53 ? 58  TYR A OH  1 
ATOM   475  N N   . GLY A 1 68  ? 18.123  8.896   4.465   1.00 15.97 ? 59  GLY A N   1 
ATOM   476  C CA  . GLY A 1 68  ? 17.393  10.049  3.933   1.00 15.44 ? 59  GLY A CA  1 
ATOM   477  C C   . GLY A 1 68  ? 16.506  9.611   2.772   1.00 15.51 ? 59  GLY A C   1 
ATOM   478  O O   . GLY A 1 68  ? 16.027  8.448   2.724   1.00 14.47 ? 59  GLY A O   1 
ATOM   479  N N   . LEU A 1 69  ? 16.316  10.539  1.836   1.00 15.66 ? 60  LEU A N   1 
ATOM   480  C CA  . LEU A 1 69  ? 15.445  10.340  0.685   1.00 16.89 ? 60  LEU A CA  1 
ATOM   481  C C   . LEU A 1 69  ? 16.133  9.392   -0.253  1.00 16.47 ? 60  LEU A C   1 
ATOM   482  O O   . LEU A 1 69  ? 17.180  9.702   -0.762  1.00 18.06 ? 60  LEU A O   1 
ATOM   483  C CB  . LEU A 1 69  ? 15.219  11.668  -0.068  1.00 17.45 ? 60  LEU A CB  1 
ATOM   484  C CG  . LEU A 1 69  ? 13.813  12.014  -0.599  1.00 18.57 ? 60  LEU A CG  1 
ATOM   485  C CD1 . LEU A 1 69  ? 13.869  12.828  -1.884  1.00 18.00 ? 60  LEU A CD1 1 
ATOM   486  C CD2 . LEU A 1 69  ? 12.891  10.813  -0.752  1.00 18.16 ? 60  LEU A CD2 1 
ATOM   487  N N   . GLU A 1 70  ? 15.544  8.245   -0.508  1.00 15.42 ? 61  GLU A N   1 
ATOM   488  C CA  . GLU A 1 70  ? 16.160  7.292   -1.401  1.00 14.24 ? 61  GLU A CA  1 
ATOM   489  C C   . GLU A 1 70  ? 15.122  6.906   -2.411  1.00 12.63 ? 61  GLU A C   1 
ATOM   490  O O   . GLU A 1 70  ? 13.928  7.114   -2.182  1.00 11.72 ? 61  GLU A O   1 
ATOM   491  C CB  . GLU A 1 70  ? 16.626  6.071   -0.603  1.00 15.76 ? 61  GLU A CB  1 
ATOM   492  C CG  . GLU A 1 70  ? 15.634  5.641   0.482   1.00 16.55 ? 61  GLU A CG  1 
ATOM   493  C CD  . GLU A 1 70  ? 16.078  4.419   1.258   1.00 17.67 ? 61  GLU A CD  1 
ATOM   494  O OE1 . GLU A 1 70  ? 17.299  4.114   1.274   1.00 18.26 ? 61  GLU A OE1 1 
ATOM   495  O OE2 . GLU A 1 70  ? 15.201  3.776   1.873   1.00 17.78 ? 61  GLU A OE2 1 
ATOM   496  N N   . ALA A 1 71  ? 15.568  6.370   -3.536  1.00 11.79 ? 62  ALA A N   1 
ATOM   497  C CA  . ALA A 1 71  ? 14.630  5.817   -4.519  1.00 11.27 ? 62  ALA A CA  1 
ATOM   498  C C   . ALA A 1 71  ? 14.924  4.347   -4.761  1.00 10.82 ? 62  ALA A C   1 
ATOM   499  O O   . ALA A 1 71  ? 16.060  3.907   -4.682  1.00 10.06 ? 62  ALA A O   1 
ATOM   500  C CB  . ALA A 1 71  ? 14.685  6.596   -5.819  1.00 11.04 ? 62  ALA A CB  1 
ATOM   501  N N   . HIS A 1 72  ? 13.882  3.590   -5.066  1.00 11.50 ? 63  HIS A N   1 
ATOM   502  C CA  . HIS A 1 72  ? 14.035  2.164   -5.360  1.00 11.96 ? 63  HIS A CA  1 
ATOM   503  C C   . HIS A 1 72  ? 13.223  1.817   -6.581  1.00 13.09 ? 63  HIS A C   1 
ATOM   504  O O   . HIS A 1 72  ? 12.086  2.276   -6.702  1.00 13.23 ? 63  HIS A O   1 
ATOM   505  C CB  . HIS A 1 72  ? 13.504  1.320   -4.211  1.00 11.39 ? 63  HIS A CB  1 
ATOM   506  C CG  . HIS A 1 72  ? 13.843  1.837   -2.844  1.00 11.39 ? 63  HIS A CG  1 
ATOM   507  N ND1 . HIS A 1 72  ? 14.991  1.471   -2.170  1.00 11.14 ? 63  HIS A ND1 1 
ATOM   508  C CD2 . HIS A 1 72  ? 13.155  2.652   -2.006  1.00 10.99 ? 63  HIS A CD2 1 
ATOM   509  C CE1 . HIS A 1 72  ? 14.996  2.043   -0.980  1.00 11.42 ? 63  HIS A CE1 1 
ATOM   510  N NE2 . HIS A 1 72  ? 13.895  2.768   -0.858  1.00 11.51 ? 63  HIS A NE2 1 
ATOM   511  N N   . ARG A 1 73  ? 13.773  0.992   -7.472  1.00 14.87 ? 64  ARG A N   1 
ATOM   512  C CA  . ARG A 1 73  ? 12.962  0.365   -8.544  1.00 16.66 ? 64  ARG A CA  1 
ATOM   513  C C   . ARG A 1 73  ? 12.136  -0.820  -8.012  1.00 15.78 ? 64  ARG A C   1 
ATOM   514  O O   . ARG A 1 73  ? 12.664  -1.667  -7.314  1.00 16.90 ? 64  ARG A O   1 
ATOM   515  C CB  . ARG A 1 73  ? 13.842  -0.057  -9.721  1.00 18.45 ? 64  ARG A CB  1 
ATOM   516  C CG  . ARG A 1 73  ? 14.200  1.091   -10.675 1.00 22.08 ? 64  ARG A CG  1 
ATOM   517  C CD  . ARG A 1 73  ? 15.212  0.651   -11.745 1.00 24.78 ? 64  ARG A CD  1 
ATOM   518  N NE  . ARG A 1 73  ? 16.021  -0.457  -11.211 1.00 28.22 ? 64  ARG A NE  1 
ATOM   519  C CZ  . ARG A 1 73  ? 17.343  -0.427  -10.995 1.00 30.70 ? 64  ARG A CZ  1 
ATOM   520  N NH1 . ARG A 1 73  ? 18.065  0.645   -11.337 1.00 32.49 ? 64  ARG A NH1 1 
ATOM   521  N NH2 . ARG A 1 73  ? 17.949  -1.491  -10.462 1.00 28.85 ? 64  ARG A NH2 1 
ATOM   522  N N   . VAL A 1 74  ? 10.849  -0.873  -8.332  1.00 14.99 ? 65  VAL A N   1 
ATOM   523  C CA  . VAL A 1 74  ? 9.969   -1.958  -7.890  1.00 14.82 ? 65  VAL A CA  1 
ATOM   524  C C   . VAL A 1 74  ? 9.304   -2.648  -9.061  1.00 16.07 ? 65  VAL A C   1 
ATOM   525  O O   . VAL A 1 74  ? 9.078   -2.005  -10.105 1.00 16.46 ? 65  VAL A O   1 
ATOM   526  C CB  . VAL A 1 74  ? 8.820   -1.447  -6.992  1.00 14.84 ? 65  VAL A CB  1 
ATOM   527  C CG1 . VAL A 1 74  ? 9.371   -0.942  -5.686  1.00 15.06 ? 65  VAL A CG1 1 
ATOM   528  C CG2 . VAL A 1 74  ? 7.982   -0.370  -7.687  1.00 14.85 ? 65  VAL A CG2 1 
ATOM   529  N N   . ASN A 1 75  ? 8.954   -3.932  -8.898  1.00 16.88 ? 66  ASN A N   1 
ATOM   530  C CA  . ASN A 1 75  ? 8.127   -4.621  -9.901  1.00 17.11 ? 66  ASN A CA  1 
ATOM   531  C C   . ASN A 1 75  ? 6.915   -5.168  -9.211  1.00 16.85 ? 66  ASN A C   1 
ATOM   532  O O   . ASN A 1 75  ? 7.041   -5.656  -8.077  1.00 16.83 ? 66  ASN A O   1 
ATOM   533  C CB  . ASN A 1 75  ? 8.882   -5.759  -10.621 1.00 18.07 ? 66  ASN A CB  1 
ATOM   534  C CG  . ASN A 1 75  ? 9.993   -5.245  -11.532 1.00 19.44 ? 66  ASN A CG  1 
ATOM   535  O OD1 . ASN A 1 75  ? 9.860   -5.193  -12.774 1.00 19.51 ? 66  ASN A OD1 1 
ATOM   536  N ND2 . ASN A 1 75  ? 11.104  -4.837  -10.909 1.00 19.73 ? 66  ASN A ND2 1 
ATOM   537  N N   . LEU A 1 76  ? 5.755   -5.044  -9.877  1.00 16.08 ? 67  LEU A N   1 
ATOM   538  C CA  . LEU A 1 76  ? 4.505   -5.702  -9.472  1.00 15.48 ? 67  LEU A CA  1 
ATOM   539  C C   . LEU A 1 76  ? 4.095   -6.646  -10.557 1.00 14.89 ? 67  LEU A C   1 
ATOM   540  O O   . LEU A 1 76  ? 3.837   -6.210  -11.673 1.00 15.48 ? 67  LEU A O   1 
ATOM   541  C CB  . LEU A 1 76  ? 3.336   -4.731  -9.292  1.00 15.98 ? 67  LEU A CB  1 
ATOM   542  C CG  . LEU A 1 76  ? 3.370   -3.409  -8.511  1.00 16.49 ? 67  LEU A CG  1 
ATOM   543  C CD1 . LEU A 1 76  ? 1.940   -2.856  -8.412  1.00 16.32 ? 67  LEU A CD1 1 
ATOM   544  C CD2 . LEU A 1 76  ? 3.956   -3.614  -7.127  1.00 16.30 ? 67  LEU A CD2 1 
ATOM   545  N N   . THR A 1 77  ? 3.986   -7.922  -10.198 1.00 14.22 ? 68  THR A N   1 
ATOM   546  C CA  . THR A 1 77  ? 3.648   -9.027  -11.089 1.00 13.75 ? 68  THR A CA  1 
ATOM   547  C C   . THR A 1 77  ? 2.272   -9.496  -10.668 1.00 14.09 ? 68  THR A C   1 
ATOM   548  O O   . THR A 1 77  ? 2.132   -10.027 -9.582  1.00 14.08 ? 68  THR A O   1 
ATOM   549  C CB  . THR A 1 77  ? 4.682   -10.143 -10.887 1.00 13.37 ? 68  THR A CB  1 
ATOM   550  O OG1 . THR A 1 77  ? 5.970   -9.636  -11.268 1.00 13.33 ? 68  THR A OG1 1 
ATOM   551  C CG2 . THR A 1 77  ? 4.374   -11.391 -11.694 1.00 12.86 ? 68  THR A CG2 1 
ATOM   552  N N   . VAL A 1 78  ? 1.253   -9.274  -11.496 1.00 14.17 ? 69  VAL A N   1 
ATOM   553  C CA  . VAL A 1 78  ? -0.123  -9.503  -11.041 1.00 15.03 ? 69  VAL A CA  1 
ATOM   554  C C   . VAL A 1 78  ? -0.627  -10.886 -11.433 1.00 16.49 ? 69  VAL A C   1 
ATOM   555  O O   . VAL A 1 78  ? -0.273  -11.429 -12.489 1.00 18.06 ? 69  VAL A O   1 
ATOM   556  C CB  . VAL A 1 78  ? -1.107  -8.421  -11.546 1.00 14.43 ? 69  VAL A CB  1 
ATOM   557  C CG1 . VAL A 1 78  ? -2.516  -8.655  -11.023 1.00 13.91 ? 69  VAL A CG1 1 
ATOM   558  C CG2 . VAL A 1 78  ? -0.637  -7.032  -11.138 1.00 13.69 ? 69  VAL A CG2 1 
ATOM   559  N N   . SER A 1 79  ? -1.443  -11.471 -10.569 1.00 17.17 ? 70  SER A N   1 
ATOM   560  C CA  . SER A 1 79  ? -2.036  -12.750 -10.856 1.00 18.11 ? 70  SER A CA  1 
ATOM   561  C C   . SER A 1 79  ? -3.350  -12.799 -10.129 1.00 17.53 ? 70  SER A C   1 
ATOM   562  O O   . SER A 1 79  ? -3.353  -12.888 -8.916  1.00 18.73 ? 70  SER A O   1 
ATOM   563  C CB  . SER A 1 79  ? -1.108  -13.851 -10.367 1.00 19.43 ? 70  SER A CB  1 
ATOM   564  O OG  . SER A 1 79  ? -1.726  -15.106 -10.555 1.00 21.54 ? 70  SER A OG  1 
ATOM   565  N N   . GLY A 1 80  ? -4.455  -12.714 -10.863 1.00 17.02 ? 71  GLY A N   1 
ATOM   566  C CA  . GLY A 1 80  ? -5.777  -12.558 -10.289 1.00 18.00 ? 71  GLY A CA  1 
ATOM   567  C C   . GLY A 1 80  ? -5.849  -11.409 -9.298  1.00 20.16 ? 71  GLY A C   1 
ATOM   568  O O   . GLY A 1 80  ? -5.795  -10.220 -9.651  1.00 18.76 ? 71  GLY A O   1 
ATOM   569  N N   . ARG A 1 81  ? -5.939  -11.765 -8.031  1.00 22.56 ? 72  ARG A N   1 
ATOM   570  C CA  . ARG A 1 81  ? -6.014  -10.741 -7.005  1.00 25.68 ? 72  ARG A CA  1 
ATOM   571  C C   . ARG A 1 81  ? -4.792  -10.696 -6.066  1.00 23.24 ? 72  ARG A C   1 
ATOM   572  O O   . ARG A 1 81  ? -4.787  -9.966  -5.095  1.00 22.04 ? 72  ARG A O   1 
ATOM   573  C CB  . ARG A 1 81  ? -7.350  -10.793 -6.250  1.00 30.15 ? 72  ARG A CB  1 
ATOM   574  C CG  . ARG A 1 81  ? -7.852  -12.170 -5.897  1.00 41.14 ? 72  ARG A CG  1 
ATOM   575  C CD  . ARG A 1 81  ? -6.917  -13.188 -6.534  1.00 53.82 ? 72  ARG A CD  1 
ATOM   576  N NE  . ARG A 1 81  ? -7.401  -14.552 -6.372  1.00 62.17 ? 72  ARG A NE  1 
ATOM   577  C CZ  . ARG A 1 81  ? -6.817  -15.453 -5.591  1.00 66.67 ? 72  ARG A CZ  1 
ATOM   578  N NH1 . ARG A 1 81  ? -5.734  -15.108 -4.908  1.00 65.76 ? 72  ARG A NH1 1 
ATOM   579  N NH2 . ARG A 1 81  ? -7.309  -16.691 -5.492  1.00 66.73 ? 72  ARG A NH2 1 
ATOM   580  N N   . THR A 1 82  ? -3.749  -11.450 -6.375  1.00 21.47 ? 73  THR A N   1 
ATOM   581  C CA  . THR A 1 82  ? -2.511  -11.306 -5.616  1.00 20.82 ? 73  THR A CA  1 
ATOM   582  C C   . THR A 1 82  ? -1.432  -10.764 -6.528  1.00 18.93 ? 73  THR A C   1 
ATOM   583  O O   . THR A 1 82  ? -1.499  -10.919 -7.727  1.00 19.22 ? 73  THR A O   1 
ATOM   584  C CB  . THR A 1 82  ? -2.015  -12.642 -5.008  1.00 21.23 ? 73  THR A CB  1 
ATOM   585  O OG1 . THR A 1 82  ? -1.380  -13.434 -6.030  1.00 22.40 ? 73  THR A OG1 1 
ATOM   586  C CG2 . THR A 1 82  ? -3.150  -13.406 -4.351  1.00 19.69 ? 73  THR A CG2 1 
ATOM   587  N N   . LEU A 1 83  ? -0.425  -10.141 -5.954  1.00 18.43 ? 74  LEU A N   1 
ATOM   588  C CA  . LEU A 1 83  ? 0.717   -9.744  -6.736  1.00 17.81 ? 74  LEU A CA  1 
ATOM   589  C C   . LEU A 1 83  ? 2.003   -9.906  -5.978  1.00 17.00 ? 74  LEU A C   1 
ATOM   590  O O   . LEU A 1 83  ? 2.007   -9.983  -4.739  1.00 15.80 ? 74  LEU A O   1 
ATOM   591  C CB  . LEU A 1 83  ? 0.564   -8.311  -7.230  1.00 19.67 ? 74  LEU A CB  1 
ATOM   592  C CG  . LEU A 1 83  ? 0.154   -7.259  -6.226  1.00 20.55 ? 74  LEU A CG  1 
ATOM   593  C CD1 . LEU A 1 83  ? 1.400   -6.593  -5.642  1.00 21.47 ? 74  LEU A CD1 1 
ATOM   594  C CD2 . LEU A 1 83  ? -0.746  -6.265  -6.957  1.00 20.27 ? 74  LEU A CD2 1 
ATOM   595  N N   . LYS A 1 84  ? 3.095   -9.975  -6.733  1.00 16.19 ? 75  LYS A N   1 
ATOM   596  C CA  . LYS A 1 84  ? 4.392   -10.083 -6.143  1.00 16.91 ? 75  LYS A CA  1 
ATOM   597  C C   . LYS A 1 84  ? 5.014   -8.714  -6.129  1.00 16.35 ? 75  LYS A C   1 
ATOM   598  O O   . LYS A 1 84  ? 5.242   -8.143  -7.180  1.00 16.51 ? 75  LYS A O   1 
ATOM   599  C CB  . LYS A 1 84  ? 5.277   -11.067 -6.911  1.00 19.21 ? 75  LYS A CB  1 
ATOM   600  C CG  . LYS A 1 84  ? 4.648   -12.435 -7.093  1.00 23.67 ? 75  LYS A CG  1 
ATOM   601  C CD  . LYS A 1 84  ? 5.555   -13.377 -7.865  1.00 27.69 ? 75  LYS A CD  1 
ATOM   602  C CE  . LYS A 1 84  ? 4.792   -14.680 -8.102  1.00 32.52 ? 75  LYS A CE  1 
ATOM   603  N NZ  . LYS A 1 84  ? 5.646   -15.909 -8.011  1.00 33.46 ? 75  LYS A NZ  1 
ATOM   604  N N   . PHE A 1 85  ? 5.301   -8.193  -4.943  1.00 15.35 ? 76  PHE A N   1 
ATOM   605  C CA  . PHE A 1 85  ? 6.057   -6.948  -4.824  1.00 16.15 ? 76  PHE A CA  1 
ATOM   606  C C   . PHE A 1 85  ? 7.537   -7.316  -4.731  1.00 16.81 ? 76  PHE A C   1 
ATOM   607  O O   . PHE A 1 85  ? 7.914   -8.091  -3.854  1.00 16.89 ? 76  PHE A O   1 
ATOM   608  C CB  . PHE A 1 85  ? 5.604   -6.221  -3.555  1.00 15.40 ? 76  PHE A CB  1 
ATOM   609  C CG  . PHE A 1 85  ? 6.275   -4.914  -3.312  1.00 15.25 ? 76  PHE A CG  1 
ATOM   610  C CD1 . PHE A 1 85  ? 5.778   -3.740  -3.890  1.00 15.24 ? 76  PHE A CD1 1 
ATOM   611  C CD2 . PHE A 1 85  ? 7.374   -4.834  -2.469  1.00 14.78 ? 76  PHE A CD2 1 
ATOM   612  C CE1 . PHE A 1 85  ? 6.392   -2.519  -3.660  1.00 14.99 ? 76  PHE A CE1 1 
ATOM   613  C CE2 . PHE A 1 85  ? 7.977   -3.621  -2.213  1.00 14.43 ? 76  PHE A CE2 1 
ATOM   614  C CZ  . PHE A 1 85  ? 7.491   -2.456  -2.811  1.00 14.97 ? 76  PHE A CZ  1 
ATOM   615  N N   . TYR A 1 86  ? 8.362   -6.792  -5.627  1.00 16.76 ? 77  TYR A N   1 
ATOM   616  C CA  . TYR A 1 86  ? 9.819   -6.953  -5.526  1.00 18.40 ? 77  TYR A CA  1 
ATOM   617  C C   . TYR A 1 86  ? 10.537  -5.598  -5.620  1.00 17.47 ? 77  TYR A C   1 
ATOM   618  O O   . TYR A 1 86  ? 10.268  -4.815  -6.497  1.00 17.39 ? 77  TYR A O   1 
ATOM   619  C CB  . TYR A 1 86  ? 10.338  -7.906  -6.621  1.00 20.08 ? 77  TYR A CB  1 
ATOM   620  C CG  . TYR A 1 86  ? 11.858  -8.039  -6.683  1.00 23.36 ? 77  TYR A CG  1 
ATOM   621  C CD1 . TYR A 1 86  ? 12.552  -8.970  -5.870  1.00 25.00 ? 77  TYR A CD1 1 
ATOM   622  C CD2 . TYR A 1 86  ? 12.612  -7.233  -7.536  1.00 24.97 ? 77  TYR A CD2 1 
ATOM   623  C CE1 . TYR A 1 86  ? 13.949  -9.090  -5.924  1.00 26.21 ? 77  TYR A CE1 1 
ATOM   624  C CE2 . TYR A 1 86  ? 14.011  -7.339  -7.606  1.00 26.81 ? 77  TYR A CE2 1 
ATOM   625  C CZ  . TYR A 1 86  ? 14.671  -8.269  -6.811  1.00 29.04 ? 77  TYR A CZ  1 
ATOM   626  O OH  . TYR A 1 86  ? 16.050  -8.346  -6.885  1.00 31.85 ? 77  TYR A OH  1 
ATOM   627  N N   . MET A 1 87  ? 11.462  -5.326  -4.728  1.00 17.86 ? 78  MET A N   1 
ATOM   628  C CA  . MET A 1 87  ? 12.184  -4.066  -4.780  1.00 19.27 ? 78  MET A CA  1 
ATOM   629  C C   . MET A 1 87  ? 13.641  -4.382  -5.091  1.00 18.80 ? 78  MET A C   1 
ATOM   630  O O   . MET A 1 87  ? 14.131  -5.430  -4.681  1.00 18.77 ? 78  MET A O   1 
ATOM   631  C CB  . MET A 1 87  ? 12.044  -3.367  -3.437  1.00 22.15 ? 78  MET A CB  1 
ATOM   632  C CG  . MET A 1 87  ? 12.079  -1.867  -3.483  1.00 26.48 ? 78  MET A CG  1 
ATOM   633  S SD  . MET A 1 87  ? 11.098  -1.111  -2.165  1.00 32.81 ? 78  MET A SD  1 
ATOM   634  C CE  . MET A 1 87  ? 12.181  -1.390  -0.775  1.00 31.46 ? 78  MET A CE  1 
ATOM   635  N N   . ASN A 1 88  ? 14.329  -3.481  -5.801  1.00 19.19 ? 79  ASN A N   1 
ATOM   636  C CA  . ASN A 1 88  ? 15.661  -3.760  -6.386  1.00 18.40 ? 79  ASN A CA  1 
ATOM   637  C C   . ASN A 1 88  ? 16.795  -3.895  -5.380  1.00 18.55 ? 79  ASN A C   1 
ATOM   638  O O   . ASN A 1 88  ? 17.589  -4.775  -5.487  1.00 18.19 ? 79  ASN A O   1 
ATOM   639  C CB  . ASN A 1 88  ? 16.025  -2.785  -7.535  1.00 18.34 ? 79  ASN A CB  1 
ATOM   640  C CG  . ASN A 1 88  ? 16.324  -1.359  -7.046  1.00 19.22 ? 79  ASN A CG  1 
ATOM   641  O OD1 . ASN A 1 88  ? 15.666  -0.868  -6.143  1.00 20.56 ? 79  ASN A OD1 1 
ATOM   642  N ND2 . ASN A 1 88  ? 17.317  -0.693  -7.655  1.00 19.39 ? 79  ASN A ND2 1 
ATOM   643  N N   . ASP A 1 89  ? 16.855  -3.052  -4.368  1.00 21.04 ? 80  ASP A N   1 
ATOM   644  C CA  . ASP A 1 89  ? 18.067  -3.000  -3.508  1.00 22.17 ? 80  ASP A CA  1 
ATOM   645  C C   . ASP A 1 89  ? 17.820  -3.288  -2.022  1.00 22.17 ? 80  ASP A C   1 
ATOM   646  O O   . ASP A 1 89  ? 18.735  -3.233  -1.217  1.00 22.22 ? 80  ASP A O   1 
ATOM   647  C CB  . ASP A 1 89  ? 18.784  -1.643  -3.663  1.00 22.10 ? 80  ASP A CB  1 
ATOM   648  C CG  . ASP A 1 89  ? 17.876  -0.440  -3.341  1.00 23.42 ? 80  ASP A CG  1 
ATOM   649  O OD1 . ASP A 1 89  ? 16.659  -0.622  -2.994  1.00 22.19 ? 80  ASP A OD1 1 
ATOM   650  O OD2 . ASP A 1 89  ? 18.403  0.703   -3.456  1.00 23.83 ? 80  ASP A OD2 1 
ATOM   651  N N   . THR A 1 90  ? 16.572  -3.556  -1.665  1.00 22.79 ? 81  THR A N   1 
ATOM   652  C CA  . THR A 1 90  ? 16.233  -3.981  -0.324  1.00 23.81 ? 81  THR A CA  1 
ATOM   653  C C   . THR A 1 90  ? 14.978  -4.859  -0.393  1.00 23.59 ? 81  THR A C   1 
ATOM   654  O O   . THR A 1 90  ? 14.021  -4.547  -1.106  1.00 22.04 ? 81  THR A O   1 
ATOM   655  C CB  . THR A 1 90  ? 16.116  -2.783  0.674   1.00 25.56 ? 81  THR A CB  1 
ATOM   656  O OG1 . THR A 1 90  ? 15.604  -3.234  1.952   1.00 30.53 ? 81  THR A OG1 1 
ATOM   657  C CG2 . THR A 1 90  ? 15.240  -1.687  0.136   1.00 24.33 ? 81  THR A CG2 1 
ATOM   658  N N   . HIS A 1 91  ? 14.973  -5.959  0.343   1.00 23.27 ? 82  HIS A N   1 
ATOM   659  C CA  . HIS A 1 91  ? 13.915  -6.925  0.139   1.00 23.83 ? 82  HIS A CA  1 
ATOM   660  C C   . HIS A 1 91  ? 13.008  -7.148  1.331   1.00 23.53 ? 82  HIS A C   1 
ATOM   661  O O   . HIS A 1 91  ? 12.260  -8.121  1.382   1.00 23.90 ? 82  HIS A O   1 
ATOM   662  C CB  . HIS A 1 91  ? 14.545  -8.194  -0.380  1.00 24.93 ? 82  HIS A CB  1 
ATOM   663  C CG  . HIS A 1 91  ? 15.537  -7.936  -1.470  1.00 27.12 ? 82  HIS A CG  1 
ATOM   664  N ND1 . HIS A 1 91  ? 15.161  -7.695  -2.778  1.00 28.39 ? 82  HIS A ND1 1 
ATOM   665  C CD2 . HIS A 1 91  ? 16.885  -7.817  -1.434  1.00 26.36 ? 82  HIS A CD2 1 
ATOM   666  C CE1 . HIS A 1 91  ? 16.241  -7.470  -3.509  1.00 28.74 ? 82  HIS A CE1 1 
ATOM   667  N NE2 . HIS A 1 91  ? 17.299  -7.534  -2.713  1.00 29.20 ? 82  HIS A NE2 1 
ATOM   668  N N   . GLU A 1 92  ? 13.043  -6.219  2.277   1.00 23.85 ? 83  GLU A N   1 
ATOM   669  C CA  . GLU A 1 92  ? 12.283  -6.400  3.508   1.00 24.28 ? 83  GLU A CA  1 
ATOM   670  C C   . GLU A 1 92  ? 10.766  -6.245  3.328   1.00 21.29 ? 83  GLU A C   1 
ATOM   671  O O   . GLU A 1 92  ? 9.987   -6.672  4.198   1.00 18.33 ? 83  GLU A O   1 
ATOM   672  C CB  . GLU A 1 92  ? 12.842  -5.548  4.664   1.00 27.79 ? 83  GLU A CB  1 
ATOM   673  C CG  . GLU A 1 92  ? 14.280  -5.891  5.047   1.00 34.59 ? 83  GLU A CG  1 
ATOM   674  C CD  . GLU A 1 92  ? 14.511  -7.379  5.354   1.00 40.33 ? 83  GLU A CD  1 
ATOM   675  O OE1 . GLU A 1 92  ? 14.412  -7.755  6.546   1.00 42.60 ? 83  GLU A OE1 1 
ATOM   676  O OE2 . GLU A 1 92  ? 14.791  -8.179  4.415   1.00 39.98 ? 83  GLU A OE2 1 
ATOM   677  N N   . TYR A 1 93  ? 10.363  -5.664  2.198   1.00 19.97 ? 84  TYR A N   1 
ATOM   678  C CA  . TYR A 1 93  ? 8.940   -5.546  1.871   1.00 20.15 ? 84  TYR A CA  1 
ATOM   679  C C   . TYR A 1 93  ? 8.454   -6.511  0.773   1.00 18.16 ? 84  TYR A C   1 
ATOM   680  O O   . TYR A 1 93  ? 7.267   -6.562  0.486   1.00 15.92 ? 84  TYR A O   1 
ATOM   681  C CB  . TYR A 1 93  ? 8.553   -4.077  1.610   1.00 22.48 ? 84  TYR A CB  1 
ATOM   682  C CG  . TYR A 1 93  ? 8.618   -3.247  2.881   1.00 26.03 ? 84  TYR A CG  1 
ATOM   683  C CD1 . TYR A 1 93  ? 7.532   -3.186  3.760   1.00 27.50 ? 84  TYR A CD1 1 
ATOM   684  C CD2 . TYR A 1 93  ? 9.800   -2.589  3.253   1.00 28.62 ? 84  TYR A CD2 1 
ATOM   685  C CE1 . TYR A 1 93  ? 7.610   -2.463  4.938   1.00 30.04 ? 84  TYR A CE1 1 
ATOM   686  C CE2 . TYR A 1 93  ? 9.887   -1.865  4.433   1.00 29.20 ? 84  TYR A CE2 1 
ATOM   687  C CZ  . TYR A 1 93  ? 8.794   -1.798  5.265   1.00 31.83 ? 84  TYR A CZ  1 
ATOM   688  O OH  . TYR A 1 93  ? 8.876   -1.066  6.439   1.00 36.70 ? 84  TYR A OH  1 
ATOM   689  N N   . ASP A 1 94  ? 9.390   -7.292  0.223   1.00 17.34 ? 85  ASP A N   1 
ATOM   690  C CA  . ASP A 1 94  ? 9.170   -8.235  -0.882  1.00 16.92 ? 85  ASP A CA  1 
ATOM   691  C C   . ASP A 1 94  ? 8.276   -9.402  -0.450  1.00 16.39 ? 85  ASP A C   1 
ATOM   692  O O   . ASP A 1 94  ? 8.577   -10.126 0.513   1.00 16.66 ? 85  ASP A O   1 
ATOM   693  C CB  . ASP A 1 94  ? 10.513  -8.796  -1.405  1.00 16.95 ? 85  ASP A CB  1 
ATOM   694  C CG  . ASP A 1 94  ? 11.350  -7.774  -2.233  1.00 18.46 ? 85  ASP A CG  1 
ATOM   695  O OD1 . ASP A 1 94  ? 11.055  -6.545  -2.302  1.00 16.99 ? 85  ASP A OD1 1 
ATOM   696  O OD2 . ASP A 1 94  ? 12.372  -8.235  -2.815  1.00 20.36 ? 85  ASP A OD2 1 
ATOM   697  N N   . SER A 1 95  ? 7.181   -9.593  -1.170  1.00 15.59 ? 86  SER A N   1 
ATOM   698  C CA  . SER A 1 95  ? 6.138   -10.546 -0.756  1.00 14.81 ? 86  SER A CA  1 
ATOM   699  C C   . SER A 1 95  ? 5.045   -10.725 -1.799  1.00 14.16 ? 86  SER A C   1 
ATOM   700  O O   . SER A 1 95  ? 4.904   -9.925  -2.746  1.00 13.13 ? 86  SER A O   1 
ATOM   701  C CB  . SER A 1 95  ? 5.470   -10.101 0.557   1.00 14.56 ? 86  SER A CB  1 
ATOM   702  O OG  . SER A 1 95  ? 4.553   -11.094 1.007   1.00 14.75 ? 86  SER A OG  1 
ATOM   703  N N   . LYS A 1 96  ? 4.266   -11.782 -1.591  1.00 14.45 ? 87  LYS A N   1 
ATOM   704  C CA  . LYS A 1 96  ? 2.954   -11.884 -2.199  1.00 15.11 ? 87  LYS A CA  1 
ATOM   705  C C   . LYS A 1 96  ? 2.044   -10.980 -1.366  1.00 14.45 ? 87  LYS A C   1 
ATOM   706  O O   . LYS A 1 96  ? 2.051   -11.039 -0.131  1.00 14.02 ? 87  LYS A O   1 
ATOM   707  C CB  . LYS A 1 96  ? 2.446   -13.309 -2.163  1.00 16.54 ? 87  LYS A CB  1 
ATOM   708  C CG  . LYS A 1 96  ? 2.697   -14.151 -3.405  1.00 18.85 ? 87  LYS A CG  1 
ATOM   709  C CD  . LYS A 1 96  ? 1.397   -14.928 -3.672  1.00 21.67 ? 87  LYS A CD  1 
ATOM   710  C CE  . LYS A 1 96  ? 1.409   -15.670 -4.998  1.00 24.55 ? 87  LYS A CE  1 
ATOM   711  N NZ  . LYS A 1 96  ? 1.500   -17.143 -4.755  1.00 28.02 ? 87  LYS A NZ  1 
ATOM   712  N N   . TYR A 1 97  ? 1.323   -10.102 -2.057  1.00 13.70 ? 88  TYR A N   1 
ATOM   713  C CA  . TYR A 1 97  ? 0.295   -9.258  -1.452  1.00 13.48 ? 88  TYR A CA  1 
ATOM   714  C C   . TYR A 1 97  ? -1.075  -9.541  -2.068  1.00 14.15 ? 88  TYR A C   1 
ATOM   715  O O   . TYR A 1 97  ? -1.198  -9.665  -3.266  1.00 13.95 ? 88  TYR A O   1 
ATOM   716  C CB  . TYR A 1 97  ? 0.631   -7.772  -1.599  1.00 12.02 ? 88  TYR A CB  1 
ATOM   717  C CG  . TYR A 1 97  ? 1.772   -7.318  -0.761  1.00 11.09 ? 88  TYR A CG  1 
ATOM   718  C CD1 . TYR A 1 97  ? 1.566   -6.845  0.528   1.00 10.50 ? 88  TYR A CD1 1 
ATOM   719  C CD2 . TYR A 1 97  ? 3.081   -7.358  -1.255  1.00 11.08 ? 88  TYR A CD2 1 
ATOM   720  C CE1 . TYR A 1 97  ? 2.628   -6.407  1.307   1.00 10.49 ? 88  TYR A CE1 1 
ATOM   721  C CE2 . TYR A 1 97  ? 4.161   -6.934  -0.486  1.00 10.47 ? 88  TYR A CE2 1 
ATOM   722  C CZ  . TYR A 1 97  ? 3.941   -6.459  0.800   1.00 10.31 ? 88  TYR A CZ  1 
ATOM   723  O OH  . TYR A 1 97  ? 5.009   -6.025  1.558   1.00 9.28  ? 88  TYR A OH  1 
ATOM   724  N N   . GLU A 1 98  ? -2.095  -9.640  -1.222  1.00 15.65 ? 89  GLU A N   1 
ATOM   725  C CA  . GLU A 1 98  ? -3.461  -9.824  -1.665  1.00 17.05 ? 89  GLU A CA  1 
ATOM   726  C C   . GLU A 1 98  ? -4.261  -8.515  -1.570  1.00 16.02 ? 89  GLU A C   1 
ATOM   727  O O   . GLU A 1 98  ? -4.295  -7.886  -0.511  1.00 14.29 ? 89  GLU A O   1 
ATOM   728  C CB  . GLU A 1 98  ? -4.130  -10.888 -0.820  1.00 19.89 ? 89  GLU A CB  1 
ATOM   729  C CG  . GLU A 1 98  ? -5.429  -11.321 -1.426  1.00 26.59 ? 89  GLU A CG  1 
ATOM   730  C CD  . GLU A 1 98  ? -6.125  -12.418 -0.638  1.00 34.87 ? 89  GLU A CD  1 
ATOM   731  O OE1 . GLU A 1 98  ? -5.659  -12.735 0.502   1.00 36.51 ? 89  GLU A OE1 1 
ATOM   732  O OE2 . GLU A 1 98  ? -7.155  -12.939 -1.171  1.00 36.14 ? 89  GLU A OE2 1 
ATOM   733  N N   . ILE A 1 99  ? -4.888  -8.135  -2.692  1.00 15.70 ? 90  ILE A N   1 
ATOM   734  C CA  . ILE A 1 99  ? -5.741  -6.963  -2.822  1.00 16.32 ? 90  ILE A CA  1 
ATOM   735  C C   . ILE A 1 99  ? -6.998  -7.162  -1.999  1.00 15.82 ? 90  ILE A C   1 
ATOM   736  O O   . ILE A 1 99  ? -7.735  -8.120  -2.197  1.00 16.19 ? 90  ILE A O   1 
ATOM   737  C CB  . ILE A 1 99  ? -6.165  -6.706  -4.302  1.00 18.00 ? 90  ILE A CB  1 
ATOM   738  C CG1 . ILE A 1 99  ? -4.948  -6.461  -5.201  1.00 19.47 ? 90  ILE A CG1 1 
ATOM   739  C CG2 . ILE A 1 99  ? -7.071  -5.482  -4.440  1.00 18.27 ? 90  ILE A CG2 1 
ATOM   740  C CD1 . ILE A 1 99  ? -4.127  -5.231  -4.862  1.00 19.65 ? 90  ILE A CD1 1 
ATOM   741  N N   . LEU A 1 100 ? -7.246  -6.239  -1.086  1.00 14.64 ? 91  LEU A N   1 
ATOM   742  C CA  . LEU A 1 100 ? -8.441  -6.279  -0.269  1.00 14.15 ? 91  LEU A CA  1 
ATOM   743  C C   . LEU A 1 100 ? -9.550  -5.323  -0.738  1.00 14.25 ? 91  LEU A C   1 
ATOM   744  O O   . LEU A 1 100 ? -10.731 -5.527  -0.407  1.00 13.71 ? 91  LEU A O   1 
ATOM   745  C CB  . LEU A 1 100 ? -8.067  -6.013  1.185   1.00 14.19 ? 91  LEU A CB  1 
ATOM   746  C CG  . LEU A 1 100 ? -7.047  -6.981  1.799   1.00 13.64 ? 91  LEU A CG  1 
ATOM   747  C CD1 . LEU A 1 100 ? -6.851  -6.568  3.250   1.00 13.19 ? 91  LEU A CD1 1 
ATOM   748  C CD2 . LEU A 1 100 ? -7.542  -8.417  1.666   1.00 13.33 ? 91  LEU A CD2 1 
ATOM   749  N N   . ALA A 1 101 ? -9.169  -4.308  -1.521  1.00 14.55 ? 92  ALA A N   1 
ATOM   750  C CA  . ALA A 1 101 ? -10.080 -3.283  -2.051  1.00 15.15 ? 92  ALA A CA  1 
ATOM   751  C C   . ALA A 1 101 ? -9.324  -2.366  -3.025  1.00 16.15 ? 92  ALA A C   1 
ATOM   752  O O   . ALA A 1 101 ? -8.161  -2.005  -2.783  1.00 15.91 ? 92  ALA A O   1 
ATOM   753  C CB  . ALA A 1 101 ? -10.674 -2.468  -0.909  1.00 14.42 ? 92  ALA A CB  1 
ATOM   754  N N   . VAL A 1 102 ? -9.981  -2.013  -4.125  1.00 17.18 ? 93  VAL A N   1 
ATOM   755  C CA  . VAL A 1 102 ? -9.479  -1.030  -5.101  1.00 19.26 ? 93  VAL A CA  1 
ATOM   756  C C   . VAL A 1 102 ? -10.591 -0.023  -5.260  1.00 20.42 ? 93  VAL A C   1 
ATOM   757  O O   . VAL A 1 102 ? -11.742 -0.328  -4.969  1.00 22.04 ? 93  VAL A O   1 
ATOM   758  C CB  . VAL A 1 102 ? -9.125  -1.617  -6.517  1.00 19.46 ? 93  VAL A CB  1 
ATOM   759  C CG1 . VAL A 1 102 ? -7.687  -1.298  -6.902  1.00 19.21 ? 93  VAL A CG1 1 
ATOM   760  C CG2 . VAL A 1 102 ? -9.400  -3.110  -6.627  1.00 18.79 ? 93  VAL A CG2 1 
ATOM   761  N N   . ASP A 1 103 ? -10.252 1.167   -5.725  1.00 21.49 ? 94  ASP A N   1 
ATOM   762  C CA  . ASP A 1 103 ? -11.180 2.286   -5.771  1.00 23.17 ? 94  ASP A CA  1 
ATOM   763  C C   . ASP A 1 103 ? -10.426 3.296   -6.576  1.00 23.56 ? 94  ASP A C   1 
ATOM   764  O O   . ASP A 1 103 ? -9.213  3.136   -6.787  1.00 22.60 ? 94  ASP A O   1 
ATOM   765  C CB  . ASP A 1 103 ? -11.440 2.816   -4.360  1.00 25.17 ? 94  ASP A CB  1 
ATOM   766  C CG  . ASP A 1 103 ? -12.393 4.026   -4.335  1.00 28.35 ? 94  ASP A CG  1 
ATOM   767  O OD1 . ASP A 1 103 ? -13.616 3.829   -4.535  1.00 29.38 ? 94  ASP A OD1 1 
ATOM   768  O OD2 . ASP A 1 103 ? -11.927 5.167   -4.077  1.00 27.16 ? 94  ASP A OD2 1 
ATOM   769  N N   . LYS A 1 104 ? -11.113 4.326   -7.066  1.00 25.20 ? 95  LYS A N   1 
ATOM   770  C CA  . LYS A 1 104 ? -10.400 5.358   -7.846  1.00 24.81 ? 95  LYS A CA  1 
ATOM   771  C C   . LYS A 1 104 ? -9.328  6.096   -7.000  1.00 21.52 ? 95  LYS A C   1 
ATOM   772  O O   . LYS A 1 104 ? -8.262  6.436   -7.509  1.00 20.17 ? 95  LYS A O   1 
ATOM   773  C CB  . LYS A 1 104 ? -11.381 6.343   -8.497  1.00 28.35 ? 95  LYS A CB  1 
ATOM   774  C CG  . LYS A 1 104 ? -12.401 6.929   -7.532  1.00 35.03 ? 95  LYS A CG  1 
ATOM   775  C CD  . LYS A 1 104 ? -13.088 8.156   -8.118  1.00 41.10 ? 95  LYS A CD  1 
ATOM   776  C CE  . LYS A 1 104 ? -14.485 8.296   -7.519  1.00 45.53 ? 95  LYS A CE  1 
ATOM   777  N NZ  . LYS A 1 104 ? -15.000 9.698   -7.475  1.00 48.77 ? 95  LYS A NZ  1 
ATOM   778  N N   . ASP A 1 105 ? -9.630  6.273   -5.709  1.00 19.58 ? 96  ASP A N   1 
ATOM   779  C CA  . ASP A 1 105 ? -8.846  7.056   -4.734  1.00 17.25 ? 96  ASP A CA  1 
ATOM   780  C C   . ASP A 1 105 ? -7.913  6.301   -3.779  1.00 15.92 ? 96  ASP A C   1 
ATOM   781  O O   . ASP A 1 105 ? -7.050  6.936   -3.155  1.00 15.07 ? 96  ASP A O   1 
ATOM   782  C CB  . ASP A 1 105 ? -9.801  7.852   -3.842  1.00 18.05 ? 96  ASP A CB  1 
ATOM   783  C CG  . ASP A 1 105 ? -10.492 8.976   -4.573  1.00 19.40 ? 96  ASP A CG  1 
ATOM   784  O OD1 . ASP A 1 105 ? -9.918  9.546   -5.536  1.00 20.16 ? 96  ASP A OD1 1 
ATOM   785  O OD2 . ASP A 1 105 ? -11.625 9.301   -4.169  1.00 20.73 ? 96  ASP A OD2 1 
ATOM   786  N N   . TYR A 1 106 ? -8.106  4.991   -3.605  1.00 14.30 ? 97  TYR A N   1 
ATOM   787  C CA  . TYR A 1 106 ? -7.207  4.209   -2.773  1.00 13.63 ? 97  TYR A CA  1 
ATOM   788  C C   . TYR A 1 106 ? -7.118  2.743   -3.174  1.00 12.97 ? 97  TYR A C   1 
ATOM   789  O O   . TYR A 1 106 ? -7.988  2.218   -3.893  1.00 12.32 ? 97  TYR A O   1 
ATOM   790  C CB  . TYR A 1 106 ? -7.636  4.288   -1.317  1.00 14.60 ? 97  TYR A CB  1 
ATOM   791  C CG  . TYR A 1 106 ? -9.005  3.738   -1.097  1.00 16.27 ? 97  TYR A CG  1 
ATOM   792  C CD1 . TYR A 1 106 ? -10.132 4.549   -1.289  1.00 16.71 ? 97  TYR A CD1 1 
ATOM   793  C CD2 . TYR A 1 106 ? -9.195  2.399   -0.700  1.00 16.01 ? 97  TYR A CD2 1 
ATOM   794  C CE1 . TYR A 1 106 ? -11.417 4.042   -1.101  1.00 18.16 ? 97  TYR A CE1 1 
ATOM   795  C CE2 . TYR A 1 106 ? -10.469 1.887   -0.500  1.00 17.38 ? 97  TYR A CE2 1 
ATOM   796  C CZ  . TYR A 1 106 ? -11.586 2.709   -0.708  1.00 18.46 ? 97  TYR A CZ  1 
ATOM   797  O OH  . TYR A 1 106 ? -12.876 2.229   -0.519  1.00 19.64 ? 97  TYR A OH  1 
ATOM   798  N N   . PHE A 1 107 ? -6.062  2.071   -2.719  1.00 11.97 ? 98  PHE A N   1 
ATOM   799  C CA  . PHE A 1 107 ? -6.091  0.611   -2.735  1.00 11.72 ? 98  PHE A CA  1 
ATOM   800  C C   . PHE A 1 107 ? -5.441  0.027   -1.496  1.00 11.04 ? 98  PHE A C   1 
ATOM   801  O O   . PHE A 1 107 ? -4.631  0.683   -0.854  1.00 10.60 ? 98  PHE A O   1 
ATOM   802  C CB  . PHE A 1 107 ? -5.595  -0.015  -4.065  1.00 12.17 ? 98  PHE A CB  1 
ATOM   803  C CG  . PHE A 1 107 ? -4.119  0.153   -4.325  1.00 12.79 ? 98  PHE A CG  1 
ATOM   804  C CD1 . PHE A 1 107 ? -3.630  1.293   -4.973  1.00 12.96 ? 98  PHE A CD1 1 
ATOM   805  C CD2 . PHE A 1 107 ? -3.216  -0.846  -3.969  1.00 12.85 ? 98  PHE A CD2 1 
ATOM   806  C CE1 . PHE A 1 107 ? -2.266  1.431   -5.225  1.00 12.71 ? 98  PHE A CE1 1 
ATOM   807  C CE2 . PHE A 1 107 ? -1.855  -0.701  -4.221  1.00 12.85 ? 98  PHE A CE2 1 
ATOM   808  C CZ  . PHE A 1 107 ? -1.383  0.442   -4.840  1.00 12.57 ? 98  PHE A CZ  1 
ATOM   809  N N   . ILE A 1 108 ? -5.839  -1.199  -1.173  1.00 10.61 ? 99  ILE A N   1 
ATOM   810  C CA  . ILE A 1 108 ? -5.436  -1.878  0.041   1.00 10.34 ? 99  ILE A CA  1 
ATOM   811  C C   . ILE A 1 108 ? -4.874  -3.293  -0.245  1.00 10.44 ? 99  ILE A C   1 
ATOM   812  O O   . ILE A 1 108 ? -5.539  -4.113  -0.852  1.00 10.60 ? 99  ILE A O   1 
ATOM   813  C CB  . ILE A 1 108 ? -6.613  -1.895  1.075   1.00 9.82  ? 99  ILE A CB  1 
ATOM   814  C CG1 . ILE A 1 108 ? -7.247  -0.486  1.196   1.00 9.26  ? 99  ILE A CG1 1 
ATOM   815  C CG2 . ILE A 1 108 ? -6.125  -2.430  2.426   1.00 9.45  ? 99  ILE A CG2 1 
ATOM   816  C CD1 . ILE A 1 108 ? -8.456  -0.373  2.107   1.00 8.92  ? 99  ILE A CD1 1 
ATOM   817  N N   . PHE A 1 109 ? -3.645  -3.532  0.189   1.00 10.65 ? 100 PHE A N   1 
ATOM   818  C CA  . PHE A 1 109 ? -2.894  -4.773  0.013   1.00 11.42 ? 100 PHE A CA  1 
ATOM   819  C C   . PHE A 1 109 ? -2.739  -5.475  1.334   1.00 10.30 ? 100 PHE A C   1 
ATOM   820  O O   . PHE A 1 109 ? -2.589  -4.823  2.364   1.00 10.10 ? 100 PHE A O   1 
ATOM   821  C CB  . PHE A 1 109 ? -1.400  -4.460  -0.087  1.00 13.71 ? 100 PHE A CB  1 
ATOM   822  C CG  . PHE A 1 109 ? -0.879  -4.199  -1.422  1.00 14.90 ? 100 PHE A CG  1 
ATOM   823  C CD1 . PHE A 1 109 ? -1.651  -4.340  -2.537  1.00 15.71 ? 100 PHE A CD1 1 
ATOM   824  C CD2 . PHE A 1 109 ? 0.486   -3.803  -1.533  1.00 16.00 ? 100 PHE A CD2 1 
ATOM   825  C CE1 . PHE A 1 109 ? -1.066  -4.057  -3.785  1.00 18.22 ? 100 PHE A CE1 1 
ATOM   826  C CE2 . PHE A 1 109 ? 1.079   -3.528  -2.755  1.00 16.09 ? 100 PHE A CE2 1 
ATOM   827  C CZ  . PHE A 1 109 ? 0.295   -3.664  -3.889  1.00 17.34 ? 100 PHE A CZ  1 
ATOM   828  N N   . TYR A 1 110 ? -2.467  -6.758  1.263   1.00 8.98  ? 101 TYR A N   1 
ATOM   829  C CA  . TYR A 1 110 ? -2.111  -7.503  2.448   1.00 8.30  ? 101 TYR A CA  1 
ATOM   830  C C   . TYR A 1 110 ? -1.094  -8.614  2.170   1.00 7.98  ? 101 TYR A C   1 
ATOM   831  O O   . TYR A 1 110 ? -1.345  -9.515  1.337   1.00 8.15  ? 101 TYR A O   1 
ATOM   832  C CB  . TYR A 1 110 ? -3.366  -8.145  3.027   1.00 8.10  ? 101 TYR A CB  1 
ATOM   833  C CG  . TYR A 1 110 ? -3.106  -8.797  4.330   1.00 7.73  ? 101 TYR A CG  1 
ATOM   834  C CD1 . TYR A 1 110 ? -2.900  -8.020  5.450   1.00 7.61  ? 101 TYR A CD1 1 
ATOM   835  C CD2 . TYR A 1 110 ? -3.035  -10.177 4.439   1.00 7.54  ? 101 TYR A CD2 1 
ATOM   836  C CE1 . TYR A 1 110 ? -2.629  -8.583  6.665   1.00 7.68  ? 101 TYR A CE1 1 
ATOM   837  C CE2 . TYR A 1 110 ? -2.778  -10.768 5.659   1.00 7.61  ? 101 TYR A CE2 1 
ATOM   838  C CZ  . TYR A 1 110 ? -2.576  -9.961  6.764   1.00 7.69  ? 101 TYR A CZ  1 
ATOM   839  O OH  . TYR A 1 110 ? -2.334  -10.489 8.003   1.00 7.97  ? 101 TYR A OH  1 
ATOM   840  N N   . GLY A 1 111 ? 0.020   -8.594  2.892   1.00 7.41  ? 102 GLY A N   1 
ATOM   841  C CA  . GLY A 1 111 ? 1.058   -9.593  2.684   1.00 6.93  ? 102 GLY A CA  1 
ATOM   842  C C   . GLY A 1 111 ? 1.796   -9.883  3.961   1.00 6.61  ? 102 GLY A C   1 
ATOM   843  O O   . GLY A 1 111 ? 1.374   -9.439  5.041   1.00 6.70  ? 102 GLY A O   1 
ATOM   844  N N   . HIS A 1 112 ? 2.907   -10.610 3.828   1.00 6.24  ? 103 HIS A N   1 
ATOM   845  C CA  . HIS A 1 112 ? 3.731   -11.074 4.958   1.00 5.91  ? 103 HIS A CA  1 
ATOM   846  C C   . HIS A 1 112 ? 5.195   -10.869 4.627   1.00 5.81  ? 103 HIS A C   1 
ATOM   847  O O   . HIS A 1 112 ? 5.965   -11.809 4.498   1.00 5.74  ? 103 HIS A O   1 
ATOM   848  C CB  . HIS A 1 112 ? 3.464   -12.535 5.251   1.00 5.84  ? 103 HIS A CB  1 
ATOM   849  C CG  . HIS A 1 112 ? 2.013   -12.838 5.516   1.00 5.87  ? 103 HIS A CG  1 
ATOM   850  N ND1 . HIS A 1 112 ? 1.072   -12.897 4.513   1.00 5.77  ? 103 HIS A ND1 1 
ATOM   851  C CD2 . HIS A 1 112 ? 1.349   -13.080 6.668   1.00 5.83  ? 103 HIS A CD2 1 
ATOM   852  C CE1 . HIS A 1 112 ? -0.108  -13.166 5.041   1.00 5.87  ? 103 HIS A CE1 1 
ATOM   853  N NE2 . HIS A 1 112 ? 0.029   -13.272 6.346   1.00 5.73  ? 103 HIS A NE2 1 
ATOM   854  N N   . PRO A 1 113 ? 5.604   -9.612  4.497   1.00 5.69  ? 104 PRO A N   1 
ATOM   855  C CA  . PRO A 1 113 ? 6.971   -9.492  4.052   1.00 5.82  ? 104 PRO A CA  1 
ATOM   856  C C   . PRO A 1 113 ? 7.906   -9.740  5.254   1.00 5.98  ? 104 PRO A C   1 
ATOM   857  O O   . PRO A 1 113 ? 7.427   -9.780  6.382   1.00 5.90  ? 104 PRO A O   1 
ATOM   858  C CB  . PRO A 1 113 ? 7.021   -8.045  3.561   1.00 5.79  ? 104 PRO A CB  1 
ATOM   859  C CG  . PRO A 1 113 ? 6.047   -7.365  4.488   1.00 5.63  ? 104 PRO A CG  1 
ATOM   860  C CD  . PRO A 1 113 ? 4.907   -8.326  4.506   1.00 5.52  ? 104 PRO A CD  1 
ATOM   861  N N   . PRO A 1 114 ? 9.220   -9.926  5.016   1.00 6.10  ? 105 PRO A N   1 
ATOM   862  C CA  . PRO A 1 114 ? 10.094  -10.113 6.185   1.00 6.32  ? 105 PRO A CA  1 
ATOM   863  C C   . PRO A 1 114 ? 9.929   -8.973  7.196   1.00 6.73  ? 105 PRO A C   1 
ATOM   864  O O   . PRO A 1 114 ? 10.009  -9.205  8.394   1.00 7.13  ? 105 PRO A O   1 
ATOM   865  C CB  . PRO A 1 114 ? 11.497  -10.110 5.595   1.00 6.10  ? 105 PRO A CB  1 
ATOM   866  C CG  . PRO A 1 114 ? 11.299  -10.544 4.171   1.00 6.22  ? 105 PRO A CG  1 
ATOM   867  C CD  . PRO A 1 114 ? 9.888   -10.261 3.751   1.00 6.09  ? 105 PRO A CD  1 
ATOM   868  N N   . ALA A 1 115 ? 9.683   -7.755  6.750   1.00 6.84  ? 106 ALA A N   1 
ATOM   869  C CA  . ALA A 1 115 ? 9.556   -6.715  7.730   1.00 7.26  ? 106 ALA A CA  1 
ATOM   870  C C   . ALA A 1 115 ? 8.296   -6.872  8.654   1.00 7.35  ? 106 ALA A C   1 
ATOM   871  O O   . ALA A 1 115 ? 8.222   -6.242  9.703   1.00 7.72  ? 106 ALA A O   1 
ATOM   872  C CB  . ALA A 1 115 ? 9.598   -5.348  7.052   1.00 7.39  ? 106 ALA A CB  1 
ATOM   873  N N   . ALA A 1 116 ? 7.334   -7.712  8.291   1.00 7.22  ? 107 ALA A N   1 
ATOM   874  C CA  . ALA A 1 116 ? 6.163   -7.934  9.131   1.00 7.23  ? 107 ALA A CA  1 
ATOM   875  C C   . ALA A 1 116 ? 5.561   -9.321  8.858   1.00 7.58  ? 107 ALA A C   1 
ATOM   876  O O   . ALA A 1 116 ? 4.485   -9.436  8.261   1.00 7.74  ? 107 ALA A O   1 
ATOM   877  C CB  . ALA A 1 116 ? 5.145   -6.832  8.911   1.00 7.17  ? 107 ALA A CB  1 
ATOM   878  N N   . PRO A 1 117 ? 6.245   -10.395 9.293   1.00 7.84  ? 108 PRO A N   1 
ATOM   879  C CA  . PRO A 1 117 ? 5.907   -11.707 8.701   1.00 8.12  ? 108 PRO A CA  1 
ATOM   880  C C   . PRO A 1 117 ? 4.551   -12.282 9.153   1.00 8.69  ? 108 PRO A C   1 
ATOM   881  O O   . PRO A 1 117 ? 4.050   -13.214 8.548   1.00 9.08  ? 108 PRO A O   1 
ATOM   882  C CB  . PRO A 1 117 ? 7.079   -12.601 9.123   1.00 8.29  ? 108 PRO A CB  1 
ATOM   883  C CG  . PRO A 1 117 ? 7.795   -11.905 10.230  1.00 7.88  ? 108 PRO A CG  1 
ATOM   884  C CD  . PRO A 1 117 ? 7.400   -10.450 10.209  1.00 7.79  ? 108 PRO A CD  1 
ATOM   885  N N   . SER A 1 118 ? 3.948   -11.703 10.191  1.00 8.98  ? 109 SER A N   1 
ATOM   886  C CA  . SER A 1 118 ? 2.584   -12.033 10.579  1.00 8.88  ? 109 SER A CA  1 
ATOM   887  C C   . SER A 1 118 ? 1.533   -11.231 9.845   1.00 8.89  ? 109 SER A C   1 
ATOM   888  O O   . SER A 1 118 ? 0.359   -11.425 10.077  1.00 9.28  ? 109 SER A O   1 
ATOM   889  C CB  . SER A 1 118 ? 2.377   -11.784 12.060  1.00 8.87  ? 109 SER A CB  1 
ATOM   890  O OG  . SER A 1 118 ? 3.098   -12.749 12.762  1.00 9.17  ? 109 SER A OG  1 
ATOM   891  N N   . GLY A 1 119 ? 1.911   -10.315 8.975   1.00 8.75  ? 110 GLY A N   1 
ATOM   892  C CA  . GLY A 1 119 ? 0.863   -9.631  8.275   1.00 8.68  ? 110 GLY A CA  1 
ATOM   893  C C   . GLY A 1 119 ? 1.003   -8.138  8.334   1.00 8.94  ? 110 GLY A C   1 
ATOM   894  O O   . GLY A 1 119 ? 1.254   -7.550  9.406   1.00 8.93  ? 110 GLY A O   1 
ATOM   895  N N   . LEU A 1 120 ? 0.831   -7.544  7.149   1.00 8.79  ? 111 LEU A N   1 
ATOM   896  C CA  . LEU A 1 120 ? 1.003   -6.144  6.906   1.00 8.23  ? 111 LEU A CA  1 
ATOM   897  C C   . LEU A 1 120 ? -0.080  -5.731  5.920   1.00 7.99  ? 111 LEU A C   1 
ATOM   898  O O   . LEU A 1 120 ? -0.115  -6.272  4.816   1.00 7.97  ? 111 LEU A O   1 
ATOM   899  C CB  . LEU A 1 120 ? 2.335   -5.966  6.240   1.00 8.04  ? 111 LEU A CB  1 
ATOM   900  C CG  . LEU A 1 120 ? 3.132   -4.703  6.580   1.00 8.28  ? 111 LEU A CG  1 
ATOM   901  C CD1 . LEU A 1 120 ? 3.890   -4.227  5.344   1.00 7.98  ? 111 LEU A CD1 1 
ATOM   902  C CD2 . LEU A 1 120 ? 2.371   -3.569  7.284   1.00 7.78  ? 111 LEU A CD2 1 
ATOM   903  N N   . ALA A 1 121 ? -0.956  -4.807  6.333   1.00 7.54  ? 112 ALA A N   1 
ATOM   904  C CA  . ALA A 1 121 ? -1.974  -4.209  5.477   1.00 7.34  ? 112 ALA A CA  1 
ATOM   905  C C   . ALA A 1 121 ? -1.464  -2.817  5.172   1.00 7.52  ? 112 ALA A C   1 
ATOM   906  O O   . ALA A 1 121 ? -0.951  -2.123  6.079   1.00 7.90  ? 112 ALA A O   1 
ATOM   907  C CB  . ALA A 1 121 ? -3.321  -4.141  6.166   1.00 6.94  ? 112 ALA A CB  1 
ATOM   908  N N   . LEU A 1 122 ? -1.574  -2.430  3.907   1.00 7.34  ? 113 LEU A N   1 
ATOM   909  C CA  . LEU A 1 122 ? -1.041  -1.183  3.414   1.00 7.61  ? 113 LEU A CA  1 
ATOM   910  C C   . LEU A 1 122 ? -2.127  -0.429  2.612   1.00 7.68  ? 113 LEU A C   1 
ATOM   911  O O   . LEU A 1 122 ? -2.706  -0.984  1.671   1.00 7.65  ? 113 LEU A O   1 
ATOM   912  C CB  . LEU A 1 122 ? 0.163   -1.477  2.517   1.00 7.81  ? 113 LEU A CB  1 
ATOM   913  C CG  . LEU A 1 122 ? 1.327   -2.216  3.187   1.00 7.90  ? 113 LEU A CG  1 
ATOM   914  C CD1 . LEU A 1 122 ? 2.176   -2.946  2.176   1.00 7.90  ? 113 LEU A CD1 1 
ATOM   915  C CD2 . LEU A 1 122 ? 2.184   -1.221  3.951   1.00 8.09  ? 113 LEU A CD2 1 
ATOM   916  N N   . ILE A 1 123 ? -2.421  0.806   3.019   1.00 7.64  ? 114 ILE A N   1 
ATOM   917  C CA  . ILE A 1 123 ? -3.365  1.673   2.313   1.00 7.83  ? 114 ILE A CA  1 
ATOM   918  C C   . ILE A 1 123 ? -2.629  2.705   1.469   1.00 8.01  ? 114 ILE A C   1 
ATOM   919  O O   . ILE A 1 123 ? -1.827  3.488   1.985   1.00 8.06  ? 114 ILE A O   1 
ATOM   920  C CB  . ILE A 1 123 ? -4.360  2.339   3.280   1.00 7.96  ? 114 ILE A CB  1 
ATOM   921  C CG1 . ILE A 1 123 ? -4.841  1.285   4.309   1.00 8.00  ? 114 ILE A CG1 1 
ATOM   922  C CG2 . ILE A 1 123 ? -5.529  2.916   2.502   1.00 7.86  ? 114 ILE A CG2 1 
ATOM   923  C CD1 . ILE A 1 123 ? -5.927  1.725   5.254   1.00 7.62  ? 114 ILE A CD1 1 
ATOM   924  N N   . HIS A 1 124 ? -2.859  2.674   0.158   1.00 8.29  ? 115 HIS A N   1 
ATOM   925  C CA  . HIS A 1 124 ? -2.242  3.650   -0.751  1.00 8.57  ? 115 HIS A CA  1 
ATOM   926  C C   . HIS A 1 124 ? -3.315  4.573   -1.208  1.00 8.64  ? 115 HIS A C   1 
ATOM   927  O O   . HIS A 1 124 ? -4.412  4.134   -1.557  1.00 8.43  ? 115 HIS A O   1 
ATOM   928  C CB  . HIS A 1 124 ? -1.652  2.982   -1.999  1.00 8.98  ? 115 HIS A CB  1 
ATOM   929  C CG  . HIS A 1 124 ? -0.857  1.751   -1.710  1.00 9.62  ? 115 HIS A CG  1 
ATOM   930  N ND1 . HIS A 1 124 ? 0.461   1.615   -2.085  1.00 9.69  ? 115 HIS A ND1 1 
ATOM   931  C CD2 . HIS A 1 124 ? -1.197  0.588   -1.098  1.00 10.11 ? 115 HIS A CD2 1 
ATOM   932  C CE1 . HIS A 1 124 ? 0.911   0.434   -1.694  1.00 10.09 ? 115 HIS A CE1 1 
ATOM   933  N NE2 . HIS A 1 124 ? -0.078  -0.215  -1.105  1.00 10.43 ? 115 HIS A NE2 1 
ATOM   934  N N   . TYR A 1 125 ? -2.981  5.851   -1.276  1.00 9.13  ? 116 TYR A N   1 
ATOM   935  C CA  . TYR A 1 125 ? -3.974  6.879   -1.575  1.00 9.37  ? 116 TYR A CA  1 
ATOM   936  C C   . TYR A 1 125 ? -3.580  7.643   -2.799  1.00 9.69  ? 116 TYR A C   1 
ATOM   937  O O   . TYR A 1 125 ? -2.402  7.916   -2.974  1.00 9.45  ? 116 TYR A O   1 
ATOM   938  C CB  . TYR A 1 125 ? -4.070  7.876   -0.423  1.00 8.97  ? 116 TYR A CB  1 
ATOM   939  C CG  . TYR A 1 125 ? -4.706  7.374   0.822   1.00 8.77  ? 116 TYR A CG  1 
ATOM   940  C CD1 . TYR A 1 125 ? -6.094  7.260   0.926   1.00 9.00  ? 116 TYR A CD1 1 
ATOM   941  C CD2 . TYR A 1 125 ? -3.937  7.048   1.913   1.00 9.04  ? 116 TYR A CD2 1 
ATOM   942  C CE1 . TYR A 1 125 ? -6.708  6.801   2.093   1.00 8.79  ? 116 TYR A CE1 1 
ATOM   943  C CE2 . TYR A 1 125 ? -4.525  6.586   3.091   1.00 9.26  ? 116 TYR A CE2 1 
ATOM   944  C CZ  . TYR A 1 125 ? -5.915  6.474   3.169   1.00 8.95  ? 116 TYR A CZ  1 
ATOM   945  O OH  . TYR A 1 125 ? -6.467  6.018   4.329   1.00 8.86  ? 116 TYR A OH  1 
ATOM   946  N N   . ARG A 1 126 ? -4.572  8.024   -3.606  1.00 10.50 ? 117 ARG A N   1 
ATOM   947  C CA  . ARG A 1 126 ? -4.364  8.951   -4.696  1.00 11.76 ? 117 ARG A CA  1 
ATOM   948  C C   . ARG A 1 126 ? -3.913  10.324  -4.190  1.00 11.82 ? 117 ARG A C   1 
ATOM   949  O O   . ARG A 1 126 ? -3.148  11.006  -4.845  1.00 11.01 ? 117 ARG A O   1 
ATOM   950  C CB  . ARG A 1 126 ? -5.622  9.054   -5.594  1.00 13.05 ? 117 ARG A CB  1 
ATOM   951  C CG  . ARG A 1 126 ? -5.588  8.102   -6.795  1.00 14.81 ? 117 ARG A CG  1 
ATOM   952  C CD  . ARG A 1 126 ? -4.432  8.479   -7.713  1.00 16.69 ? 117 ARG A CD  1 
ATOM   953  N NE  . ARG A 1 126 ? -3.890  7.400   -8.524  1.00 18.78 ? 117 ARG A NE  1 
ATOM   954  C CZ  . ARG A 1 126 ? -4.595  6.736   -9.430  1.00 20.87 ? 117 ARG A CZ  1 
ATOM   955  N NH1 . ARG A 1 126 ? -5.895  7.007   -9.585  1.00 22.90 ? 117 ARG A NH1 1 
ATOM   956  N NH2 . ARG A 1 126 ? -4.034  5.756   -10.130 1.00 20.05 ? 117 ARG A NH2 1 
ATOM   957  N N   . GLN A 1 127 ? -4.355  10.699  -2.996  1.00 12.75 ? 118 GLN A N   1 
ATOM   958  C CA  . GLN A 1 127 ? -4.048  12.037  -2.435  1.00 13.87 ? 118 GLN A CA  1 
ATOM   959  C C   . GLN A 1 127 ? -3.071  11.948  -1.286  1.00 12.94 ? 118 GLN A C   1 
ATOM   960  O O   . GLN A 1 127 ? -3.147  11.021  -0.489  1.00 13.24 ? 118 GLN A O   1 
ATOM   961  C CB  . GLN A 1 127 ? -5.329  12.759  -1.962  1.00 14.94 ? 118 GLN A CB  1 
ATOM   962  C CG  . GLN A 1 127 ? -6.125  13.408  -3.092  1.00 16.62 ? 118 GLN A CG  1 
ATOM   963  C CD  . GLN A 1 127 ? -7.062  12.427  -3.813  1.00 19.38 ? 118 GLN A CD  1 
ATOM   964  O OE1 . GLN A 1 127 ? -7.945  11.775  -3.170  1.00 20.30 ? 118 GLN A OE1 1 
ATOM   965  N NE2 . GLN A 1 127 ? -6.896  12.315  -5.155  1.00 17.83 ? 118 GLN A NE2 1 
ATOM   966  N N   . SER A 1 128 ? -2.156  12.903  -1.194  1.00 12.56 ? 119 SER A N   1 
ATOM   967  C CA  . SER A 1 128 ? -1.184  12.927  -0.089  1.00 12.51 ? 119 SER A CA  1 
ATOM   968  C C   . SER A 1 128 ? -1.827  12.907  1.307   1.00 12.59 ? 119 SER A C   1 
ATOM   969  O O   . SER A 1 128 ? -1.413  12.153  2.196   1.00 12.27 ? 119 SER A O   1 
ATOM   970  C CB  . SER A 1 128 ? -0.252  14.142  -0.198  1.00 12.40 ? 119 SER A CB  1 
ATOM   971  O OG  . SER A 1 128 ? 0.685   14.155  0.891   1.00 12.50 ? 119 SER A OG  1 
ATOM   972  N N   . CYS A 1 129 ? -2.814  13.778  1.483   1.00 13.38 ? 120 CYS A N   1 
ATOM   973  C CA  . CYS A 1 129 ? -3.554  13.952  2.731   1.00 14.08 ? 120 CYS A CA  1 
ATOM   974  C C   . CYS A 1 129 ? -4.983  13.755  2.358   1.00 13.55 ? 120 CYS A C   1 
ATOM   975  O O   . CYS A 1 129 ? -5.673  14.704  2.101   1.00 13.55 ? 120 CYS A O   1 
ATOM   976  C CB  . CYS A 1 129 ? -3.369  15.373  3.273   1.00 14.83 ? 120 CYS A CB  1 
ATOM   977  S SG  . CYS A 1 129 ? -1.681  15.627  3.855   1.00 17.76 ? 120 CYS A SG  1 
ATOM   978  N N   . PRO A 1 130 ? -5.427  12.505  2.294   1.00 13.84 ? 121 PRO A N   1 
ATOM   979  C CA  . PRO A 1 130 ? -6.790  12.242  1.820   1.00 14.08 ? 121 PRO A CA  1 
ATOM   980  C C   . PRO A 1 130 ? -7.868  12.878  2.695   1.00 14.58 ? 121 PRO A C   1 
ATOM   981  O O   . PRO A 1 130 ? -7.708  13.003  3.897   1.00 13.66 ? 121 PRO A O   1 
ATOM   982  C CB  . PRO A 1 130 ? -6.886  10.701  1.851   1.00 13.76 ? 121 PRO A CB  1 
ATOM   983  C CG  . PRO A 1 130 ? -5.765  10.234  2.742   1.00 13.35 ? 121 PRO A CG  1 
ATOM   984  C CD  . PRO A 1 130 ? -4.687  11.272  2.632   1.00 13.63 ? 121 PRO A CD  1 
ATOM   985  N N   . LYS A 1 131 ? -8.972  13.250  2.073   1.00 17.43 ? 122 LYS A N   1 
ATOM   986  C CA  . LYS A 1 131 ? -10.092 13.893  2.774   1.00 19.11 ? 122 LYS A CA  1 
ATOM   987  C C   . LYS A 1 131 ? -11.012 12.899  3.464   1.00 20.18 ? 122 LYS A C   1 
ATOM   988  O O   . LYS A 1 131 ? -10.973 11.684  3.211   1.00 21.71 ? 122 LYS A O   1 
ATOM   989  C CB  . LYS A 1 131 ? -10.910 14.717  1.787   1.00 19.50 ? 122 LYS A CB  1 
ATOM   990  C CG  . LYS A 1 131 ? -10.168 15.913  1.252   1.00 20.48 ? 122 LYS A CG  1 
ATOM   991  C CD  . LYS A 1 131 ? -11.063 16.635  0.277   1.00 21.44 ? 122 LYS A CD  1 
ATOM   992  C CE  . LYS A 1 131 ? -10.375 17.898  -0.175  1.00 22.73 ? 122 LYS A CE  1 
ATOM   993  N NZ  . LYS A 1 131 ? -10.982 18.396  -1.434  1.00 24.09 ? 122 LYS A NZ  1 
ATOM   994  N N   . GLU A 1 132 ? -11.899 13.429  4.284   1.00 21.54 ? 123 GLU A N   1 
ATOM   995  C CA  . GLU A 1 132 ? -12.732 12.594  5.123   1.00 23.39 ? 123 GLU A CA  1 
ATOM   996  C C   . GLU A 1 132 ? -13.616 11.615  4.336   1.00 21.22 ? 123 GLU A C   1 
ATOM   997  O O   . GLU A 1 132 ? -13.757 10.478  4.746   1.00 20.57 ? 123 GLU A O   1 
ATOM   998  C CB  . GLU A 1 132 ? -13.550 13.455  6.085   1.00 26.98 ? 123 GLU A CB  1 
ATOM   999  C CG  . GLU A 1 132 ? -14.329 14.556  5.387   1.00 32.22 ? 123 GLU A CG  1 
ATOM   1000 C CD  . GLU A 1 132 ? -15.393 15.163  6.275   1.00 38.63 ? 123 GLU A CD  1 
ATOM   1001 O OE1 . GLU A 1 132 ? -15.530 14.722  7.442   1.00 39.82 ? 123 GLU A OE1 1 
ATOM   1002 O OE2 . GLU A 1 132 ? -16.092 16.093  5.799   1.00 44.72 ? 123 GLU A OE2 1 
ATOM   1003 N N   . ASP A 1 133 ? -14.192 12.037  3.214   1.00 19.71 ? 124 ASP A N   1 
ATOM   1004 C CA  . ASP A 1 133 ? -15.045 11.132  2.457   1.00 19.11 ? 124 ASP A CA  1 
ATOM   1005 C C   . ASP A 1 133 ? -14.242 9.937   1.970   1.00 17.27 ? 124 ASP A C   1 
ATOM   1006 O O   . ASP A 1 133 ? -14.727 8.808   2.037   1.00 15.93 ? 124 ASP A O   1 
ATOM   1007 C CB  . ASP A 1 133 ? -15.660 11.823  1.269   1.00 21.44 ? 124 ASP A CB  1 
ATOM   1008 C CG  . ASP A 1 133 ? -14.621 12.313  0.318   1.00 24.93 ? 124 ASP A CG  1 
ATOM   1009 O OD1 . ASP A 1 133 ? -13.762 13.102  0.759   1.00 28.98 ? 124 ASP A OD1 1 
ATOM   1010 O OD2 . ASP A 1 133 ? -14.624 11.893  -0.850  1.00 28.31 ? 124 ASP A OD2 1 
ATOM   1011 N N   . VAL A 1 134 ? -13.003 10.177  1.514   1.00 15.90 ? 125 VAL A N   1 
ATOM   1012 C CA  . VAL A 1 134 ? -12.122 9.076   1.084   1.00 14.22 ? 125 VAL A CA  1 
ATOM   1013 C C   . VAL A 1 134 ? -11.806 8.152   2.280   1.00 13.95 ? 125 VAL A C   1 
ATOM   1014 O O   . VAL A 1 134 ? -11.899 6.899   2.175   1.00 13.83 ? 125 VAL A O   1 
ATOM   1015 C CB  . VAL A 1 134 ? -10.841 9.582   0.421   1.00 13.56 ? 125 VAL A CB  1 
ATOM   1016 C CG1 . VAL A 1 134 ? -9.856  8.429   0.277   1.00 13.16 ? 125 VAL A CG1 1 
ATOM   1017 C CG2 . VAL A 1 134 ? -11.166 10.242  -0.919  1.00 12.88 ? 125 VAL A CG2 1 
ATOM   1018 N N   . ILE A 1 135 ? -11.478 8.776   3.413   1.00 12.25 ? 126 ILE A N   1 
ATOM   1019 C CA  . ILE A 1 135 ? -11.217 8.046   4.638   1.00 11.91 ? 126 ILE A CA  1 
ATOM   1020 C C   . ILE A 1 135 ? -12.411 7.202   5.123   1.00 11.92 ? 126 ILE A C   1 
ATOM   1021 O O   . ILE A 1 135 ? -12.257 5.994   5.429   1.00 11.58 ? 126 ILE A O   1 
ATOM   1022 C CB  . ILE A 1 135 ? -10.666 8.972   5.735   1.00 11.75 ? 126 ILE A CB  1 
ATOM   1023 C CG1 . ILE A 1 135 ? -9.204  9.349   5.394   1.00 11.42 ? 126 ILE A CG1 1 
ATOM   1024 C CG2 . ILE A 1 135 ? -10.722 8.281   7.086   1.00 11.33 ? 126 ILE A CG2 1 
ATOM   1025 C CD1 . ILE A 1 135 ? -8.680  10.490  6.215   1.00 11.04 ? 126 ILE A CD1 1 
ATOM   1026 N N   . LYS A 1 136 ? -13.602 7.798   5.145   1.00 11.31 ? 127 LYS A N   1 
ATOM   1027 C CA  . LYS A 1 136 ? -14.808 7.039   5.482   1.00 11.05 ? 127 LYS A CA  1 
ATOM   1028 C C   . LYS A 1 136 ? -15.015 5.789   4.620   1.00 10.74 ? 127 LYS A C   1 
ATOM   1029 O O   . LYS A 1 136 ? -15.328 4.708   5.140   1.00 10.31 ? 127 LYS A O   1 
ATOM   1030 C CB  . LYS A 1 136 ? -16.018 7.954   5.479   1.00 11.54 ? 127 LYS A CB  1 
ATOM   1031 C CG  . LYS A 1 136 ? -15.902 8.932   6.618   1.00 11.81 ? 127 LYS A CG  1 
ATOM   1032 C CD  . LYS A 1 136 ? -16.726 10.170  6.389   1.00 12.63 ? 127 LYS A CD  1 
ATOM   1033 C CE  . LYS A 1 136 ? -16.806 10.885  7.728   1.00 13.22 ? 127 LYS A CE  1 
ATOM   1034 N NZ  . LYS A 1 136 ? -17.943 11.821  7.726   1.00 14.63 ? 127 LYS A NZ  1 
ATOM   1035 N N   . ARG A 1 137 ? -14.804 5.920   3.315   1.00 10.70 ? 128 ARG A N   1 
ATOM   1036 C CA  . ARG A 1 137 ? -14.887 4.771   2.417   1.00 10.76 ? 128 ARG A CA  1 
ATOM   1037 C C   . ARG A 1 137 ? -13.879 3.686   2.815   1.00 10.73 ? 128 ARG A C   1 
ATOM   1038 O O   . ARG A 1 137 ? -14.225 2.508   2.866   1.00 10.49 ? 128 ARG A O   1 
ATOM   1039 C CB  . ARG A 1 137 ? -14.688 5.194   0.965   1.00 11.50 ? 128 ARG A CB  1 
ATOM   1040 C CG  . ARG A 1 137 ? -15.763 6.135   0.458   1.00 12.43 ? 128 ARG A CG  1 
ATOM   1041 C CD  . ARG A 1 137 ? -16.121 5.821   -0.982  1.00 13.76 ? 128 ARG A CD  1 
ATOM   1042 N NE  . ARG A 1 137 ? -14.989 6.079   -1.861  1.00 15.17 ? 128 ARG A NE  1 
ATOM   1043 C CZ  . ARG A 1 137 ? -14.575 7.297   -2.201  1.00 16.71 ? 128 ARG A CZ  1 
ATOM   1044 N NH1 . ARG A 1 137 ? -15.227 8.362   -1.726  1.00 16.90 ? 128 ARG A NH1 1 
ATOM   1045 N NH2 . ARG A 1 137 ? -13.512 7.454   -3.017  1.00 16.87 ? 128 ARG A NH2 1 
ATOM   1046 N N   . VAL A 1 138 ? -12.647 4.105   3.118   1.00 10.67 ? 129 VAL A N   1 
ATOM   1047 C CA  . VAL A 1 138 ? -11.559 3.200   3.503   1.00 10.37 ? 129 VAL A CA  1 
ATOM   1048 C C   . VAL A 1 138 ? -11.968 2.434   4.763   1.00 10.26 ? 129 VAL A C   1 
ATOM   1049 O O   . VAL A 1 138 ? -11.916 1.204   4.779   1.00 10.61 ? 129 VAL A O   1 
ATOM   1050 C CB  . VAL A 1 138 ? -10.178 3.951   3.663   1.00 10.50 ? 129 VAL A CB  1 
ATOM   1051 C CG1 . VAL A 1 138 ? -9.213  3.192   4.575   1.00 10.54 ? 129 VAL A CG1 1 
ATOM   1052 C CG2 . VAL A 1 138 ? -9.524  4.248   2.328   1.00 9.94  ? 129 VAL A CG2 1 
ATOM   1053 N N   . LYS A 1 139 ? -12.365 3.153   5.809   1.00 10.54 ? 130 LYS A N   1 
ATOM   1054 C CA  . LYS A 1 139 ? -13.080 2.570   6.964   1.00 11.02 ? 130 LYS A CA  1 
ATOM   1055 C C   . LYS A 1 139 ? -14.141 1.502   6.593   1.00 10.74 ? 130 LYS A C   1 
ATOM   1056 O O   . LYS A 1 139 ? -14.200 0.433   7.193   1.00 10.17 ? 130 LYS A O   1 
ATOM   1057 C CB  . LYS A 1 139 ? -13.788 3.667   7.735   1.00 11.68 ? 130 LYS A CB  1 
ATOM   1058 C CG  . LYS A 1 139 ? -12.913 4.470   8.664   1.00 13.79 ? 130 LYS A CG  1 
ATOM   1059 C CD  . LYS A 1 139 ? -13.816 5.311   9.534   1.00 16.09 ? 130 LYS A CD  1 
ATOM   1060 C CE  . LYS A 1 139 ? -13.113 5.789   10.770  1.00 18.85 ? 130 LYS A CE  1 
ATOM   1061 N NZ  . LYS A 1 139 ? -13.546 7.205   10.991  1.00 21.37 ? 130 LYS A NZ  1 
ATOM   1062 N N   . LYS A 1 140 ? -14.974 1.803   5.602   1.00 10.71 ? 131 LYS A N   1 
ATOM   1063 C CA  . LYS A 1 140 ? -16.047 0.895   5.274   1.00 10.98 ? 131 LYS A CA  1 
ATOM   1064 C C   . LYS A 1 140 ? -15.482 -0.348  4.589   1.00 10.95 ? 131 LYS A C   1 
ATOM   1065 O O   . LYS A 1 140 ? -15.890 -1.463  4.932   1.00 10.72 ? 131 LYS A O   1 
ATOM   1066 C CB  . LYS A 1 140 ? -17.135 1.593   4.438   1.00 11.15 ? 131 LYS A CB  1 
ATOM   1067 C CG  . LYS A 1 140 ? -17.919 2.601   5.275   1.00 11.97 ? 131 LYS A CG  1 
ATOM   1068 C CD  . LYS A 1 140 ? -18.904 3.399   4.448   1.00 12.25 ? 131 LYS A CD  1 
ATOM   1069 C CE  . LYS A 1 140 ? -19.610 4.433   5.306   1.00 12.65 ? 131 LYS A CE  1 
ATOM   1070 N NZ  . LYS A 1 140 ? -20.572 5.320   4.545   1.00 13.03 ? 131 LYS A NZ  1 
ATOM   1071 N N   . ALA A 1 141 ? -14.555 -0.129  3.644   1.00 10.52 ? 132 ALA A N   1 
ATOM   1072 C CA  . ALA A 1 141 ? -13.855 -1.179  2.918   1.00 10.71 ? 132 ALA A CA  1 
ATOM   1073 C C   . ALA A 1 141 ? -13.104 -2.116  3.878   1.00 10.82 ? 132 ALA A C   1 
ATOM   1074 O O   . ALA A 1 141 ? -13.090 -3.347  3.667   1.00 10.36 ? 132 ALA A O   1 
ATOM   1075 C CB  . ALA A 1 141 ? -12.900 -0.595  1.866   1.00 10.04 ? 132 ALA A CB  1 
ATOM   1076 N N   . LEU A 1 142 ? -12.507 -1.536  4.929   1.00 10.86 ? 133 LEU A N   1 
ATOM   1077 C CA  . LEU A 1 142 ? -11.783 -2.346  5.914   1.00 11.47 ? 133 LEU A CA  1 
ATOM   1078 C C   . LEU A 1 142 ? -12.719 -3.253  6.713   1.00 12.68 ? 133 LEU A C   1 
ATOM   1079 O O   . LEU A 1 142 ? -12.436 -4.448  6.841   1.00 12.93 ? 133 LEU A O   1 
ATOM   1080 C CB  . LEU A 1 142 ? -10.879 -1.505  6.850   1.00 10.64 ? 133 LEU A CB  1 
ATOM   1081 C CG  . LEU A 1 142 ? -9.687  -0.817  6.180   1.00 9.86  ? 133 LEU A CG  1 
ATOM   1082 C CD1 . LEU A 1 142 ? -9.106  0.310   7.017   1.00 9.34  ? 133 LEU A CD1 1 
ATOM   1083 C CD2 . LEU A 1 142 ? -8.635  -1.839  5.772   1.00 9.65  ? 133 LEU A CD2 1 
ATOM   1084 N N   . LYS A 1 143 ? -13.831 -2.705  7.219   1.00 13.73 ? 134 LYS A N   1 
ATOM   1085 C CA  . LYS A 1 143 ? -14.751 -3.481  8.054   1.00 14.59 ? 134 LYS A CA  1 
ATOM   1086 C C   . LYS A 1 143 ? -15.353 -4.653  7.280   1.00 14.19 ? 134 LYS A C   1 
ATOM   1087 O O   . LYS A 1 143 ? -15.666 -5.704  7.847   1.00 14.01 ? 134 LYS A O   1 
ATOM   1088 C CB  . LYS A 1 143 ? -15.824 -2.583  8.663   1.00 16.00 ? 134 LYS A CB  1 
ATOM   1089 C CG  . LYS A 1 143 ? -15.541 -2.195  10.115  1.00 19.98 ? 134 LYS A CG  1 
ATOM   1090 C CD  . LYS A 1 143 ? -16.635 -1.245  10.626  1.00 25.29 ? 134 LYS A CD  1 
ATOM   1091 C CE  . LYS A 1 143 ? -17.117 -1.529  12.051  1.00 26.84 ? 134 LYS A CE  1 
ATOM   1092 N NZ  . LYS A 1 143 ? -16.129 -1.011  13.040  1.00 29.03 ? 134 LYS A NZ  1 
ATOM   1093 N N   . ASN A 1 144 ? -15.460 -4.453  5.975   1.00 13.48 ? 135 ASN A N   1 
ATOM   1094 C CA  . ASN A 1 144 ? -16.018 -5.412  5.069   1.00 13.65 ? 135 ASN A CA  1 
ATOM   1095 C C   . ASN A 1 144 ? -15.019 -6.552  4.699   1.00 14.41 ? 135 ASN A C   1 
ATOM   1096 O O   . ASN A 1 144 ? -15.427 -7.598  4.122   1.00 14.09 ? 135 ASN A O   1 
ATOM   1097 C CB  . ASN A 1 144 ? -16.501 -4.664  3.840   1.00 13.58 ? 135 ASN A CB  1 
ATOM   1098 C CG  . ASN A 1 144 ? -17.097 -5.575  2.796   1.00 14.78 ? 135 ASN A CG  1 
ATOM   1099 O OD1 . ASN A 1 144 ? -18.147 -6.197  3.029   1.00 15.40 ? 135 ASN A OD1 1 
ATOM   1100 N ND2 . ASN A 1 144 ? -16.454 -5.644  1.618   1.00 13.72 ? 135 ASN A ND2 1 
ATOM   1101 N N   . VAL A 1 145 ? -13.731 -6.361  5.030   1.00 13.94 ? 136 VAL A N   1 
ATOM   1102 C CA  . VAL A 1 145 ? -12.738 -7.452  4.976   1.00 14.02 ? 136 VAL A CA  1 
ATOM   1103 C C   . VAL A 1 145 ? -12.186 -7.802  6.369   1.00 15.06 ? 136 VAL A C   1 
ATOM   1104 O O   . VAL A 1 145 ? -11.061 -8.295  6.498   1.00 14.99 ? 136 VAL A O   1 
ATOM   1105 C CB  . VAL A 1 145 ? -11.624 -7.234  3.913   1.00 13.40 ? 136 VAL A CB  1 
ATOM   1106 C CG1 . VAL A 1 145 ? -12.240 -7.120  2.525   1.00 13.13 ? 136 VAL A CG1 1 
ATOM   1107 C CG2 . VAL A 1 145 ? -10.777 -5.992  4.213   1.00 13.04 ? 136 VAL A CG2 1 
ATOM   1108 N N   . CYS A 1 146 ? -12.992 -7.537  7.401   1.00 15.46 ? 137 CYS A N   1 
ATOM   1109 C CA  . CYS A 1 146 ? -12.746 -8.002  8.767   1.00 16.63 ? 137 CYS A CA  1 
ATOM   1110 C C   . CYS A 1 146 ? -11.596 -7.314  9.465   1.00 17.09 ? 137 CYS A C   1 
ATOM   1111 O O   . CYS A 1 146 ? -11.020 -7.835  10.446  1.00 17.46 ? 137 CYS A O   1 
ATOM   1112 C CB  . CYS A 1 146 ? -12.582 -9.524  8.812   1.00 18.26 ? 137 CYS A CB  1 
ATOM   1113 S SG  . CYS A 1 146 ? -14.064 -10.378 8.222   1.00 19.97 ? 137 CYS A SG  1 
ATOM   1114 N N   . LEU A 1 147 ? -11.266 -6.123  8.967   1.00 16.42 ? 138 LEU A N   1 
ATOM   1115 C CA  . LEU A 1 147 ? -10.267 -5.284  9.611   1.00 15.22 ? 138 LEU A CA  1 
ATOM   1116 C C   . LEU A 1 147 ? -10.900 -4.016  10.134  1.00 15.33 ? 138 LEU A C   1 
ATOM   1117 O O   . LEU A 1 147 ? -12.028 -3.673  9.794   1.00 14.68 ? 138 LEU A O   1 
ATOM   1118 C CB  . LEU A 1 147 ? -9.117  -4.939  8.656   1.00 14.29 ? 138 LEU A CB  1 
ATOM   1119 C CG  . LEU A 1 147 ? -8.470  -6.114  7.942   1.00 14.09 ? 138 LEU A CG  1 
ATOM   1120 C CD1 . LEU A 1 147 ? -7.488  -5.601  6.906   1.00 14.35 ? 138 LEU A CD1 1 
ATOM   1121 C CD2 . LEU A 1 147 ? -7.775  -7.040  8.929   1.00 13.55 ? 138 LEU A CD2 1 
ATOM   1122 N N   . ASP A 1 148 ? -10.124 -3.305  10.935  1.00 15.78 ? 139 ASP A N   1 
ATOM   1123 C CA  . ASP A 1 148 ? -10.581 -2.130  11.585  1.00 16.30 ? 139 ASP A CA  1 
ATOM   1124 C C   . ASP A 1 148 ? -9.540  -1.011  11.479  1.00 15.58 ? 139 ASP A C   1 
ATOM   1125 O O   . ASP A 1 148 ? -8.386  -1.142  11.927  1.00 15.50 ? 139 ASP A O   1 
ATOM   1126 C CB  . ASP A 1 148 ? -10.837 -2.458  13.045  1.00 18.50 ? 139 ASP A CB  1 
ATOM   1127 C CG  . ASP A 1 148 ? -11.779 -1.492  13.694  1.00 20.58 ? 139 ASP A CG  1 
ATOM   1128 O OD1 . ASP A 1 148 ? -11.690 -0.249  13.447  1.00 20.80 ? 139 ASP A OD1 1 
ATOM   1129 O OD2 . ASP A 1 148 ? -12.634 -2.000  14.451  1.00 22.58 ? 139 ASP A OD2 1 
ATOM   1130 N N   . TYR A 1 149 ? -9.993  0.103   10.931  1.00 14.53 ? 140 TYR A N   1 
ATOM   1131 C CA  . TYR A 1 149 ? -9.208  1.307   10.826  1.00 14.84 ? 140 TYR A CA  1 
ATOM   1132 C C   . TYR A 1 149 ? -8.571  1.773   12.158  1.00 15.67 ? 140 TYR A C   1 
ATOM   1133 O O   . TYR A 1 149 ? -7.481  2.344   12.129  1.00 16.09 ? 140 TYR A O   1 
ATOM   1134 C CB  . TYR A 1 149 ? -10.052 2.410   10.183  1.00 13.86 ? 140 TYR A CB  1 
ATOM   1135 C CG  . TYR A 1 149 ? -9.283  3.639   9.757   1.00 12.95 ? 140 TYR A CG  1 
ATOM   1136 C CD1 . TYR A 1 149 ? -8.747  3.734   8.485   1.00 12.30 ? 140 TYR A CD1 1 
ATOM   1137 C CD2 . TYR A 1 149 ? -9.119  4.728   10.638  1.00 12.85 ? 140 TYR A CD2 1 
ATOM   1138 C CE1 . TYR A 1 149 ? -8.055  4.859   8.072   1.00 11.93 ? 140 TYR A CE1 1 
ATOM   1139 C CE2 . TYR A 1 149 ? -8.418  5.852   10.242  1.00 12.36 ? 140 TYR A CE2 1 
ATOM   1140 C CZ  . TYR A 1 149 ? -7.895  5.898   8.949   1.00 12.27 ? 140 TYR A CZ  1 
ATOM   1141 O OH  . TYR A 1 149 ? -7.207  7.004   8.554   1.00 12.66 ? 140 TYR A OH  1 
ATOM   1142 N N   . LYS A 1 150 ? -9.193  1.489   13.307  1.00 16.52 ? 141 LYS A N   1 
ATOM   1143 C CA  . LYS A 1 150 ? -8.601  1.843   14.621  1.00 17.71 ? 141 LYS A CA  1 
ATOM   1144 C C   . LYS A 1 150 ? -7.172  1.337   14.831  1.00 16.19 ? 141 LYS A C   1 
ATOM   1145 O O   . LYS A 1 150 ? -6.409  1.953   15.578  1.00 16.11 ? 141 LYS A O   1 
ATOM   1146 C CB  . LYS A 1 150 ? -9.410  1.262   15.777  1.00 20.70 ? 141 LYS A CB  1 
ATOM   1147 C CG  . LYS A 1 150 ? -10.493 2.147   16.341  1.00 25.41 ? 141 LYS A CG  1 
ATOM   1148 C CD  . LYS A 1 150 ? -11.307 1.342   17.352  1.00 30.50 ? 141 LYS A CD  1 
ATOM   1149 C CE  . LYS A 1 150 ? -10.415 0.735   18.430  1.00 32.48 ? 141 LYS A CE  1 
ATOM   1150 N NZ  . LYS A 1 150 ? -11.192 -0.262  19.207  1.00 35.68 ? 141 LYS A NZ  1 
ATOM   1151 N N   . TYR A 1 151 ? -6.854  0.191   14.228  1.00 13.95 ? 142 TYR A N   1 
ATOM   1152 C CA  . TYR A 1 151 ? -5.601  -0.506  14.466  1.00 12.69 ? 142 TYR A CA  1 
ATOM   1153 C C   . TYR A 1 151 ? -4.564  -0.211  13.398  1.00 11.94 ? 142 TYR A C   1 
ATOM   1154 O O   . TYR A 1 151 ? -3.580  -0.961  13.254  1.00 11.36 ? 142 TYR A O   1 
ATOM   1155 C CB  . TYR A 1 151 ? -5.873  -2.009  14.517  1.00 12.98 ? 142 TYR A CB  1 
ATOM   1156 C CG  . TYR A 1 151 ? -6.851  -2.359  15.606  1.00 13.46 ? 142 TYR A CG  1 
ATOM   1157 C CD1 . TYR A 1 151 ? -6.449  -2.371  16.959  1.00 13.10 ? 142 TYR A CD1 1 
ATOM   1158 C CD2 . TYR A 1 151 ? -8.201  -2.624  15.299  1.00 13.53 ? 142 TYR A CD2 1 
ATOM   1159 C CE1 . TYR A 1 151 ? -7.361  -2.664  17.956  1.00 13.38 ? 142 TYR A CE1 1 
ATOM   1160 C CE2 . TYR A 1 151 ? -9.114  -2.921  16.297  1.00 13.42 ? 142 TYR A CE2 1 
ATOM   1161 C CZ  . TYR A 1 151 ? -8.684  -2.937  17.610  1.00 13.52 ? 142 TYR A CZ  1 
ATOM   1162 O OH  . TYR A 1 151 ? -9.590  -3.210  18.592  1.00 14.74 ? 142 TYR A OH  1 
ATOM   1163 N N   . PHE A 1 152 ? -4.813  0.851   12.614  1.00 10.81 ? 143 PHE A N   1 
ATOM   1164 C CA  . PHE A 1 152 ? -3.873  1.309   11.609  1.00 10.12 ? 143 PHE A CA  1 
ATOM   1165 C C   . PHE A 1 152 ? -3.124  2.517   12.134  1.00 10.28 ? 143 PHE A C   1 
ATOM   1166 O O   . PHE A 1 152 ? -3.637  3.279   12.962  1.00 9.94  ? 143 PHE A O   1 
ATOM   1167 C CB  . PHE A 1 152 ? -4.574  1.642   10.292  1.00 9.75  ? 143 PHE A CB  1 
ATOM   1168 C CG  . PHE A 1 152 ? -4.923  0.439   9.456   1.00 9.32  ? 143 PHE A CG  1 
ATOM   1169 C CD1 . PHE A 1 152 ? -5.879  -0.498  9.898   1.00 8.97  ? 143 PHE A CD1 1 
ATOM   1170 C CD2 . PHE A 1 152 ? -4.335  0.258   8.213   1.00 9.14  ? 143 PHE A CD2 1 
ATOM   1171 C CE1 . PHE A 1 152 ? -6.201  -1.604  9.140   1.00 8.78  ? 143 PHE A CE1 1 
ATOM   1172 C CE2 . PHE A 1 152 ? -4.651  -0.874  7.438   1.00 9.21  ? 143 PHE A CE2 1 
ATOM   1173 C CZ  . PHE A 1 152 ? -5.598  -1.797  7.899   1.00 8.97  ? 143 PHE A CZ  1 
ATOM   1174 N N   . GLY A 1 153 ? -1.891  2.678   11.669  1.00 10.91 ? 144 GLY A N   1 
ATOM   1175 C CA  . GLY A 1 153 ? -1.121  3.892   11.984  1.00 11.52 ? 144 GLY A CA  1 
ATOM   1176 C C   . GLY A 1 153 ? -0.909  4.724   10.748  1.00 11.96 ? 144 GLY A C   1 
ATOM   1177 O O   . GLY A 1 153 ? -0.764  4.181   9.651   1.00 11.99 ? 144 GLY A O   1 
ATOM   1178 N N   . ASN A 1 154 ? -0.884  6.037   10.937  1.00 13.34 ? 145 ASN A N   1 
ATOM   1179 C CA  . ASN A 1 154 ? -0.696  7.022   9.865   1.00 14.35 ? 145 ASN A CA  1 
ATOM   1180 C C   . ASN A 1 154 ? 0.732   7.447   9.746   1.00 12.98 ? 145 ASN A C   1 
ATOM   1181 O O   . ASN A 1 154 ? 1.423   7.504   10.755  1.00 13.14 ? 145 ASN A O   1 
ATOM   1182 C CB  . ASN A 1 154 ? -1.466  8.314   10.200  1.00 17.18 ? 145 ASN A CB  1 
ATOM   1183 C CG  . ASN A 1 154 ? -2.948  8.217   9.894   1.00 20.57 ? 145 ASN A CG  1 
ATOM   1184 O OD1 . ASN A 1 154 ? -3.380  7.505   8.945   1.00 20.74 ? 145 ASN A OD1 1 
ATOM   1185 N ND2 . ASN A 1 154 ? -3.754  8.943   10.693  1.00 22.54 ? 145 ASN A ND2 1 
ATOM   1186 N N   . ASP A 1 155 ? 1.166   7.831   8.549   1.00 11.64 ? 146 ASP A N   1 
ATOM   1187 C CA  . ASP A 1 155 ? 2.444   8.567   8.445   1.00 10.91 ? 146 ASP A CA  1 
ATOM   1188 C C   . ASP A 1 155 ? 2.356   10.018  8.940   1.00 10.50 ? 146 ASP A C   1 
ATOM   1189 O O   . ASP A 1 155 ? 2.044   10.925  8.190   1.00 10.18 ? 146 ASP A O   1 
ATOM   1190 C CB  . ASP A 1 155 ? 3.010   8.517   7.026   1.00 10.61 ? 146 ASP A CB  1 
ATOM   1191 C CG  . ASP A 1 155 ? 4.401   9.109   6.934   1.00 10.54 ? 146 ASP A CG  1 
ATOM   1192 O OD1 . ASP A 1 155 ? 4.948   9.534   7.972   1.00 9.83  ? 146 ASP A OD1 1 
ATOM   1193 O OD2 . ASP A 1 155 ? 4.949   9.145   5.805   1.00 11.08 ? 146 ASP A OD2 1 
ATOM   1194 N N   . THR A 1 156 ? 2.648   10.229  10.210  1.00 10.53 ? 147 THR A N   1 
ATOM   1195 C CA  . THR A 1 156 ? 2.561   11.577  10.806  1.00 10.78 ? 147 THR A CA  1 
ATOM   1196 C C   . THR A 1 156 ? 3.724   12.542  10.485  1.00 11.14 ? 147 THR A C   1 
ATOM   1197 O O   . THR A 1 156 ? 3.672   13.704  10.815  1.00 10.73 ? 147 THR A O   1 
ATOM   1198 C CB  . THR A 1 156 ? 2.402   11.525  12.354  1.00 10.53 ? 147 THR A CB  1 
ATOM   1199 O OG1 . THR A 1 156 ? 3.624   11.091  12.959  1.00 10.35 ? 147 THR A OG1 1 
ATOM   1200 C CG2 . THR A 1 156 ? 1.258   10.638  12.776  1.00 9.70  ? 147 THR A CG2 1 
ATOM   1201 N N   . SER A 1 157 ? 4.789   12.060  9.864   1.00 12.02 ? 148 SER A N   1 
ATOM   1202 C CA  . SER A 1 157 ? 5.807   12.976  9.393   1.00 12.72 ? 148 SER A CA  1 
ATOM   1203 C C   . SER A 1 157 ? 5.347   13.791  8.173   1.00 13.62 ? 148 SER A C   1 
ATOM   1204 O O   . SER A 1 157 ? 5.992   14.787  7.870   1.00 15.35 ? 148 SER A O   1 
ATOM   1205 C CB  . SER A 1 157 ? 7.102   12.232  9.065   1.00 12.92 ? 148 SER A CB  1 
ATOM   1206 O OG  . SER A 1 157 ? 7.034   11.623  7.780   1.00 12.80 ? 148 SER A OG  1 
ATOM   1207 N N   . VAL A 1 158 ? 4.274   13.388  7.470   1.00 13.36 ? 149 VAL A N   1 
ATOM   1208 C CA  . VAL A 1 158 ? 3.728   14.189  6.397   1.00 13.58 ? 149 VAL A CA  1 
ATOM   1209 C C   . VAL A 1 158 ? 2.726   15.165  7.025   1.00 14.76 ? 149 VAL A C   1 
ATOM   1210 O O   . VAL A 1 158 ? 1.768   14.712  7.641   1.00 15.89 ? 149 VAL A O   1 
ATOM   1211 C CB  . VAL A 1 158 ? 2.950   13.356  5.343   1.00 13.64 ? 149 VAL A CB  1 
ATOM   1212 C CG1 . VAL A 1 158 ? 2.827   14.139  4.041   1.00 13.23 ? 149 VAL A CG1 1 
ATOM   1213 C CG2 . VAL A 1 158 ? 3.613   12.027  5.066   1.00 13.53 ? 149 VAL A CG2 1 
ATOM   1214 N N   . PRO A 1 159 ? 2.900   16.496  6.830   1.00 14.75 ? 150 PRO A N   1 
ATOM   1215 C CA  . PRO A 1 159 ? 1.994   17.410  7.494   1.00 15.73 ? 150 PRO A CA  1 
ATOM   1216 C C   . PRO A 1 159 ? 0.636   17.481  6.772   1.00 17.51 ? 150 PRO A C   1 
ATOM   1217 O O   . PRO A 1 159 ? 0.554   17.970  5.612   1.00 18.17 ? 150 PRO A O   1 
ATOM   1218 C CB  . PRO A 1 159 ? 2.722   18.751  7.383   1.00 14.88 ? 150 PRO A CB  1 
ATOM   1219 C CG  . PRO A 1 159 ? 3.372   18.652  6.035   1.00 15.18 ? 150 PRO A CG  1 
ATOM   1220 C CD  . PRO A 1 159 ? 3.775   17.202  5.875   1.00 14.87 ? 150 PRO A CD  1 
ATOM   1221 N N   . CYS A 1 160 ? -0.415  16.994  7.434   1.00 18.39 ? 151 CYS A N   1 
ATOM   1222 C CA  . CYS A 1 160 ? -1.778  17.124  6.887   1.00 20.14 ? 151 CYS A CA  1 
ATOM   1223 C C   . CYS A 1 160 ? -2.647  18.116  7.629   1.00 21.79 ? 151 CYS A C   1 
ATOM   1224 O O   . CYS A 1 160 ? -3.816  18.269  7.318   1.00 22.71 ? 151 CYS A O   1 
ATOM   1225 C CB  . CYS A 1 160 ? -2.471  15.769  6.816   1.00 18.51 ? 151 CYS A CB  1 
ATOM   1226 S SG  . CYS A 1 160 ? -1.607  14.697  5.667   1.00 19.45 ? 151 CYS A SG  1 
ATOM   1227 N N   . HIS A 1 161 ? -2.070  18.771  8.626   1.00 25.81 ? 152 HIS A N   1 
ATOM   1228 C CA  . HIS A 1 161 ? -2.808  19.712  9.468   1.00 30.58 ? 152 HIS A CA  1 
ATOM   1229 C C   . HIS A 1 161 ? -1.888  20.878  9.793   1.00 30.43 ? 152 HIS A C   1 
ATOM   1230 O O   . HIS A 1 161 ? -0.663  20.721  9.871   1.00 30.25 ? 152 HIS A O   1 
ATOM   1231 C CB  . HIS A 1 161 ? -3.389  19.005  10.713  1.00 32.47 ? 152 HIS A CB  1 
ATOM   1232 C CG  . HIS A 1 161 ? -4.081  17.716  10.365  1.00 39.17 ? 152 HIS A CG  1 
ATOM   1233 N ND1 . HIS A 1 161 ? -3.514  16.475  10.594  1.00 40.02 ? 152 HIS A ND1 1 
ATOM   1234 C CD2 . HIS A 1 161 ? -5.239  17.478  9.694   1.00 39.28 ? 152 HIS A CD2 1 
ATOM   1235 C CE1 . HIS A 1 161 ? -4.323  15.533  10.134  1.00 40.07 ? 152 HIS A CE1 1 
ATOM   1236 N NE2 . HIS A 1 161 ? -5.372  16.114  9.578   1.00 37.74 ? 152 HIS A NE2 1 
ATOM   1237 N N   . TYR A 1 162 ? -2.490  22.054  9.924   1.00 30.57 ? 153 TYR A N   1 
ATOM   1238 C CA  . TYR A 1 162 ? -1.774  23.267  10.284  1.00 30.22 ? 153 TYR A CA  1 
ATOM   1239 C C   . TYR A 1 162 ? -1.373  23.331  11.764  1.00 36.08 ? 153 TYR A C   1 
ATOM   1240 O O   . TYR A 1 162 ? -1.478  22.341  12.515  1.00 38.20 ? 153 TYR A O   1 
ATOM   1241 C CB  . TYR A 1 162 ? -2.633  24.457  9.901   1.00 27.09 ? 153 TYR A CB  1 
ATOM   1242 C CG  . TYR A 1 162 ? -2.417  24.871  8.463   1.00 24.25 ? 153 TYR A CG  1 
ATOM   1243 C CD1 . TYR A 1 162 ? -1.130  25.155  7.991   1.00 21.88 ? 153 TYR A CD1 1 
ATOM   1244 C CD2 . TYR A 1 162 ? -3.488  24.995  7.581   1.00 22.48 ? 153 TYR A CD2 1 
ATOM   1245 C CE1 . TYR A 1 162 ? -0.913  25.542  6.692   1.00 20.59 ? 153 TYR A CE1 1 
ATOM   1246 C CE2 . TYR A 1 162 ? -3.274  25.392  6.268   1.00 21.49 ? 153 TYR A CE2 1 
ATOM   1247 C CZ  . TYR A 1 162 ? -1.984  25.664  5.833   1.00 20.61 ? 153 TYR A CZ  1 
ATOM   1248 O OH  . TYR A 1 162 ? -1.770  26.069  4.542   1.00 18.87 ? 153 TYR A OH  1 
HETATM 1249 C C1  . NAG B 2 .   ? 8.905   13.533  0.401   1.00 11.53 ? 1   NAG B C1  1 
HETATM 1250 C C2  . NAG B 2 .   ? 10.217  14.336  0.491   1.00 11.65 ? 1   NAG B C2  1 
HETATM 1251 C C3  . NAG B 2 .   ? 10.382  15.321  -0.658  1.00 12.64 ? 1   NAG B C3  1 
HETATM 1252 C C4  . NAG B 2 .   ? 10.231  14.629  -2.018  1.00 13.56 ? 1   NAG B C4  1 
HETATM 1253 C C5  . NAG B 2 .   ? 8.894   13.857  -1.971  1.00 13.23 ? 1   NAG B C5  1 
HETATM 1254 C C6  . NAG B 2 .   ? 8.618   13.097  -3.244  1.00 13.98 ? 1   NAG B C6  1 
HETATM 1255 C C7  . NAG B 2 .   ? 11.001  14.459  2.799   1.00 11.09 ? 1   NAG B C7  1 
HETATM 1256 C C8  . NAG B 2 .   ? 11.134  15.261  4.055   1.00 10.89 ? 1   NAG B C8  1 
HETATM 1257 N N2  . NAG B 2 .   ? 10.374  15.009  1.750   1.00 11.15 ? 1   NAG B N2  1 
HETATM 1258 O O3  . NAG B 2 .   ? 11.655  15.913  -0.650  1.00 13.62 ? 1   NAG B O3  1 
HETATM 1259 O O4  . NAG B 2 .   ? 10.216  15.609  -3.045  1.00 14.26 ? 1   NAG B O4  1 
HETATM 1260 O O5  . NAG B 2 .   ? 8.755   12.940  -0.875  1.00 11.74 ? 1   NAG B O5  1 
HETATM 1261 O O6  . NAG B 2 .   ? 7.188   13.116  -3.204  1.00 17.21 ? 1   NAG B O6  1 
HETATM 1262 O O7  . NAG B 2 .   ? 11.462  13.319  2.779   1.00 11.51 ? 1   NAG B O7  1 
HETATM 1263 C C1  . NAG B 2 .   ? 11.124  15.407  -4.114  1.00 15.84 ? 2   NAG B C1  1 
HETATM 1264 C C2  . NAG B 2 .   ? 10.623  16.235  -5.310  1.00 16.60 ? 2   NAG B C2  1 
HETATM 1265 C C3  . NAG B 2 .   ? 11.644  16.219  -6.446  1.00 17.42 ? 2   NAG B C3  1 
HETATM 1266 C C4  . NAG B 2 .   ? 13.043  16.622  -5.937  1.00 18.07 ? 2   NAG B C4  1 
HETATM 1267 C C5  . NAG B 2 .   ? 13.414  15.746  -4.741  1.00 18.28 ? 2   NAG B C5  1 
HETATM 1268 C C6  . NAG B 2 .   ? 14.681  16.234  -4.055  1.00 19.28 ? 2   NAG B C6  1 
HETATM 1269 C C7  . NAG B 2 .   ? 8.162   16.478  -5.569  1.00 17.46 ? 2   NAG B C7  1 
HETATM 1270 C C8  . NAG B 2 .   ? 6.907   15.758  -6.038  1.00 16.03 ? 2   NAG B C8  1 
HETATM 1271 N N2  . NAG B 2 .   ? 9.308   15.788  -5.724  1.00 16.18 ? 2   NAG B N2  1 
HETATM 1272 O O3  . NAG B 2 .   ? 11.176  17.130  -7.403  1.00 17.08 ? 2   NAG B O3  1 
HETATM 1273 O O4  . NAG B 2 .   ? 14.052  16.597  -6.951  1.00 20.23 ? 2   NAG B O4  1 
HETATM 1274 O O5  . NAG B 2 .   ? 12.411  15.808  -3.712  1.00 17.35 ? 2   NAG B O5  1 
HETATM 1275 O O6  . NAG B 2 .   ? 14.307  17.354  -3.261  1.00 22.57 ? 2   NAG B O6  1 
HETATM 1276 O O7  . NAG B 2 .   ? 8.079   17.629  -5.073  1.00 16.77 ? 2   NAG B O7  1 
HETATM 1277 C C1  . NAG C 2 .   ? 17.792  0.654   -7.347  1.00 19.59 ? 1   NAG C C1  1 
HETATM 1278 C C2  . NAG C 2 .   ? 19.247  0.798   -7.819  1.00 19.89 ? 1   NAG C C2  1 
HETATM 1279 C C3  . NAG C 2 .   ? 19.748  2.211   -7.676  1.00 19.94 ? 1   NAG C C3  1 
HETATM 1280 C C4  . NAG C 2 .   ? 18.877  3.174   -8.475  1.00 21.92 ? 1   NAG C C4  1 
HETATM 1281 C C5  . NAG C 2 .   ? 17.378  2.987   -8.212  1.00 21.00 ? 1   NAG C C5  1 
HETATM 1282 C C6  . NAG C 2 .   ? 16.677  3.258   -9.538  1.00 21.58 ? 1   NAG C C6  1 
HETATM 1283 C C7  . NAG C 2 .   ? 20.583  -1.241  -7.344  1.00 19.98 ? 1   NAG C C7  1 
HETATM 1284 C C8  . NAG C 2 .   ? 21.523  -1.856  -6.334  1.00 19.69 ? 1   NAG C C8  1 
HETATM 1285 N N2  . NAG C 2 .   ? 20.139  -0.016  -7.031  1.00 19.31 ? 1   NAG C N2  1 
HETATM 1286 O O3  . NAG C 2 .   ? 21.019  2.194   -8.253  1.00 17.96 ? 1   NAG C O3  1 
HETATM 1287 O O4  . NAG C 2 .   ? 19.226  4.528   -8.214  1.00 25.07 ? 1   NAG C O4  1 
HETATM 1288 O O5  . NAG C 2 .   ? 16.950  1.680   -7.825  1.00 19.80 ? 1   NAG C O5  1 
HETATM 1289 O O6  . NAG C 2 .   ? 16.083  4.522   -9.574  1.00 22.30 ? 1   NAG C O6  1 
HETATM 1290 O O7  . NAG C 2 .   ? 20.297  -1.859  -8.370  1.00 19.83 ? 1   NAG C O7  1 
HETATM 1291 C C1  . NAG C 2 .   ? 19.944  5.172   -9.281  1.00 26.64 ? 2   NAG C C1  1 
HETATM 1292 C C2  . NAG C 2 .   ? 19.599  6.665   -9.337  1.00 28.67 ? 2   NAG C C2  1 
HETATM 1293 C C3  . NAG C 2 .   ? 20.526  7.463   -10.255 1.00 29.51 ? 2   NAG C C3  1 
HETATM 1294 C C4  . NAG C 2 .   ? 21.989  7.049   -10.098 1.00 30.41 ? 2   NAG C C4  1 
HETATM 1295 C C5  . NAG C 2 .   ? 22.074  5.526   -10.199 1.00 29.31 ? 2   NAG C C5  1 
HETATM 1296 C C6  . NAG C 2 .   ? 23.516  5.022   -10.222 1.00 28.17 ? 2   NAG C C6  1 
HETATM 1297 C C7  . NAG C 2 .   ? 17.255  7.334   -9.102  1.00 31.51 ? 2   NAG C C7  1 
HETATM 1298 C C8  . NAG C 2 .   ? 15.900  7.433   -9.772  1.00 30.24 ? 2   NAG C C8  1 
HETATM 1299 N N2  . NAG C 2 .   ? 18.249  6.824   -9.849  1.00 30.53 ? 2   NAG C N2  1 
HETATM 1300 O O3  . NAG C 2 .   ? 20.397  8.829   -9.964  1.00 29.49 ? 2   NAG C O3  1 
HETATM 1301 O O4  . NAG C 2 .   ? 22.744  7.629   -11.134 1.00 33.30 ? 2   NAG C O4  1 
HETATM 1302 O O5  . NAG C 2 .   ? 21.333  4.985   -9.113  1.00 27.47 ? 2   NAG C O5  1 
HETATM 1303 O O6  . NAG C 2 .   ? 23.501  3.625   -10.176 1.00 26.46 ? 2   NAG C O6  1 
HETATM 1304 O O7  . NAG C 2 .   ? 17.414  7.694   -7.922  1.00 30.36 ? 2   NAG C O7  1 
HETATM 1305 C C1  . NAG D 3 .   ? -5.182  8.956   10.513  1.00 26.69 ? 205 NAG A C1  1 
HETATM 1306 C C2  . NAG D 3 .   ? -5.815  8.776   11.894  1.00 29.82 ? 205 NAG A C2  1 
HETATM 1307 C C3  . NAG D 3 .   ? -7.315  9.074   11.821  1.00 29.53 ? 205 NAG A C3  1 
HETATM 1308 C C4  . NAG D 3 .   ? -7.614  10.428  11.188  1.00 28.73 ? 205 NAG A C4  1 
HETATM 1309 C C5  . NAG D 3 .   ? -6.925  10.502  9.830   1.00 28.50 ? 205 NAG A C5  1 
HETATM 1310 C C6  . NAG D 3 .   ? -7.098  11.874  9.154   1.00 27.48 ? 205 NAG A C6  1 
HETATM 1311 C C7  . NAG D 3 .   ? -4.912  7.390   13.710  1.00 31.57 ? 205 NAG A C7  1 
HETATM 1312 C C8  . NAG D 3 .   ? -4.730  6.028   14.337  1.00 32.05 ? 205 NAG A C8  1 
HETATM 1313 N N2  . NAG D 3 .   ? -5.592  7.478   12.552  1.00 30.14 ? 205 NAG A N2  1 
HETATM 1314 O O3  . NAG D 3 .   ? -7.777  9.076   13.149  1.00 32.39 ? 205 NAG A O3  1 
HETATM 1315 O O4  . NAG D 3 .   ? -9.012  10.719  11.142  1.00 29.54 ? 205 NAG A O4  1 
HETATM 1316 O O5  . NAG D 3 .   ? -5.537  10.231  10.013  1.00 28.08 ? 205 NAG A O5  1 
HETATM 1317 O O6  . NAG D 3 .   ? -6.300  12.852  9.782   1.00 27.61 ? 205 NAG A O6  1 
HETATM 1318 O O7  . NAG D 3 .   ? -4.410  8.372   14.270  1.00 31.06 ? 205 NAG A O7  1 
HETATM 1319 C C1  . GOL E 4 .   ? -3.324  10.258  5.761   1.00 33.60 ? 206 GOL A C1  1 
HETATM 1320 O O1  . GOL E 4 .   ? -4.560  9.967   6.444   1.00 34.62 ? 206 GOL A O1  1 
HETATM 1321 C C2  . GOL E 4 .   ? -2.430  11.071  6.679   1.00 33.30 ? 206 GOL A C2  1 
HETATM 1322 O O2  . GOL E 4 .   ? -3.024  11.111  7.983   1.00 33.39 ? 206 GOL A O2  1 
HETATM 1323 C C3  . GOL E 4 .   ? -1.041  10.428  6.774   1.00 35.94 ? 206 GOL A C3  1 
HETATM 1324 O O3  . GOL E 4 .   ? -0.070  11.344  6.245   1.00 35.80 ? 206 GOL A O3  1 
HETATM 1325 O O   . HOH F 5 .   ? 18.077  3.143   -2.836  1.00 19.16 ? 301 HOH A O   1 
HETATM 1326 O O   . HOH F 5 .   ? -3.266  -6.348  -13.828 1.00 16.20 ? 302 HOH A O   1 
HETATM 1327 O O   . HOH F 5 .   ? -5.836  -9.291  -12.041 1.00 14.70 ? 303 HOH A O   1 
HETATM 1328 O O   . HOH F 5 .   ? -4.608  -5.889  -19.789 1.00 9.39  ? 304 HOH A O   1 
HETATM 1329 O O   . HOH F 5 .   ? -8.224  13.145  -0.890  1.00 24.98 ? 305 HOH A O   1 
HETATM 1330 O O   . HOH F 5 .   ? -1.181  -12.080 1.630   1.00 17.29 ? 306 HOH A O   1 
HETATM 1331 O O   . HOH F 5 .   ? -0.865  9.550   -11.316 1.00 15.98 ? 307 HOH A O   1 
HETATM 1332 O O   . HOH F 5 .   ? -2.203  14.902  -3.200  1.00 25.02 ? 308 HOH A O   1 
HETATM 1333 O O   . HOH F 5 .   ? -12.996 -2.775  -3.801  1.00 22.85 ? 309 HOH A O   1 
HETATM 1334 O O   . HOH F 5 .   ? -12.941 -4.645  -0.987  1.00 16.28 ? 310 HOH A O   1 
HETATM 1335 O O   . HOH F 5 .   ? -0.187  -13.897 10.404  1.00 15.30 ? 311 HOH A O   1 
HETATM 1336 O O   . HOH F 5 .   ? 14.583  2.149   9.626   1.00 17.81 ? 312 HOH A O   1 
HETATM 1337 O O   . HOH F 5 .   ? -7.764  2.731   -9.423  1.00 20.67 ? 313 HOH A O   1 
HETATM 1338 O O   . HOH F 5 .   ? -12.816 -4.663  15.302  1.00 29.57 ? 314 HOH A O   1 
HETATM 1339 O O   . HOH F 5 .   ? -14.760 -9.512  2.666   1.00 18.80 ? 315 HOH A O   1 
HETATM 1340 O O   . HOH F 5 .   ? -2.827  -3.249  -19.531 1.00 16.67 ? 316 HOH A O   1 
HETATM 1341 O O   . HOH F 5 .   ? 19.381  8.597   0.192   1.00 13.53 ? 317 HOH A O   1 
HETATM 1342 O O   . HOH F 5 .   ? 10.478  7.607   10.783  1.00 14.58 ? 318 HOH A O   1 
HETATM 1343 O O   . HOH F 5 .   ? -4.460  -9.093  -13.999 1.00 15.37 ? 319 HOH A O   1 
HETATM 1344 O O   . HOH F 5 .   ? 1.731   -12.812 -8.911  1.00 18.19 ? 320 HOH A O   1 
HETATM 1345 O O   . HOH F 5 .   ? 1.246   3.482   -17.212 1.00 18.44 ? 321 HOH A O   1 
HETATM 1346 O O   . HOH F 5 .   ? -2.914  -11.144 -14.268 1.00 18.77 ? 322 HOH A O   1 
HETATM 1347 O O   . HOH F 5 .   ? 7.709   -8.875  -9.205  1.00 32.10 ? 323 HOH A O   1 
HETATM 1348 O O   . HOH F 5 .   ? 1.612   -2.010  -21.221 1.00 4.69  ? 324 HOH A O   1 
HETATM 1349 O O   . HOH F 5 .   ? -1.757  -9.553  10.317  1.00 10.13 ? 325 HOH A O   1 
HETATM 1350 O O   . HOH F 5 .   ? -1.807  7.113   13.368  1.00 13.70 ? 326 HOH A O   1 
HETATM 1351 O O   . HOH F 5 .   ? -17.417 8.772   1.952   1.00 12.47 ? 327 HOH A O   1 
HETATM 1352 O O   . HOH F 5 .   ? -13.797 -9.783  12.156  1.00 31.13 ? 328 HOH A O   1 
HETATM 1353 O O   . HOH F 5 .   ? -1.249  -3.113  -15.720 1.00 2.79  ? 329 HOH A O   1 
HETATM 1354 O O   . HOH F 5 .   ? -3.833  15.983  -0.215  1.00 11.59 ? 330 HOH A O   1 
HETATM 1355 O O   . HOH F 5 .   ? -1.649  -6.572  9.853   1.00 9.32  ? 331 HOH A O   1 
HETATM 1356 O O   . HOH F 5 .   ? -9.318  -9.968  -10.422 1.00 22.03 ? 332 HOH A O   1 
HETATM 1357 O O   . HOH F 5 .   ? -13.998 -4.098  1.215   1.00 9.07  ? 333 HOH A O   1 
HETATM 1358 O O   . HOH F 5 .   ? 6.723   8.678   10.176  1.00 18.65 ? 334 HOH A O   1 
HETATM 1359 O O   . HOH F 5 .   ? 6.405   2.381   13.125  1.00 29.18 ? 335 HOH A O   1 
HETATM 1360 O O   . HOH F 5 .   ? 3.289   6.536   13.276  1.00 18.24 ? 336 HOH A O   1 
HETATM 1361 O O   . HOH F 5 .   ? 8.401   0.695   13.420  1.00 26.28 ? 337 HOH A O   1 
HETATM 1362 O O   . HOH F 5 .   ? -12.450 0.421   9.833   1.00 9.60  ? 338 HOH A O   1 
HETATM 1363 O O   . HOH F 5 .   ? 13.176  -10.826 -2.002  1.00 35.45 ? 339 HOH A O   1 
HETATM 1364 O O   . HOH F 5 .   ? -6.494  15.588  -0.801  1.00 35.62 ? 340 HOH A O   1 
HETATM 1365 O O   . HOH F 5 .   ? -14.985 -2.096  -0.258  1.00 15.36 ? 341 HOH A O   1 
HETATM 1366 O O   . HOH F 5 .   ? -8.684  -12.081 -12.566 1.00 26.75 ? 342 HOH A O   1 
HETATM 1367 O O   . HOH F 5 .   ? 17.123  3.369   8.185   1.00 40.01 ? 343 HOH A O   1 
HETATM 1368 O O   . HOH F 5 .   ? 20.800  1.163   -4.649  1.00 24.86 ? 344 HOH A O   1 
HETATM 1369 O O   . HOH F 5 .   ? -6.701  9.680   -2.092  1.00 10.08 ? 345 HOH A O   1 
HETATM 1370 O O   . HOH F 5 .   ? 3.033   2.385   -19.027 1.00 32.87 ? 346 HOH A O   1 
HETATM 1371 O O   . HOH F 5 .   ? 20.274  3.958   -4.619  1.00 25.91 ? 347 HOH A O   1 
HETATM 1372 O O   . HOH F 5 .   ? -13.562 -0.590  -2.110  1.00 32.02 ? 348 HOH A O   1 
HETATM 1373 O O   . HOH F 5 .   ? -13.362 2.094   11.247  1.00 22.48 ? 349 HOH A O   1 
HETATM 1374 O O   . HOH F 5 .   ? -5.664  7.380   6.698   1.00 8.85  ? 350 HOH A O   1 
HETATM 1375 O O   . HOH F 5 .   ? 4.922   8.199   12.164  1.00 18.39 ? 351 HOH A O   1 
HETATM 1376 O O   . HOH F 5 .   ? 6.828   -5.878  -13.450 1.00 29.23 ? 352 HOH A O   1 
HETATM 1377 O O   . HOH F 5 .   ? -8.792  -14.678 -11.885 1.00 31.32 ? 353 HOH A O   1 
HETATM 1378 O O   . HOH F 5 .   ? -11.321 9.529   10.123  1.00 32.90 ? 354 HOH A O   1 
HETATM 1379 O O   . HOH F 5 .   ? 4.969   10.874  -0.038  1.00 9.12  ? 355 HOH A O   1 
HETATM 1380 O O   . HOH F 5 .   ? -1.801  10.530  -6.907  1.00 10.85 ? 356 HOH A O   1 
HETATM 1381 O O   . HOH F 5 .   ? 0.976   -1.004  15.077  1.00 19.77 ? 357 HOH A O   1 
HETATM 1382 O O   . HOH F 5 .   ? 16.708  -6.493  2.811   1.00 27.38 ? 358 HOH A O   1 
HETATM 1383 O O   . HOH F 5 .   ? 13.820  -8.755  9.464   1.00 27.46 ? 359 HOH A O   1 
HETATM 1384 O O   . HOH F 5 .   ? -4.066  -4.196  -12.082 1.00 12.86 ? 360 HOH A O   1 
HETATM 1385 O O   . HOH F 5 .   ? -4.411  -6.181  9.173   1.00 5.09  ? 361 HOH A O   1 
HETATM 1386 O O   . HOH F 5 .   ? 0.568   26.202  3.826   1.00 12.47 ? 362 HOH A O   1 
HETATM 1387 O O   . HOH F 5 .   ? -7.794  -0.031  -14.902 1.00 18.73 ? 363 HOH A O   1 
HETATM 1388 O O   . HOH F 5 .   ? -3.133  -7.472  14.295  1.00 39.47 ? 364 HOH A O   1 
HETATM 1389 O O   . HOH F 5 .   ? -16.570 -10.962 -4.182  1.00 31.83 ? 365 HOH A O   1 
HETATM 1390 O O   . HOH F 5 .   ? -2.299  -13.937 3.220   1.00 42.03 ? 366 HOH A O   1 
HETATM 1391 O O   . HOH F 5 .   ? 2.023   -8.246  11.750  1.00 5.90  ? 367 HOH A O   1 
HETATM 1392 O O   . HOH F 5 .   ? -16.363 1.744   0.783   1.00 13.10 ? 368 HOH A O   1 
HETATM 1393 O O   . HOH F 5 .   ? -19.519 7.590   3.829   1.00 15.59 ? 369 HOH A O   1 
HETATM 1394 O O   . HOH F 5 .   ? -3.467  -15.147 4.713   1.00 22.20 ? 370 HOH A O   1 
HETATM 1395 O O   . HOH F 5 .   ? 0.638   3.454   15.365  1.00 20.88 ? 371 HOH A O   1 
HETATM 1396 O O   . HOH F 5 .   ? -3.962  22.725  12.310  1.00 20.24 ? 372 HOH A O   1 
HETATM 1397 O O   . HOH F 5 .   ? 2.480   5.664   -15.666 1.00 16.56 ? 373 HOH A O   1 
HETATM 1398 O O   . HOH F 5 .   ? -0.392  -9.395  12.772  1.00 18.98 ? 374 HOH A O   1 
HETATM 1399 O O   . HOH F 5 .   ? -4.017  13.822  -5.565  1.00 22.06 ? 375 HOH A O   1 
HETATM 1400 O O   . HOH F 5 .   ? 9.174   13.783  -7.002  1.00 19.55 ? 376 HOH A O   1 
HETATM 1401 O O   . HOH F 5 .   ? -10.158 1.307   -10.947 1.00 23.62 ? 377 HOH A O   1 
HETATM 1402 O O   . HOH F 5 .   ? 4.028   7.939   3.760   1.00 3.60  ? 378 HOH A O   1 
HETATM 1403 O O   . HOH F 5 .   ? 11.268  -4.803  -0.197  1.00 8.70  ? 379 HOH A O   1 
HETATM 1404 O O   . HOH F 5 .   ? 12.821  -6.122  9.099   1.00 29.45 ? 380 HOH A O   1 
HETATM 1405 O O   . HOH F 5 .   ? -18.661 12.505  10.343  1.00 34.88 ? 381 HOH A O   1 
HETATM 1406 O O   . HOH F 5 .   ? -0.932  -16.417 3.595   1.00 20.12 ? 382 HOH A O   1 
HETATM 1407 O O   . HOH F 5 .   ? -10.661 -11.871 -9.586  1.00 38.90 ? 383 HOH A O   1 
HETATM 1408 O O   . HOH F 5 .   ? 18.262  6.285   -3.360  1.00 11.30 ? 384 HOH A O   1 
HETATM 1409 O O   . HOH F 5 .   ? -17.017 -0.918  1.639   1.00 29.30 ? 385 HOH A O   1 
HETATM 1410 O O   . HOH F 5 .   ? -10.854 -7.330  -14.193 1.00 21.15 ? 386 HOH A O   1 
HETATM 1411 O O   . HOH F 5 .   ? 10.783  -5.517  -14.821 1.00 26.05 ? 387 HOH A O   1 
HETATM 1412 O O   . HOH F 5 .   ? 8.636   10.110  -1.416  1.00 9.42  ? 388 HOH A O   1 
# 
